data_2ECY
#
_entry.id   2ECY
#
loop_
_entity.id
_entity.type
_entity.pdbx_description
1 polymer 'TNF receptor-associated factor 3'
2 non-polymer 'ZINC ION'
#
_entity_poly.entity_id   1
_entity_poly.type   'polypeptide(L)'
_entity_poly.pdbx_seq_one_letter_code
;GSSGSSGFVKTVEDKYKCEKCHLVLCSPKQTECGHRFCESCMAALLSSSSPKCTACQESIVKDKVF
;
_entity_poly.pdbx_strand_id   A
#
loop_
_chem_comp.id
_chem_comp.type
_chem_comp.name
_chem_comp.formula
ZN non-polymer 'ZINC ION' 'Zn 2'
#
# COMPACT_ATOMS: atom_id res chain seq x y z
N GLY A 1 24.98 -30.84 -13.63
CA GLY A 1 24.62 -30.67 -12.24
C GLY A 1 24.46 -29.20 -11.86
N SER A 2 23.86 -28.43 -12.76
CA SER A 2 23.64 -27.00 -12.52
C SER A 2 22.28 -26.57 -13.03
N SER A 3 21.43 -26.10 -12.13
CA SER A 3 20.09 -25.65 -12.49
C SER A 3 19.38 -25.05 -11.28
N GLY A 4 18.48 -24.10 -11.56
CA GLY A 4 17.74 -23.46 -10.48
C GLY A 4 17.07 -24.46 -9.56
N SER A 5 16.64 -23.99 -8.39
CA SER A 5 15.98 -24.85 -7.42
C SER A 5 14.90 -24.09 -6.66
N SER A 6 15.16 -22.82 -6.36
CA SER A 6 14.21 -21.99 -5.64
C SER A 6 13.27 -21.29 -6.61
N GLY A 7 12.05 -21.80 -6.73
CA GLY A 7 11.07 -21.22 -7.62
C GLY A 7 11.61 -21.00 -9.01
N PHE A 8 10.77 -20.48 -9.91
CA PHE A 8 11.18 -20.23 -11.29
C PHE A 8 10.80 -18.82 -11.70
N VAL A 9 10.84 -17.89 -10.75
CA VAL A 9 10.51 -16.50 -11.02
C VAL A 9 11.75 -15.62 -10.94
N LYS A 10 11.97 -14.82 -11.98
CA LYS A 10 13.13 -13.92 -12.03
C LYS A 10 12.69 -12.47 -11.82
N THR A 11 13.49 -11.73 -11.06
CA THR A 11 13.19 -10.32 -10.77
C THR A 11 11.94 -10.19 -9.91
N VAL A 12 11.83 -9.06 -9.22
CA VAL A 12 10.68 -8.81 -8.35
C VAL A 12 9.40 -8.66 -9.17
N GLU A 13 8.50 -9.63 -9.02
CA GLU A 13 7.23 -9.61 -9.74
C GLU A 13 6.08 -9.29 -8.80
N ASP A 14 6.07 -8.07 -8.27
CA ASP A 14 5.02 -7.63 -7.36
C ASP A 14 5.20 -6.17 -6.99
N LYS A 15 4.08 -5.49 -6.75
CA LYS A 15 4.11 -4.08 -6.37
C LYS A 15 2.91 -3.72 -5.51
N TYR A 16 2.77 -2.43 -5.20
CA TYR A 16 1.66 -1.96 -4.38
C TYR A 16 0.78 -0.98 -5.15
N LYS A 17 -0.33 -0.60 -4.55
CA LYS A 17 -1.25 0.34 -5.18
C LYS A 17 -2.04 1.13 -4.13
N CYS A 18 -2.25 2.41 -4.40
CA CYS A 18 -2.98 3.27 -3.48
C CYS A 18 -4.42 2.79 -3.32
N GLU A 19 -4.93 2.84 -2.08
CA GLU A 19 -6.30 2.41 -1.80
C GLU A 19 -7.28 3.55 -2.06
N LYS A 20 -6.90 4.47 -2.95
CA LYS A 20 -7.75 5.60 -3.29
C LYS A 20 -7.82 5.78 -4.80
N CYS A 21 -6.68 6.07 -5.42
CA CYS A 21 -6.61 6.27 -6.86
C CYS A 21 -6.09 5.02 -7.56
N HIS A 22 -5.86 3.96 -6.78
CA HIS A 22 -5.36 2.71 -7.33
C HIS A 22 -4.01 2.92 -8.01
N LEU A 23 -3.29 3.94 -7.59
CA LEU A 23 -1.99 4.25 -8.17
C LEU A 23 -0.95 3.21 -7.77
N VAL A 24 -0.46 2.46 -8.75
CA VAL A 24 0.54 1.43 -8.50
C VAL A 24 1.87 2.04 -8.09
N LEU A 25 2.32 1.73 -6.88
CA LEU A 25 3.58 2.24 -6.37
C LEU A 25 4.50 1.11 -5.92
N CYS A 26 5.77 1.42 -5.72
CA CYS A 26 6.75 0.42 -5.29
C CYS A 26 6.94 0.47 -3.79
N SER A 27 6.94 1.68 -3.23
CA SER A 27 7.12 1.86 -1.79
C SER A 27 6.05 2.79 -1.22
N PRO A 28 4.86 2.22 -0.98
CA PRO A 28 3.72 2.97 -0.43
C PRO A 28 3.93 3.37 1.02
N LYS A 29 2.86 3.75 1.69
CA LYS A 29 2.93 4.16 3.09
C LYS A 29 2.01 3.29 3.96
N GLN A 30 2.19 1.98 3.88
CA GLN A 30 1.38 1.05 4.65
C GLN A 30 1.07 1.62 6.03
N THR A 31 -0.23 1.85 6.28
CA THR A 31 -0.66 2.40 7.56
C THR A 31 -0.52 1.36 8.67
N GLU A 32 -1.36 1.50 9.70
CA GLU A 32 -1.33 0.58 10.83
C GLU A 32 -2.44 -0.47 10.71
N CYS A 33 -3.04 -0.55 9.52
CA CYS A 33 -4.11 -1.50 9.28
C CYS A 33 -3.71 -2.50 8.18
N GLY A 34 -2.87 -2.05 7.26
CA GLY A 34 -2.43 -2.91 6.18
C GLY A 34 -2.50 -2.24 4.83
N HIS A 35 -3.66 -1.67 4.52
CA HIS A 35 -3.86 -0.99 3.25
C HIS A 35 -2.69 -0.05 2.94
N ARG A 36 -2.70 0.52 1.74
CA ARG A 36 -1.64 1.43 1.33
C ARG A 36 -2.20 2.59 0.51
N PHE A 37 -1.48 3.70 0.47
CA PHE A 37 -1.91 4.87 -0.27
C PHE A 37 -0.72 5.55 -0.96
N CYS A 38 -1.02 6.52 -1.81
CA CYS A 38 0.03 7.24 -2.54
C CYS A 38 0.42 8.52 -1.80
N GLU A 39 1.60 9.04 -2.13
CA GLU A 39 2.09 10.25 -1.50
C GLU A 39 0.97 11.28 -1.35
N SER A 40 0.24 11.52 -2.43
CA SER A 40 -0.85 12.48 -2.43
C SER A 40 -1.92 12.08 -1.42
N CYS A 41 -2.84 11.22 -1.85
CA CYS A 41 -3.91 10.75 -0.99
C CYS A 41 -3.43 10.63 0.46
N MET A 42 -2.26 10.04 0.64
CA MET A 42 -1.69 9.87 1.97
C MET A 42 -1.62 11.19 2.72
N ALA A 43 -0.94 12.17 2.11
CA ALA A 43 -0.81 13.49 2.71
C ALA A 43 -2.17 14.13 2.95
N ALA A 44 -3.15 13.74 2.16
CA ALA A 44 -4.50 14.27 2.28
C ALA A 44 -5.17 13.78 3.55
N LEU A 45 -5.25 12.47 3.70
CA LEU A 45 -5.86 11.86 4.88
C LEU A 45 -5.20 12.36 6.16
N LEU A 46 -3.88 12.24 6.23
CA LEU A 46 -3.12 12.68 7.39
C LEU A 46 -3.48 14.11 7.76
N SER A 47 -3.83 14.92 6.75
CA SER A 47 -4.19 16.31 6.98
C SER A 47 -5.68 16.44 7.30
N SER A 48 -6.27 15.35 7.80
CA SER A 48 -7.69 15.35 8.14
C SER A 48 -7.87 15.31 9.66
N SER A 49 -6.79 15.57 10.39
CA SER A 49 -6.84 15.57 11.84
C SER A 49 -6.92 14.15 12.39
N SER A 50 -8.03 13.47 12.08
CA SER A 50 -8.24 12.10 12.54
C SER A 50 -8.18 11.13 11.36
N PRO A 51 -6.99 10.99 10.78
CA PRO A 51 -6.77 10.08 9.64
C PRO A 51 -6.86 8.62 10.03
N LYS A 52 -7.75 7.89 9.38
CA LYS A 52 -7.94 6.47 9.66
C LYS A 52 -7.43 5.61 8.51
N CYS A 53 -8.16 5.64 7.39
CA CYS A 53 -7.78 4.86 6.22
C CYS A 53 -8.98 4.68 5.29
N THR A 54 -9.07 5.51 4.26
CA THR A 54 -10.16 5.43 3.30
C THR A 54 -10.62 3.99 3.10
N ALA A 55 -9.66 3.07 3.05
CA ALA A 55 -9.96 1.66 2.86
C ALA A 55 -10.97 1.17 3.90
N CYS A 56 -10.50 0.96 5.13
CA CYS A 56 -11.36 0.51 6.22
C CYS A 56 -11.48 1.58 7.30
N GLN A 57 -10.47 2.43 7.42
CA GLN A 57 -10.47 3.49 8.41
C GLN A 57 -10.00 2.97 9.76
N GLU A 58 -8.70 3.11 10.02
CA GLU A 58 -8.12 2.66 11.28
C GLU A 58 -7.25 3.75 11.91
N SER A 59 -6.16 4.10 11.22
CA SER A 59 -5.25 5.12 11.70
C SER A 59 -4.08 5.31 10.74
N ILE A 60 -3.87 6.54 10.30
CA ILE A 60 -2.78 6.85 9.38
C ILE A 60 -1.84 7.89 9.97
N VAL A 61 -0.63 7.45 10.33
CA VAL A 61 0.37 8.35 10.91
C VAL A 61 1.72 8.17 10.22
N LYS A 62 2.22 9.26 9.64
CA LYS A 62 3.51 9.23 8.95
C LYS A 62 4.55 8.46 9.78
N ASP A 63 4.57 8.72 11.08
CA ASP A 63 5.51 8.07 11.97
C ASP A 63 5.27 6.56 12.00
N LYS A 64 4.00 6.17 12.04
CA LYS A 64 3.63 4.76 12.06
C LYS A 64 3.53 4.19 10.66
N VAL A 65 3.72 5.06 9.66
CA VAL A 65 3.66 4.64 8.26
C VAL A 65 5.04 4.23 7.75
N PHE A 66 5.04 3.31 6.78
CA PHE A 66 6.30 2.83 6.21
C PHE A 66 6.26 2.91 4.68
ZN ZN B . -3.83 7.83 -4.26
ZN ZN C . -7.44 0.04 6.14
N GLY A 1 24.39 -34.99 -17.63
CA GLY A 1 24.11 -36.23 -16.93
C GLY A 1 23.43 -36.01 -15.58
N SER A 2 24.19 -36.17 -14.51
CA SER A 2 23.66 -35.98 -13.16
C SER A 2 24.78 -35.99 -12.12
N SER A 3 25.52 -34.88 -12.06
CA SER A 3 26.63 -34.77 -11.12
C SER A 3 26.29 -33.77 -10.02
N GLY A 4 25.13 -33.96 -9.40
CA GLY A 4 24.71 -33.07 -8.33
C GLY A 4 23.79 -31.96 -8.82
N SER A 5 24.27 -30.73 -8.79
CA SER A 5 23.49 -29.59 -9.22
C SER A 5 22.27 -29.39 -8.33
N SER A 6 21.61 -28.24 -8.47
CA SER A 6 20.43 -27.93 -7.67
C SER A 6 19.38 -27.21 -8.50
N GLY A 7 18.26 -26.87 -7.88
CA GLY A 7 17.20 -26.18 -8.58
C GLY A 7 17.32 -24.67 -8.50
N PHE A 8 16.65 -23.97 -9.39
CA PHE A 8 16.69 -22.51 -9.42
C PHE A 8 15.66 -21.93 -8.46
N VAL A 9 15.81 -20.64 -8.15
CA VAL A 9 14.89 -19.95 -7.24
C VAL A 9 14.10 -18.87 -7.98
N LYS A 10 12.82 -18.75 -7.64
CA LYS A 10 11.96 -17.76 -8.26
C LYS A 10 11.17 -16.99 -7.20
N THR A 11 11.50 -15.70 -7.05
CA THR A 11 10.83 -14.85 -6.09
C THR A 11 9.63 -14.14 -6.70
N VAL A 12 8.51 -14.17 -6.00
CA VAL A 12 7.28 -13.53 -6.48
C VAL A 12 7.42 -12.01 -6.46
N GLU A 13 7.81 -11.44 -7.59
CA GLU A 13 7.98 -10.00 -7.70
C GLU A 13 6.65 -9.32 -8.02
N ASP A 14 6.15 -8.53 -7.08
CA ASP A 14 4.89 -7.81 -7.26
C ASP A 14 5.06 -6.32 -7.01
N LYS A 15 3.96 -5.64 -6.73
CA LYS A 15 3.99 -4.21 -6.47
C LYS A 15 2.84 -3.80 -5.56
N TYR A 16 2.76 -2.50 -5.26
CA TYR A 16 1.71 -1.99 -4.41
C TYR A 16 0.82 -1.01 -5.16
N LYS A 17 -0.31 -0.63 -4.55
CA LYS A 17 -1.25 0.29 -5.17
C LYS A 17 -2.01 1.08 -4.10
N CYS A 18 -2.23 2.37 -4.36
CA CYS A 18 -2.95 3.23 -3.44
C CYS A 18 -4.39 2.74 -3.26
N GLU A 19 -4.88 2.80 -2.01
CA GLU A 19 -6.23 2.38 -1.71
C GLU A 19 -7.23 3.52 -1.97
N LYS A 20 -6.87 4.42 -2.87
CA LYS A 20 -7.72 5.56 -3.20
C LYS A 20 -7.82 5.74 -4.71
N CYS A 21 -6.68 6.02 -5.34
CA CYS A 21 -6.63 6.22 -6.78
C CYS A 21 -6.12 4.97 -7.49
N HIS A 22 -5.88 3.92 -6.72
CA HIS A 22 -5.38 2.66 -7.26
C HIS A 22 -4.03 2.87 -7.97
N LEU A 23 -3.31 3.90 -7.56
CA LEU A 23 -2.01 4.21 -8.15
C LEU A 23 -0.98 3.16 -7.77
N VAL A 24 -0.50 2.42 -8.76
CA VAL A 24 0.49 1.38 -8.53
C VAL A 24 1.84 1.99 -8.15
N LEU A 25 2.30 1.71 -6.93
CA LEU A 25 3.57 2.23 -6.45
C LEU A 25 4.49 1.10 -6.01
N CYS A 26 5.75 1.42 -5.76
CA CYS A 26 6.73 0.43 -5.33
C CYS A 26 7.01 0.55 -3.83
N SER A 27 6.87 1.77 -3.32
CA SER A 27 7.12 2.02 -1.90
C SER A 27 6.01 2.90 -1.31
N PRO A 28 4.84 2.28 -1.05
CA PRO A 28 3.68 2.98 -0.48
C PRO A 28 3.91 3.39 0.97
N LYS A 29 2.82 3.72 1.66
CA LYS A 29 2.90 4.12 3.06
C LYS A 29 2.01 3.23 3.93
N GLN A 30 2.24 1.92 3.84
CA GLN A 30 1.47 0.96 4.63
C GLN A 30 1.10 1.53 5.99
N THR A 31 -0.18 1.81 6.18
CA THR A 31 -0.67 2.36 7.44
C THR A 31 -0.53 1.36 8.58
N GLU A 32 -1.20 1.63 9.69
CA GLU A 32 -1.15 0.75 10.85
C GLU A 32 -2.26 -0.30 10.77
N CYS A 33 -2.87 -0.43 9.60
CA CYS A 33 -3.94 -1.40 9.39
C CYS A 33 -3.56 -2.41 8.32
N GLY A 34 -2.73 -1.98 7.37
CA GLY A 34 -2.30 -2.87 6.30
C GLY A 34 -2.39 -2.21 4.94
N HIS A 35 -3.56 -1.64 4.63
CA HIS A 35 -3.77 -0.98 3.36
C HIS A 35 -2.62 -0.04 3.02
N ARG A 36 -2.63 0.50 1.81
CA ARG A 36 -1.58 1.41 1.36
C ARG A 36 -2.16 2.56 0.56
N PHE A 37 -1.41 3.65 0.48
CA PHE A 37 -1.85 4.83 -0.25
C PHE A 37 -0.68 5.52 -0.95
N CYS A 38 -0.98 6.48 -1.80
CA CYS A 38 0.04 7.21 -2.54
C CYS A 38 0.43 8.50 -1.80
N GLU A 39 1.61 9.02 -2.12
CA GLU A 39 2.09 10.24 -1.49
C GLU A 39 0.96 11.26 -1.33
N SER A 40 0.25 11.53 -2.43
CA SER A 40 -0.85 12.48 -2.41
C SER A 40 -1.91 12.07 -1.39
N CYS A 41 -2.81 11.19 -1.81
CA CYS A 41 -3.88 10.72 -0.95
C CYS A 41 -3.40 10.61 0.50
N MET A 42 -2.17 10.13 0.67
CA MET A 42 -1.59 9.97 1.99
C MET A 42 -1.52 11.32 2.72
N ALA A 43 -0.87 12.29 2.09
CA ALA A 43 -0.73 13.62 2.67
C ALA A 43 -2.09 14.27 2.88
N ALA A 44 -3.12 13.73 2.22
CA ALA A 44 -4.46 14.25 2.33
C ALA A 44 -5.15 13.75 3.60
N LEU A 45 -5.28 12.43 3.70
CA LEU A 45 -5.92 11.82 4.87
C LEU A 45 -5.31 12.34 6.16
N LEU A 46 -3.99 12.23 6.28
CA LEU A 46 -3.28 12.70 7.46
C LEU A 46 -3.67 14.13 7.79
N SER A 47 -4.02 14.90 6.77
CA SER A 47 -4.41 16.29 6.95
C SER A 47 -5.91 16.41 7.21
N SER A 48 -6.51 15.34 7.73
CA SER A 48 -7.93 15.33 8.01
C SER A 48 -8.19 15.32 9.51
N SER A 49 -7.15 15.65 10.28
CA SER A 49 -7.27 15.68 11.74
C SER A 49 -7.33 14.26 12.31
N SER A 50 -8.39 13.54 11.96
CA SER A 50 -8.57 12.18 12.44
C SER A 50 -8.46 11.18 11.29
N PRO A 51 -7.23 11.05 10.75
CA PRO A 51 -6.96 10.12 9.64
C PRO A 51 -7.04 8.66 10.07
N LYS A 52 -7.89 7.89 9.40
CA LYS A 52 -8.05 6.48 9.72
C LYS A 52 -7.52 5.61 8.58
N CYS A 53 -8.23 5.61 7.45
CA CYS A 53 -7.84 4.82 6.29
C CYS A 53 -9.01 4.60 5.36
N THR A 54 -9.09 5.41 4.31
CA THR A 54 -10.17 5.30 3.34
C THR A 54 -10.61 3.84 3.17
N ALA A 55 -9.64 2.95 3.07
CA ALA A 55 -9.93 1.53 2.91
C ALA A 55 -10.94 1.04 3.95
N CYS A 56 -10.45 0.82 5.17
CA CYS A 56 -11.30 0.35 6.25
C CYS A 56 -11.46 1.43 7.33
N GLN A 57 -10.43 2.28 7.46
CA GLN A 57 -10.45 3.35 8.45
C GLN A 57 -10.00 2.84 9.81
N GLU A 58 -8.75 3.12 10.16
CA GLU A 58 -8.21 2.70 11.45
C GLU A 58 -7.35 3.79 12.07
N SER A 59 -6.30 4.19 11.36
CA SER A 59 -5.40 5.23 11.84
C SER A 59 -4.22 5.42 10.89
N ILE A 60 -4.00 6.65 10.46
CA ILE A 60 -2.91 6.95 9.55
C ILE A 60 -1.98 8.02 10.14
N VAL A 61 -0.69 7.70 10.21
CA VAL A 61 0.29 8.63 10.75
C VAL A 61 1.64 8.45 10.08
N LYS A 62 2.19 9.55 9.57
CA LYS A 62 3.48 9.52 8.89
C LYS A 62 4.53 8.84 9.76
N ASP A 63 4.48 9.10 11.06
CA ASP A 63 5.43 8.52 12.00
C ASP A 63 5.31 7.00 12.01
N LYS A 64 4.09 6.50 11.92
CA LYS A 64 3.85 5.06 11.92
C LYS A 64 3.89 4.50 10.50
N VAL A 65 3.96 5.41 9.52
CA VAL A 65 4.01 5.00 8.12
C VAL A 65 5.46 4.79 7.66
N PHE A 66 5.65 3.80 6.79
CA PHE A 66 6.98 3.49 6.28
C PHE A 66 7.05 3.73 4.77
ZN ZN B . -3.82 7.79 -4.21
ZN ZN C . -7.39 0.00 6.31
N GLY A 1 0.53 -20.02 -33.31
CA GLY A 1 1.19 -19.06 -32.44
C GLY A 1 0.30 -17.89 -32.10
N SER A 2 -0.57 -18.06 -31.11
CA SER A 2 -1.49 -17.01 -30.69
C SER A 2 -2.12 -17.35 -29.35
N SER A 3 -2.95 -16.43 -28.84
CA SER A 3 -3.61 -16.63 -27.57
C SER A 3 -4.56 -15.48 -27.26
N GLY A 4 -5.41 -15.65 -26.25
CA GLY A 4 -6.34 -14.61 -25.88
C GLY A 4 -7.59 -15.17 -25.21
N SER A 5 -7.40 -15.83 -24.07
CA SER A 5 -8.51 -16.42 -23.34
C SER A 5 -8.03 -17.07 -22.05
N SER A 6 -8.66 -16.70 -20.93
CA SER A 6 -8.29 -17.25 -19.62
C SER A 6 -9.48 -17.93 -18.96
N GLY A 7 -9.21 -19.00 -18.23
CA GLY A 7 -10.26 -19.73 -17.56
C GLY A 7 -10.82 -18.97 -16.36
N PHE A 8 -10.94 -19.67 -15.24
CA PHE A 8 -11.47 -19.05 -14.01
C PHE A 8 -10.90 -17.64 -13.84
N VAL A 9 -11.57 -16.85 -13.01
CA VAL A 9 -11.13 -15.49 -12.73
C VAL A 9 -9.62 -15.41 -12.59
N LYS A 10 -9.00 -14.51 -13.35
CA LYS A 10 -7.56 -14.34 -13.31
C LYS A 10 -7.19 -12.86 -13.19
N THR A 11 -6.21 -12.56 -12.35
CA THR A 11 -5.76 -11.19 -12.14
C THR A 11 -4.24 -11.12 -11.99
N VAL A 12 -3.68 -9.96 -12.29
CA VAL A 12 -2.23 -9.75 -12.19
C VAL A 12 -1.89 -8.90 -10.99
N GLU A 13 -1.18 -9.49 -10.02
CA GLU A 13 -0.78 -8.78 -8.82
C GLU A 13 0.71 -8.46 -8.84
N ASP A 14 1.04 -7.19 -9.00
CA ASP A 14 2.43 -6.75 -9.04
C ASP A 14 2.57 -5.31 -8.56
N LYS A 15 3.46 -5.11 -7.60
CA LYS A 15 3.70 -3.77 -7.05
C LYS A 15 2.48 -3.30 -6.25
N TYR A 16 2.74 -2.50 -5.22
CA TYR A 16 1.68 -1.97 -4.38
C TYR A 16 0.80 -0.99 -5.15
N LYS A 17 -0.33 -0.63 -4.56
CA LYS A 17 -1.25 0.31 -5.19
C LYS A 17 -2.04 1.10 -4.14
N CYS A 18 -2.25 2.39 -4.40
CA CYS A 18 -2.98 3.25 -3.48
C CYS A 18 -4.43 2.77 -3.33
N GLU A 19 -4.94 2.81 -2.10
CA GLU A 19 -6.30 2.39 -1.83
C GLU A 19 -7.29 3.53 -2.10
N LYS A 20 -6.89 4.45 -2.97
CA LYS A 20 -7.74 5.59 -3.31
C LYS A 20 -7.81 5.77 -4.82
N CYS A 21 -6.66 6.07 -5.42
CA CYS A 21 -6.59 6.27 -6.87
C CYS A 21 -6.07 5.02 -7.57
N HIS A 22 -5.84 3.97 -6.79
CA HIS A 22 -5.34 2.71 -7.35
C HIS A 22 -3.99 2.91 -8.02
N LEU A 23 -3.27 3.95 -7.60
CA LEU A 23 -1.96 4.25 -8.17
C LEU A 23 -0.93 3.20 -7.77
N VAL A 24 -0.43 2.45 -8.75
CA VAL A 24 0.55 1.41 -8.51
C VAL A 24 1.90 2.01 -8.09
N LEU A 25 2.32 1.72 -6.87
CA LEU A 25 3.59 2.22 -6.36
C LEU A 25 4.50 1.08 -5.92
N CYS A 26 5.76 1.41 -5.64
CA CYS A 26 6.73 0.41 -5.21
C CYS A 26 6.93 0.48 -3.70
N SER A 27 6.98 1.69 -3.16
CA SER A 27 7.17 1.89 -1.73
C SER A 27 6.09 2.80 -1.16
N PRO A 28 4.89 2.23 -0.95
CA PRO A 28 3.74 2.97 -0.40
C PRO A 28 3.95 3.34 1.07
N LYS A 29 2.86 3.71 1.73
CA LYS A 29 2.91 4.09 3.14
C LYS A 29 1.96 3.23 3.97
N GLN A 30 2.21 1.93 3.98
CA GLN A 30 1.38 1.00 4.74
C GLN A 30 1.02 1.57 6.11
N THR A 31 -0.26 1.87 6.31
CA THR A 31 -0.72 2.42 7.58
C THR A 31 -0.60 1.41 8.70
N GLU A 32 -1.45 1.54 9.72
CA GLU A 32 -1.43 0.63 10.86
C GLU A 32 -2.54 -0.43 10.73
N CYS A 33 -3.11 -0.52 9.53
CA CYS A 33 -4.18 -1.49 9.29
C CYS A 33 -3.76 -2.50 8.21
N GLY A 34 -2.90 -2.05 7.30
CA GLY A 34 -2.44 -2.93 6.23
C GLY A 34 -2.51 -2.28 4.87
N HIS A 35 -3.66 -1.66 4.57
CA HIS A 35 -3.85 -1.00 3.30
C HIS A 35 -2.69 -0.07 2.98
N ARG A 36 -2.68 0.47 1.77
CA ARG A 36 -1.62 1.38 1.34
C ARG A 36 -2.20 2.55 0.53
N PHE A 37 -1.45 3.65 0.48
CA PHE A 37 -1.89 4.83 -0.26
C PHE A 37 -0.71 5.51 -0.94
N CYS A 38 -1.00 6.49 -1.79
CA CYS A 38 0.04 7.22 -2.51
C CYS A 38 0.41 8.49 -1.77
N GLU A 39 1.55 9.07 -2.14
CA GLU A 39 2.02 10.30 -1.50
C GLU A 39 0.88 11.29 -1.32
N SER A 40 0.20 11.61 -2.43
CA SER A 40 -0.91 12.55 -2.39
C SER A 40 -1.96 12.11 -1.38
N CYS A 41 -2.87 11.24 -1.82
CA CYS A 41 -3.92 10.74 -0.96
C CYS A 41 -3.44 10.61 0.49
N MET A 42 -2.24 10.05 0.65
CA MET A 42 -1.67 9.88 1.98
C MET A 42 -1.57 11.20 2.72
N ALA A 43 -0.91 12.18 2.09
CA ALA A 43 -0.75 13.50 2.68
C ALA A 43 -2.10 14.16 2.93
N ALA A 44 -3.10 13.75 2.16
CA ALA A 44 -4.44 14.30 2.29
C ALA A 44 -5.11 13.79 3.56
N LEU A 45 -5.24 12.47 3.67
CA LEU A 45 -5.87 11.85 4.84
C LEU A 45 -5.22 12.34 6.13
N LEU A 46 -3.90 12.22 6.20
CA LEU A 46 -3.16 12.66 7.39
C LEU A 46 -3.53 14.08 7.77
N SER A 47 -3.79 14.91 6.77
CA SER A 47 -4.17 16.30 7.02
C SER A 47 -5.66 16.42 7.30
N SER A 48 -6.26 15.32 7.74
CA SER A 48 -7.69 15.31 8.04
C SER A 48 -7.92 15.30 9.55
N SER A 49 -6.86 15.54 10.31
CA SER A 49 -6.95 15.57 11.76
C SER A 49 -7.07 14.15 12.32
N SER A 50 -8.14 13.46 11.94
CA SER A 50 -8.37 12.10 12.39
C SER A 50 -8.29 11.11 11.24
N PRO A 51 -7.08 10.95 10.68
CA PRO A 51 -6.83 10.04 9.56
C PRO A 51 -6.94 8.57 9.97
N LYS A 52 -7.81 7.84 9.30
CA LYS A 52 -8.01 6.42 9.59
C LYS A 52 -7.50 5.55 8.45
N CYS A 53 -8.22 5.59 7.32
CA CYS A 53 -7.85 4.80 6.16
C CYS A 53 -9.05 4.60 5.23
N THR A 54 -9.12 5.43 4.19
CA THR A 54 -10.22 5.35 3.23
C THR A 54 -10.68 3.91 3.05
N ALA A 55 -9.73 3.00 2.93
CA ALA A 55 -10.04 1.58 2.76
C ALA A 55 -11.05 1.10 3.81
N CYS A 56 -10.56 0.86 5.02
CA CYS A 56 -11.42 0.40 6.10
C CYS A 56 -11.53 1.47 7.19
N GLN A 57 -10.48 2.29 7.32
CA GLN A 57 -10.47 3.34 8.33
C GLN A 57 -10.00 2.82 9.67
N GLU A 58 -8.76 3.10 10.02
CA GLU A 58 -8.19 2.64 11.29
C GLU A 58 -7.31 3.72 11.91
N SER A 59 -6.26 4.12 11.18
CA SER A 59 -5.34 5.14 11.66
C SER A 59 -4.17 5.30 10.69
N ILE A 60 -3.94 6.53 10.25
CA ILE A 60 -2.85 6.83 9.32
C ILE A 60 -1.92 7.89 9.90
N VAL A 61 -0.70 7.47 10.24
CA VAL A 61 0.29 8.38 10.79
C VAL A 61 1.64 8.22 10.09
N LYS A 62 2.19 9.33 9.60
CA LYS A 62 3.48 9.30 8.92
C LYS A 62 4.54 8.61 9.78
N ASP A 63 4.52 8.89 11.07
CA ASP A 63 5.48 8.30 12.00
C ASP A 63 5.27 6.80 12.09
N LYS A 64 4.03 6.35 11.95
CA LYS A 64 3.71 4.93 12.01
C LYS A 64 3.62 4.33 10.62
N VAL A 65 3.85 5.16 9.60
CA VAL A 65 3.79 4.71 8.21
C VAL A 65 5.14 4.18 7.75
N PHE A 66 5.11 3.11 6.97
CA PHE A 66 6.34 2.50 6.45
C PHE A 66 6.05 1.62 5.24
ZN ZN B . -3.82 7.81 -4.24
ZN ZN C . -7.52 -0.03 6.10
N GLY A 1 18.72 -23.68 -18.58
CA GLY A 1 19.15 -24.63 -19.58
C GLY A 1 20.40 -25.39 -19.16
N SER A 2 20.40 -25.89 -17.92
CA SER A 2 21.54 -26.63 -17.40
C SER A 2 21.07 -27.81 -16.55
N SER A 3 20.28 -27.51 -15.52
CA SER A 3 19.77 -28.56 -14.63
C SER A 3 20.89 -29.17 -13.81
N GLY A 4 20.58 -29.52 -12.57
CA GLY A 4 21.56 -30.12 -11.68
C GLY A 4 22.03 -29.16 -10.61
N SER A 5 21.74 -29.49 -9.36
CA SER A 5 22.12 -28.65 -8.23
C SER A 5 21.51 -27.26 -8.35
N SER A 6 22.21 -26.36 -9.02
CA SER A 6 21.73 -25.00 -9.20
C SER A 6 20.48 -24.97 -10.07
N GLY A 7 20.60 -25.50 -11.28
CA GLY A 7 19.47 -25.53 -12.19
C GLY A 7 18.80 -24.17 -12.34
N PHE A 8 17.76 -24.11 -13.16
CA PHE A 8 17.04 -22.87 -13.39
C PHE A 8 15.97 -22.65 -12.32
N VAL A 9 15.93 -21.44 -11.76
CA VAL A 9 14.97 -21.10 -10.73
C VAL A 9 14.16 -19.87 -11.12
N LYS A 10 12.93 -19.79 -10.62
CA LYS A 10 12.05 -18.67 -10.91
C LYS A 10 11.82 -17.82 -9.67
N THR A 11 11.62 -16.52 -9.86
CA THR A 11 11.39 -15.60 -8.75
C THR A 11 9.96 -15.09 -8.75
N VAL A 12 9.64 -14.22 -7.80
CA VAL A 12 8.30 -13.65 -7.69
C VAL A 12 8.35 -12.12 -7.69
N GLU A 13 7.70 -11.51 -8.69
CA GLU A 13 7.68 -10.06 -8.79
C GLU A 13 6.26 -9.52 -8.58
N ASP A 14 6.17 -8.41 -7.86
CA ASP A 14 4.87 -7.80 -7.58
C ASP A 14 5.02 -6.30 -7.36
N LYS A 15 4.01 -5.68 -6.75
CA LYS A 15 4.03 -4.26 -6.48
C LYS A 15 2.86 -3.85 -5.57
N TYR A 16 2.77 -2.57 -5.28
CA TYR A 16 1.70 -2.06 -4.41
C TYR A 16 0.82 -1.08 -5.16
N LYS A 17 -0.30 -0.71 -4.56
CA LYS A 17 -1.24 0.22 -5.16
C LYS A 17 -1.99 1.01 -4.09
N CYS A 18 -2.21 2.30 -4.35
CA CYS A 18 -2.93 3.16 -3.42
C CYS A 18 -4.37 2.69 -3.24
N GLU A 19 -4.85 2.72 -2.00
CA GLU A 19 -6.21 2.30 -1.70
C GLU A 19 -7.20 3.45 -1.93
N LYS A 20 -6.82 4.37 -2.81
CA LYS A 20 -7.67 5.51 -3.13
C LYS A 20 -7.79 5.69 -4.65
N CYS A 21 -6.67 5.98 -5.30
CA CYS A 21 -6.65 6.17 -6.74
C CYS A 21 -6.15 4.92 -7.45
N HIS A 22 -5.88 3.88 -6.68
CA HIS A 22 -5.39 2.62 -7.23
C HIS A 22 -4.07 2.83 -7.97
N LEU A 23 -3.32 3.84 -7.56
CA LEU A 23 -2.04 4.15 -8.19
C LEU A 23 -0.99 3.10 -7.82
N VAL A 24 -0.48 2.41 -8.84
CA VAL A 24 0.54 1.38 -8.62
C VAL A 24 1.87 2.00 -8.22
N LEU A 25 2.30 1.72 -7.00
CA LEU A 25 3.56 2.24 -6.49
C LEU A 25 4.48 1.12 -6.03
N CYS A 26 5.75 1.45 -5.79
CA CYS A 26 6.72 0.46 -5.36
C CYS A 26 6.97 0.57 -3.85
N SER A 27 6.89 1.79 -3.34
CA SER A 27 7.10 2.03 -1.91
C SER A 27 5.98 2.89 -1.33
N PRO A 28 4.83 2.25 -1.07
CA PRO A 28 3.66 2.93 -0.50
C PRO A 28 3.87 3.34 0.94
N LYS A 29 2.77 3.66 1.62
CA LYS A 29 2.84 4.06 3.03
C LYS A 29 1.95 3.17 3.90
N GLN A 30 2.19 1.86 3.82
CA GLN A 30 1.41 0.91 4.61
C GLN A 30 1.04 1.49 5.97
N THR A 31 -0.25 1.76 6.16
CA THR A 31 -0.72 2.32 7.42
C THR A 31 -0.58 1.30 8.56
N GLU A 32 -1.25 1.58 9.67
CA GLU A 32 -1.20 0.70 10.84
C GLU A 32 -2.32 -0.33 10.78
N CYS A 33 -2.95 -0.46 9.63
CA CYS A 33 -4.04 -1.41 9.44
C CYS A 33 -3.68 -2.46 8.40
N GLY A 34 -2.85 -2.07 7.43
CA GLY A 34 -2.44 -2.99 6.39
C GLY A 34 -2.51 -2.37 5.01
N HIS A 35 -3.65 -1.76 4.69
CA HIS A 35 -3.84 -1.12 3.39
C HIS A 35 -2.66 -0.22 3.05
N ARG A 36 -2.71 0.39 1.87
CA ARG A 36 -1.64 1.29 1.42
C ARG A 36 -2.20 2.45 0.62
N PHE A 37 -1.43 3.53 0.53
CA PHE A 37 -1.86 4.72 -0.20
C PHE A 37 -0.66 5.40 -0.88
N CYS A 38 -0.96 6.40 -1.70
CA CYS A 38 0.09 7.12 -2.42
C CYS A 38 0.45 8.41 -1.68
N GLU A 39 1.56 9.02 -2.07
CA GLU A 39 2.00 10.26 -1.45
C GLU A 39 0.84 11.24 -1.29
N SER A 40 0.26 11.65 -2.40
CA SER A 40 -0.86 12.59 -2.37
C SER A 40 -1.92 12.14 -1.37
N CYS A 41 -2.80 11.25 -1.79
CA CYS A 41 -3.85 10.74 -0.93
C CYS A 41 -3.37 10.64 0.52
N MET A 42 -2.20 10.05 0.70
CA MET A 42 -1.63 9.90 2.04
C MET A 42 -1.58 11.23 2.77
N ALA A 43 -0.88 12.20 2.19
CA ALA A 43 -0.76 13.52 2.79
C ALA A 43 -2.13 14.18 2.95
N ALA A 44 -3.10 13.69 2.19
CA ALA A 44 -4.46 14.23 2.26
C ALA A 44 -5.19 13.73 3.49
N LEU A 45 -5.16 12.42 3.70
CA LEU A 45 -5.83 11.82 4.85
C LEU A 45 -5.25 12.35 6.16
N LEU A 46 -3.92 12.43 6.22
CA LEU A 46 -3.23 12.92 7.41
C LEU A 46 -3.76 14.30 7.81
N SER A 47 -4.22 15.06 6.82
CA SER A 47 -4.75 16.39 7.07
C SER A 47 -6.27 16.35 7.27
N SER A 48 -6.75 15.25 7.84
CA SER A 48 -8.17 15.08 8.09
C SER A 48 -8.47 15.13 9.58
N SER A 49 -7.67 15.89 10.33
CA SER A 49 -7.84 16.01 11.76
C SER A 49 -8.24 14.67 12.39
N SER A 50 -7.86 13.59 11.73
CA SER A 50 -8.18 12.25 12.21
C SER A 50 -8.06 11.23 11.09
N PRO A 51 -6.83 11.03 10.59
CA PRO A 51 -6.56 10.08 9.51
C PRO A 51 -6.69 8.64 9.96
N LYS A 52 -7.56 7.89 9.27
CA LYS A 52 -7.79 6.49 9.61
C LYS A 52 -7.33 5.58 8.47
N CYS A 53 -8.05 5.61 7.36
CA CYS A 53 -7.71 4.79 6.20
C CYS A 53 -8.93 4.60 5.30
N THR A 54 -9.00 5.40 4.24
CA THR A 54 -10.11 5.33 3.30
C THR A 54 -10.61 3.89 3.16
N ALA A 55 -9.69 2.95 3.06
CA ALA A 55 -10.03 1.55 2.92
C ALA A 55 -11.04 1.12 3.99
N CYS A 56 -10.53 0.89 5.20
CA CYS A 56 -11.37 0.48 6.32
C CYS A 56 -11.45 1.57 7.38
N GLN A 57 -10.39 2.37 7.47
CA GLN A 57 -10.35 3.46 8.43
C GLN A 57 -9.88 2.96 9.80
N GLU A 58 -8.59 3.14 10.09
CA GLU A 58 -8.03 2.71 11.36
C GLU A 58 -7.12 3.79 11.95
N SER A 59 -6.08 4.13 11.22
CA SER A 59 -5.13 5.15 11.68
C SER A 59 -3.97 5.30 10.70
N ILE A 60 -3.71 6.53 10.28
CA ILE A 60 -2.63 6.81 9.34
C ILE A 60 -1.69 7.88 9.89
N VAL A 61 -0.55 7.45 10.44
CA VAL A 61 0.43 8.37 10.99
C VAL A 61 1.78 8.20 10.30
N LYS A 62 2.29 9.30 9.74
CA LYS A 62 3.57 9.28 9.06
C LYS A 62 4.60 8.48 9.84
N ASP A 63 4.71 8.78 11.14
CA ASP A 63 5.65 8.07 11.99
C ASP A 63 5.43 6.56 11.94
N LYS A 64 4.16 6.16 11.96
CA LYS A 64 3.82 4.74 11.91
C LYS A 64 3.70 4.27 10.47
N VAL A 65 4.00 5.15 9.53
CA VAL A 65 3.93 4.82 8.11
C VAL A 65 5.32 4.53 7.56
N PHE A 66 5.46 3.41 6.85
CA PHE A 66 6.73 3.02 6.26
C PHE A 66 7.22 4.09 5.28
ZN ZN B . -3.84 7.73 -4.17
ZN ZN C . -7.46 -0.05 6.31
N GLY A 1 8.95 -44.35 -7.38
CA GLY A 1 9.91 -43.26 -7.28
C GLY A 1 9.25 -41.90 -7.41
N SER A 2 9.63 -40.99 -6.53
CA SER A 2 9.05 -39.64 -6.54
C SER A 2 9.40 -38.92 -7.85
N SER A 3 8.57 -37.94 -8.20
CA SER A 3 8.78 -37.17 -9.43
C SER A 3 9.60 -35.92 -9.15
N GLY A 4 10.72 -35.77 -9.86
CA GLY A 4 11.57 -34.61 -9.69
C GLY A 4 11.00 -33.38 -10.34
N SER A 5 10.85 -32.32 -9.57
CA SER A 5 10.31 -31.06 -10.09
C SER A 5 10.89 -29.87 -9.34
N SER A 6 12.17 -29.61 -9.54
CA SER A 6 12.85 -28.51 -8.88
C SER A 6 12.52 -27.18 -9.56
N GLY A 7 12.19 -26.17 -8.75
CA GLY A 7 11.86 -24.87 -9.29
C GLY A 7 13.07 -23.98 -9.44
N PHE A 8 13.23 -23.40 -10.63
CA PHE A 8 14.36 -22.51 -10.90
C PHE A 8 14.24 -21.21 -10.10
N VAL A 9 15.38 -20.63 -9.77
CA VAL A 9 15.41 -19.38 -9.00
C VAL A 9 14.87 -18.22 -9.84
N LYS A 10 13.94 -17.47 -9.27
CA LYS A 10 13.34 -16.33 -9.95
C LYS A 10 12.57 -15.46 -8.98
N THR A 11 12.69 -14.14 -9.13
CA THR A 11 11.99 -13.21 -8.27
C THR A 11 10.47 -13.31 -8.44
N VAL A 12 9.73 -12.59 -7.61
CA VAL A 12 8.28 -12.59 -7.68
C VAL A 12 7.74 -11.23 -8.10
N GLU A 13 7.79 -10.95 -9.40
CA GLU A 13 7.31 -9.68 -9.93
C GLU A 13 6.01 -9.26 -9.24
N ASP A 14 6.07 -8.16 -8.50
CA ASP A 14 4.90 -7.65 -7.80
C ASP A 14 5.00 -6.15 -7.60
N LYS A 15 4.08 -5.59 -6.81
CA LYS A 15 4.07 -4.16 -6.54
C LYS A 15 2.88 -3.80 -5.64
N TYR A 16 2.80 -2.52 -5.27
CA TYR A 16 1.72 -2.04 -4.41
C TYR A 16 0.83 -1.05 -5.16
N LYS A 17 -0.28 -0.70 -4.56
CA LYS A 17 -1.23 0.23 -5.16
C LYS A 17 -1.98 1.01 -4.09
N CYS A 18 -2.20 2.30 -4.34
CA CYS A 18 -2.92 3.16 -3.40
C CYS A 18 -4.36 2.68 -3.22
N GLU A 19 -4.84 2.72 -1.98
CA GLU A 19 -6.20 2.30 -1.68
C GLU A 19 -7.19 3.44 -1.91
N LYS A 20 -6.82 4.36 -2.80
CA LYS A 20 -7.68 5.50 -3.12
C LYS A 20 -7.79 5.69 -4.63
N CYS A 21 -6.68 5.97 -5.28
CA CYS A 21 -6.66 6.17 -6.73
C CYS A 21 -6.16 4.92 -7.44
N HIS A 22 -5.88 3.87 -6.67
CA HIS A 22 -5.39 2.61 -7.22
C HIS A 22 -4.07 2.82 -7.97
N LEU A 23 -3.33 3.84 -7.56
CA LEU A 23 -2.05 4.15 -8.19
C LEU A 23 -0.99 3.10 -7.83
N VAL A 24 -0.50 2.41 -8.85
CA VAL A 24 0.52 1.38 -8.65
C VAL A 24 1.85 1.99 -8.23
N LEU A 25 2.28 1.71 -7.01
CA LEU A 25 3.54 2.23 -6.49
C LEU A 25 4.46 1.10 -6.07
N CYS A 26 5.71 1.44 -5.75
CA CYS A 26 6.69 0.46 -5.32
C CYS A 26 6.92 0.53 -3.81
N SER A 27 6.87 1.75 -3.28
CA SER A 27 7.08 1.95 -1.84
C SER A 27 5.98 2.83 -1.26
N PRO A 28 4.81 2.22 -1.02
CA PRO A 28 3.65 2.92 -0.45
C PRO A 28 3.86 3.31 1.00
N LYS A 29 2.78 3.65 1.68
CA LYS A 29 2.84 4.04 3.09
C LYS A 29 1.95 3.15 3.95
N GLN A 30 2.15 1.84 3.84
CA GLN A 30 1.37 0.88 4.61
C GLN A 30 1.01 1.43 5.98
N THR A 31 -0.27 1.76 6.17
CA THR A 31 -0.73 2.32 7.43
C THR A 31 -0.58 1.29 8.56
N GLU A 32 -1.25 1.56 9.68
CA GLU A 32 -1.20 0.67 10.83
C GLU A 32 -2.32 -0.36 10.78
N CYS A 33 -2.95 -0.47 9.62
CA CYS A 33 -4.05 -1.42 9.43
C CYS A 33 -3.68 -2.47 8.39
N GLY A 34 -2.86 -2.08 7.42
CA GLY A 34 -2.45 -3.00 6.38
C GLY A 34 -2.53 -2.38 5.00
N HIS A 35 -3.65 -1.73 4.70
CA HIS A 35 -3.84 -1.09 3.40
C HIS A 35 -2.67 -0.18 3.06
N ARG A 36 -2.69 0.39 1.86
CA ARG A 36 -1.62 1.28 1.42
C ARG A 36 -2.19 2.45 0.63
N PHE A 37 -1.41 3.53 0.54
CA PHE A 37 -1.84 4.72 -0.19
C PHE A 37 -0.66 5.40 -0.86
N CYS A 38 -0.95 6.39 -1.70
CA CYS A 38 0.09 7.13 -2.41
C CYS A 38 0.44 8.41 -1.68
N GLU A 39 1.57 9.01 -2.05
CA GLU A 39 2.02 10.25 -1.43
C GLU A 39 0.85 11.23 -1.27
N SER A 40 0.26 11.64 -2.39
CA SER A 40 -0.85 12.58 -2.36
C SER A 40 -1.91 12.13 -1.36
N CYS A 41 -2.79 11.23 -1.79
CA CYS A 41 -3.85 10.73 -0.92
C CYS A 41 -3.37 10.63 0.52
N MET A 42 -2.20 10.04 0.72
CA MET A 42 -1.64 9.89 2.05
C MET A 42 -1.59 11.22 2.78
N ALA A 43 -0.89 12.18 2.19
CA ALA A 43 -0.76 13.51 2.79
C ALA A 43 -2.13 14.17 2.95
N ALA A 44 -3.10 13.70 2.18
CA ALA A 44 -4.45 14.24 2.24
C ALA A 44 -5.19 13.74 3.48
N LEU A 45 -5.15 12.43 3.69
CA LEU A 45 -5.82 11.82 4.84
C LEU A 45 -5.25 12.36 6.14
N LEU A 46 -3.92 12.44 6.21
CA LEU A 46 -3.25 12.94 7.40
C LEU A 46 -3.77 14.30 7.80
N SER A 47 -4.23 15.08 6.81
CA SER A 47 -4.76 16.41 7.06
C SER A 47 -6.28 16.36 7.25
N SER A 48 -6.76 15.26 7.83
CA SER A 48 -8.18 15.09 8.07
C SER A 48 -8.49 15.14 9.56
N SER A 49 -7.69 15.90 10.31
CA SER A 49 -7.86 16.02 11.74
C SER A 49 -8.26 14.68 12.36
N SER A 50 -7.88 13.60 11.71
CA SER A 50 -8.21 12.26 12.18
C SER A 50 -8.08 11.24 11.07
N PRO A 51 -6.84 11.04 10.57
CA PRO A 51 -6.56 10.09 9.49
C PRO A 51 -6.70 8.65 9.94
N LYS A 52 -7.57 7.90 9.26
CA LYS A 52 -7.80 6.50 9.59
C LYS A 52 -7.33 5.59 8.46
N CYS A 53 -8.05 5.61 7.35
CA CYS A 53 -7.71 4.79 6.19
C CYS A 53 -8.93 4.60 5.29
N THR A 54 -9.00 5.40 4.23
CA THR A 54 -10.11 5.32 3.29
C THR A 54 -10.61 3.90 3.14
N ALA A 55 -9.68 2.95 3.05
CA ALA A 55 -10.02 1.54 2.92
C ALA A 55 -11.01 1.12 3.99
N CYS A 56 -10.52 0.90 5.20
CA CYS A 56 -11.37 0.48 6.32
C CYS A 56 -11.45 1.58 7.37
N GLN A 57 -10.39 2.38 7.47
CA GLN A 57 -10.36 3.47 8.43
C GLN A 57 -9.89 2.97 9.79
N GLU A 58 -8.60 3.16 10.08
CA GLU A 58 -8.03 2.73 11.35
C GLU A 58 -7.14 3.81 11.94
N SER A 59 -6.08 4.16 11.21
CA SER A 59 -5.14 5.19 11.67
C SER A 59 -3.98 5.33 10.70
N ILE A 60 -3.72 6.56 10.27
CA ILE A 60 -2.63 6.84 9.33
C ILE A 60 -1.71 7.92 9.88
N VAL A 61 -0.53 7.51 10.32
CA VAL A 61 0.45 8.44 10.86
C VAL A 61 1.81 8.27 10.18
N LYS A 62 2.29 9.36 9.58
CA LYS A 62 3.58 9.33 8.89
C LYS A 62 4.62 8.55 9.69
N ASP A 63 4.75 8.90 10.96
CA ASP A 63 5.71 8.23 11.84
C ASP A 63 5.45 6.74 11.88
N LYS A 64 4.18 6.36 11.97
CA LYS A 64 3.80 4.95 12.01
C LYS A 64 3.64 4.38 10.61
N VAL A 65 3.80 5.25 9.60
CA VAL A 65 3.68 4.83 8.21
C VAL A 65 5.02 4.35 7.66
N PHE A 66 4.96 3.43 6.71
CA PHE A 66 6.18 2.90 6.09
C PHE A 66 6.29 3.34 4.63
ZN ZN B . -3.84 7.72 -4.17
ZN ZN C . -7.46 -0.05 6.30
N GLY A 1 -3.89 -28.10 -28.09
CA GLY A 1 -4.12 -28.53 -26.72
C GLY A 1 -5.10 -27.65 -25.98
N SER A 2 -4.63 -26.98 -24.93
CA SER A 2 -5.49 -26.10 -24.15
C SER A 2 -6.62 -26.89 -23.49
N SER A 3 -7.38 -26.21 -22.63
CA SER A 3 -8.48 -26.85 -21.92
C SER A 3 -9.75 -25.99 -22.01
N GLY A 4 -10.90 -26.65 -21.90
CA GLY A 4 -12.17 -25.93 -21.96
C GLY A 4 -12.84 -25.82 -20.62
N SER A 5 -12.18 -26.33 -19.58
CA SER A 5 -12.73 -26.29 -18.23
C SER A 5 -12.36 -24.98 -17.54
N SER A 6 -12.77 -24.85 -16.28
CA SER A 6 -12.49 -23.66 -15.50
C SER A 6 -12.72 -23.90 -14.02
N GLY A 7 -11.95 -23.20 -13.18
CA GLY A 7 -12.07 -23.36 -11.74
C GLY A 7 -10.96 -22.67 -10.98
N PHE A 8 -10.13 -23.45 -10.32
CA PHE A 8 -9.01 -22.91 -9.54
C PHE A 8 -8.44 -21.66 -10.23
N VAL A 9 -8.85 -20.50 -9.74
CA VAL A 9 -8.38 -19.22 -10.30
C VAL A 9 -7.18 -18.70 -9.51
N LYS A 10 -6.05 -18.55 -10.20
CA LYS A 10 -4.84 -18.05 -9.58
C LYS A 10 -4.75 -16.54 -9.70
N THR A 11 -4.22 -15.90 -8.65
CA THR A 11 -4.08 -14.45 -8.65
C THR A 11 -2.64 -14.03 -8.37
N VAL A 12 -2.13 -13.11 -9.18
CA VAL A 12 -0.76 -12.64 -9.02
C VAL A 12 -0.71 -11.12 -8.89
N GLU A 13 -0.28 -10.64 -7.73
CA GLU A 13 -0.20 -9.20 -7.48
C GLU A 13 1.22 -8.69 -7.71
N ASP A 14 1.34 -7.60 -8.46
CA ASP A 14 2.63 -7.02 -8.77
C ASP A 14 2.71 -5.57 -8.27
N LYS A 15 3.68 -5.30 -7.41
CA LYS A 15 3.86 -3.95 -6.87
C LYS A 15 2.66 -3.55 -6.01
N TYR A 16 2.79 -2.45 -5.28
CA TYR A 16 1.73 -1.96 -4.43
C TYR A 16 0.82 -0.98 -5.18
N LYS A 17 -0.30 -0.63 -4.56
CA LYS A 17 -1.25 0.29 -5.17
C LYS A 17 -2.01 1.07 -4.10
N CYS A 18 -2.24 2.36 -4.36
CA CYS A 18 -2.96 3.20 -3.42
C CYS A 18 -4.39 2.72 -3.24
N GLU A 19 -4.88 2.77 -2.00
CA GLU A 19 -6.24 2.34 -1.69
C GLU A 19 -7.24 3.46 -1.93
N LYS A 20 -6.90 4.37 -2.84
CA LYS A 20 -7.76 5.49 -3.17
C LYS A 20 -7.86 5.68 -4.68
N CYS A 21 -6.73 5.98 -5.31
CA CYS A 21 -6.70 6.19 -6.76
C CYS A 21 -6.17 4.94 -7.46
N HIS A 22 -5.90 3.89 -6.70
CA HIS A 22 -5.40 2.64 -7.24
C HIS A 22 -4.06 2.85 -7.96
N LEU A 23 -3.36 3.91 -7.56
CA LEU A 23 -2.05 4.23 -8.15
C LEU A 23 -1.01 3.18 -7.78
N VAL A 24 -0.51 2.47 -8.78
CA VAL A 24 0.50 1.44 -8.56
C VAL A 24 1.83 2.06 -8.17
N LEU A 25 2.31 1.72 -6.97
CA LEU A 25 3.58 2.25 -6.49
C LEU A 25 4.49 1.12 -6.01
N CYS A 26 5.76 1.43 -5.80
CA CYS A 26 6.74 0.44 -5.35
C CYS A 26 6.94 0.56 -3.84
N SER A 27 6.90 1.77 -3.33
CA SER A 27 7.09 2.01 -1.89
C SER A 27 5.97 2.90 -1.34
N PRO A 28 4.81 2.28 -1.07
CA PRO A 28 3.64 2.98 -0.53
C PRO A 28 3.85 3.42 0.91
N LYS A 29 2.76 3.76 1.58
CA LYS A 29 2.82 4.20 2.98
C LYS A 29 1.71 3.56 3.80
N GLN A 30 1.99 2.38 4.35
CA GLN A 30 1.01 1.66 5.16
C GLN A 30 0.38 2.58 6.18
N THR A 31 -0.57 2.04 6.95
CA THR A 31 -1.26 2.82 7.97
C THR A 31 -1.37 2.02 9.27
N GLU A 32 -0.65 0.92 9.36
CA GLU A 32 -0.67 0.07 10.54
C GLU A 32 -1.86 -0.88 10.50
N CYS A 33 -2.62 -0.83 9.42
CA CYS A 33 -3.79 -1.69 9.25
C CYS A 33 -3.56 -2.69 8.12
N GLY A 34 -2.71 -2.32 7.16
CA GLY A 34 -2.43 -3.20 6.05
C GLY A 34 -2.56 -2.50 4.71
N HIS A 35 -3.63 -1.73 4.55
CA HIS A 35 -3.87 -0.99 3.31
C HIS A 35 -2.73 -0.03 3.02
N ARG A 36 -2.66 0.45 1.78
CA ARG A 36 -1.61 1.38 1.38
C ARG A 36 -2.20 2.55 0.60
N PHE A 37 -1.43 3.63 0.48
CA PHE A 37 -1.88 4.81 -0.24
C PHE A 37 -0.70 5.50 -0.94
N CYS A 38 -1.02 6.47 -1.81
CA CYS A 38 0.01 7.20 -2.54
C CYS A 38 0.40 8.48 -1.80
N GLU A 39 1.60 8.96 -2.06
CA GLU A 39 2.09 10.17 -1.43
C GLU A 39 0.98 11.20 -1.29
N SER A 40 0.24 11.42 -2.37
CA SER A 40 -0.86 12.39 -2.36
C SER A 40 -1.92 11.99 -1.36
N CYS A 41 -2.84 11.13 -1.78
CA CYS A 41 -3.92 10.67 -0.91
C CYS A 41 -3.45 10.55 0.54
N MET A 42 -2.22 10.08 0.70
CA MET A 42 -1.64 9.92 2.04
C MET A 42 -1.58 11.26 2.76
N ALA A 43 -0.92 12.23 2.15
CA ALA A 43 -0.78 13.55 2.73
C ALA A 43 -2.15 14.19 2.97
N ALA A 44 -3.13 13.80 2.16
CA ALA A 44 -4.48 14.34 2.28
C ALA A 44 -5.16 13.81 3.56
N LEU A 45 -5.25 12.50 3.67
CA LEU A 45 -5.87 11.86 4.83
C LEU A 45 -5.23 12.36 6.12
N LEU A 46 -3.91 12.39 6.14
CA LEU A 46 -3.17 12.84 7.32
C LEU A 46 -3.67 14.20 7.79
N SER A 47 -4.05 15.05 6.84
CA SER A 47 -4.54 16.38 7.16
C SER A 47 -6.06 16.36 7.35
N SER A 48 -6.56 15.25 7.87
CA SER A 48 -7.99 15.10 8.12
C SER A 48 -8.30 15.17 9.60
N SER A 49 -7.47 15.88 10.35
CA SER A 49 -7.65 16.03 11.79
C SER A 49 -8.05 14.70 12.42
N SER A 50 -7.70 13.60 11.76
CA SER A 50 -8.02 12.28 12.25
C SER A 50 -7.94 11.25 11.12
N PRO A 51 -6.72 11.04 10.59
CA PRO A 51 -6.48 10.09 9.51
C PRO A 51 -6.62 8.64 9.97
N LYS A 52 -7.51 7.91 9.31
CA LYS A 52 -7.74 6.51 9.65
C LYS A 52 -7.26 5.59 8.53
N CYS A 53 -7.97 5.60 7.41
CA CYS A 53 -7.61 4.77 6.26
C CYS A 53 -8.82 4.56 5.35
N THR A 54 -8.90 5.36 4.29
CA THR A 54 -9.99 5.25 3.34
C THR A 54 -10.47 3.81 3.21
N ALA A 55 -9.53 2.88 3.12
CA ALA A 55 -9.85 1.47 2.99
C ALA A 55 -10.85 1.04 4.06
N CYS A 56 -10.34 0.82 5.27
CA CYS A 56 -11.19 0.40 6.39
C CYS A 56 -11.28 1.49 7.44
N GLN A 57 -10.25 2.32 7.52
CA GLN A 57 -10.22 3.41 8.49
C GLN A 57 -9.72 2.91 9.85
N GLU A 58 -8.44 3.13 10.13
CA GLU A 58 -7.85 2.70 11.38
C GLU A 58 -7.02 3.84 12.00
N SER A 59 -5.94 4.21 11.32
CA SER A 59 -5.07 5.28 11.81
C SER A 59 -3.85 5.43 10.91
N ILE A 60 -3.78 6.56 10.22
CA ILE A 60 -2.66 6.83 9.31
C ILE A 60 -1.74 7.89 9.89
N VAL A 61 -0.52 7.48 10.27
CA VAL A 61 0.46 8.40 10.84
C VAL A 61 1.81 8.23 10.16
N LYS A 62 2.28 9.32 9.53
CA LYS A 62 3.56 9.30 8.85
C LYS A 62 4.60 8.54 9.65
N ASP A 63 4.59 8.73 10.96
CA ASP A 63 5.53 8.06 11.85
C ASP A 63 5.24 6.56 11.92
N LYS A 64 3.96 6.22 12.05
CA LYS A 64 3.55 4.83 12.13
C LYS A 64 3.43 4.22 10.74
N VAL A 65 3.58 5.05 9.71
CA VAL A 65 3.50 4.59 8.34
C VAL A 65 4.88 4.28 7.77
N PHE A 66 4.98 3.18 7.03
CA PHE A 66 6.25 2.79 6.43
C PHE A 66 6.20 2.89 4.91
ZN ZN B . -3.89 7.76 -4.19
ZN ZN C . -7.28 -0.07 6.39
N GLY A 1 -15.55 -21.06 5.95
CA GLY A 1 -14.12 -20.92 5.76
C GLY A 1 -13.60 -21.72 4.59
N SER A 2 -12.42 -21.37 4.11
CA SER A 2 -11.82 -22.06 2.98
C SER A 2 -10.71 -23.00 3.43
N SER A 3 -10.26 -23.88 2.54
CA SER A 3 -9.21 -24.83 2.85
C SER A 3 -7.93 -24.48 2.10
N GLY A 4 -8.08 -23.81 0.97
CA GLY A 4 -6.92 -23.44 0.16
C GLY A 4 -6.52 -24.51 -0.83
N SER A 5 -5.82 -24.12 -1.87
CA SER A 5 -5.38 -25.06 -2.90
C SER A 5 -3.87 -24.95 -3.13
N SER A 6 -3.10 -25.08 -2.05
CA SER A 6 -1.65 -25.00 -2.14
C SER A 6 -1.06 -26.28 -2.71
N GLY A 7 0.03 -26.13 -3.47
CA GLY A 7 0.66 -27.29 -4.08
C GLY A 7 1.90 -26.91 -4.87
N PHE A 8 1.91 -25.70 -5.41
CA PHE A 8 3.04 -25.22 -6.20
C PHE A 8 3.19 -23.71 -6.06
N VAL A 9 3.82 -23.27 -4.98
CA VAL A 9 4.03 -21.85 -4.74
C VAL A 9 4.68 -21.18 -5.95
N LYS A 10 4.24 -19.96 -6.24
CA LYS A 10 4.78 -19.21 -7.36
C LYS A 10 4.87 -17.72 -7.03
N THR A 11 6.10 -17.20 -7.02
CA THR A 11 6.32 -15.79 -6.71
C THR A 11 5.25 -14.92 -7.34
N VAL A 12 5.10 -13.70 -6.82
CA VAL A 12 4.11 -12.77 -7.32
C VAL A 12 4.76 -11.45 -7.76
N GLU A 13 5.58 -11.53 -8.80
CA GLU A 13 6.28 -10.35 -9.31
C GLU A 13 5.29 -9.22 -9.59
N ASP A 14 5.21 -8.26 -8.68
CA ASP A 14 4.29 -7.13 -8.84
C ASP A 14 4.51 -6.11 -7.72
N LYS A 15 4.12 -4.86 -7.99
CA LYS A 15 4.27 -3.79 -7.02
C LYS A 15 2.99 -3.61 -6.21
N TYR A 16 2.92 -2.53 -5.44
CA TYR A 16 1.75 -2.24 -4.62
C TYR A 16 0.84 -1.23 -5.31
N LYS A 17 -0.22 -0.82 -4.62
CA LYS A 17 -1.17 0.14 -5.17
C LYS A 17 -1.86 0.91 -4.05
N CYS A 18 -2.06 2.21 -4.27
CA CYS A 18 -2.73 3.06 -3.28
C CYS A 18 -4.15 2.57 -3.02
N GLU A 19 -4.56 2.63 -1.75
CA GLU A 19 -5.90 2.20 -1.36
C GLU A 19 -6.91 3.33 -1.55
N LYS A 20 -6.63 4.22 -2.51
CA LYS A 20 -7.50 5.33 -2.79
C LYS A 20 -7.68 5.53 -4.29
N CYS A 21 -6.61 5.91 -4.97
CA CYS A 21 -6.64 6.11 -6.41
C CYS A 21 -6.19 4.87 -7.16
N HIS A 22 -5.87 3.82 -6.40
CA HIS A 22 -5.42 2.56 -6.99
C HIS A 22 -4.15 2.77 -7.80
N LEU A 23 -3.36 3.77 -7.42
CA LEU A 23 -2.11 4.08 -8.12
C LEU A 23 -1.05 3.03 -7.81
N VAL A 24 -0.60 2.32 -8.83
CA VAL A 24 0.42 1.29 -8.67
C VAL A 24 1.77 1.91 -8.31
N LEU A 25 2.23 1.64 -7.09
CA LEU A 25 3.50 2.16 -6.60
C LEU A 25 4.48 1.03 -6.31
N CYS A 26 5.63 1.39 -5.77
CA CYS A 26 6.66 0.39 -5.43
C CYS A 26 7.00 0.44 -3.95
N SER A 27 6.49 1.46 -3.26
CA SER A 27 6.74 1.62 -1.83
C SER A 27 5.83 2.70 -1.24
N PRO A 28 4.58 2.30 -0.93
CA PRO A 28 3.59 3.21 -0.35
C PRO A 28 3.92 3.60 1.09
N LYS A 29 2.94 4.14 1.79
CA LYS A 29 3.13 4.55 3.18
C LYS A 29 2.29 3.71 4.12
N GLN A 30 2.45 2.40 4.05
CA GLN A 30 1.70 1.48 4.90
C GLN A 30 1.44 2.10 6.26
N THR A 31 0.16 2.16 6.65
CA THR A 31 -0.22 2.73 7.93
C THR A 31 -0.06 1.72 9.06
N GLU A 32 -0.85 1.87 10.11
CA GLU A 32 -0.80 0.97 11.25
C GLU A 32 -1.91 -0.07 11.18
N CYS A 33 -2.54 -0.17 10.01
CA CYS A 33 -3.63 -1.13 9.81
C CYS A 33 -3.22 -2.22 8.82
N GLY A 34 -2.35 -1.85 7.88
CA GLY A 34 -1.89 -2.80 6.88
C GLY A 34 -2.02 -2.26 5.47
N HIS A 35 -3.15 -1.63 5.18
CA HIS A 35 -3.40 -1.07 3.84
C HIS A 35 -2.22 -0.19 3.41
N ARG A 36 -2.36 0.42 2.23
CA ARG A 36 -1.32 1.28 1.70
C ARG A 36 -1.91 2.44 0.92
N PHE A 37 -1.15 3.53 0.80
CA PHE A 37 -1.62 4.71 0.08
C PHE A 37 -0.45 5.42 -0.60
N CYS A 38 -0.77 6.31 -1.53
CA CYS A 38 0.25 7.07 -2.25
C CYS A 38 0.60 8.35 -1.51
N GLU A 39 1.67 9.01 -1.95
CA GLU A 39 2.12 10.25 -1.33
C GLU A 39 0.95 11.22 -1.19
N SER A 40 0.36 11.62 -2.31
CA SER A 40 -0.75 12.56 -2.31
C SER A 40 -1.81 12.13 -1.30
N CYS A 41 -2.66 11.19 -1.70
CA CYS A 41 -3.72 10.70 -0.83
C CYS A 41 -3.27 10.68 0.63
N MET A 42 -2.12 10.07 0.87
CA MET A 42 -1.57 9.97 2.21
C MET A 42 -1.54 11.35 2.89
N ALA A 43 -0.99 12.34 2.19
CA ALA A 43 -0.91 13.69 2.71
C ALA A 43 -2.29 14.29 2.90
N ALA A 44 -3.25 13.80 2.13
CA ALA A 44 -4.63 14.29 2.21
C ALA A 44 -5.31 13.79 3.48
N LEU A 45 -5.27 12.48 3.70
CA LEU A 45 -5.89 11.88 4.88
C LEU A 45 -5.31 12.48 6.16
N LEU A 46 -3.99 12.43 6.28
CA LEU A 46 -3.32 12.97 7.45
C LEU A 46 -3.77 14.40 7.74
N SER A 47 -4.11 15.13 6.68
CA SER A 47 -4.56 16.50 6.82
C SER A 47 -6.07 16.57 7.05
N SER A 48 -6.63 15.47 7.55
CA SER A 48 -8.06 15.40 7.82
C SER A 48 -8.33 15.44 9.33
N SER A 49 -7.30 15.79 10.10
CA SER A 49 -7.44 15.87 11.55
C SER A 49 -7.48 14.48 12.16
N SER A 50 -8.49 13.71 11.80
CA SER A 50 -8.66 12.35 12.32
C SER A 50 -8.47 11.32 11.21
N PRO A 51 -7.23 11.22 10.71
CA PRO A 51 -6.88 10.27 9.64
C PRO A 51 -6.90 8.83 10.12
N LYS A 52 -7.70 8.00 9.46
CA LYS A 52 -7.82 6.59 9.81
C LYS A 52 -7.27 5.71 8.70
N CYS A 53 -8.00 5.65 7.59
CA CYS A 53 -7.59 4.84 6.44
C CYS A 53 -8.77 4.54 5.53
N THR A 54 -8.89 5.31 4.46
CA THR A 54 -9.98 5.13 3.51
C THR A 54 -10.37 3.66 3.39
N ALA A 55 -9.37 2.79 3.42
CA ALA A 55 -9.61 1.36 3.31
C ALA A 55 -10.57 0.88 4.38
N CYS A 56 -10.09 0.77 5.61
CA CYS A 56 -10.92 0.32 6.72
C CYS A 56 -11.12 1.44 7.74
N GLN A 57 -10.15 2.36 7.80
CA GLN A 57 -10.23 3.49 8.73
C GLN A 57 -9.73 3.08 10.11
N GLU A 58 -8.44 3.27 10.34
CA GLU A 58 -7.83 2.92 11.62
C GLU A 58 -7.04 4.10 12.18
N SER A 59 -5.93 4.43 11.52
CA SER A 59 -5.07 5.54 11.95
C SER A 59 -3.92 5.73 10.97
N ILE A 60 -3.83 6.93 10.41
CA ILE A 60 -2.76 7.25 9.47
C ILE A 60 -1.86 8.36 10.01
N VAL A 61 -0.58 8.04 10.20
CA VAL A 61 0.38 9.01 10.70
C VAL A 61 1.74 8.84 10.04
N LYS A 62 2.34 9.95 9.62
CA LYS A 62 3.63 9.92 8.96
C LYS A 62 4.68 9.25 9.85
N ASP A 63 4.73 9.67 11.11
CA ASP A 63 5.68 9.11 12.07
C ASP A 63 5.55 7.60 12.15
N LYS A 64 4.30 7.13 12.14
CA LYS A 64 4.02 5.69 12.21
C LYS A 64 4.01 5.07 10.83
N VAL A 65 4.15 5.90 9.80
CA VAL A 65 4.17 5.44 8.42
C VAL A 65 5.60 5.18 7.94
N PHE A 66 5.74 4.25 6.99
CA PHE A 66 7.05 3.91 6.45
C PHE A 66 6.99 3.81 4.92
ZN ZN B . -3.67 7.61 -3.99
ZN ZN C . -6.98 0.06 6.67
N GLY A 1 4.39 -43.52 -23.52
CA GLY A 1 5.28 -43.74 -22.40
C GLY A 1 4.73 -43.16 -21.11
N SER A 2 5.62 -42.97 -20.14
CA SER A 2 5.21 -42.43 -18.84
C SER A 2 6.04 -41.19 -18.50
N SER A 3 5.43 -40.28 -17.74
CA SER A 3 6.10 -39.04 -17.35
C SER A 3 5.56 -38.53 -16.02
N GLY A 4 6.19 -37.48 -15.50
CA GLY A 4 5.75 -36.91 -14.23
C GLY A 4 5.33 -35.47 -14.36
N SER A 5 4.72 -34.93 -13.30
CA SER A 5 4.27 -33.54 -13.31
C SER A 5 5.44 -32.58 -13.38
N SER A 6 5.81 -32.19 -14.60
CA SER A 6 6.92 -31.27 -14.79
C SER A 6 6.45 -29.96 -15.42
N GLY A 7 5.95 -29.06 -14.57
CA GLY A 7 5.47 -27.78 -15.05
C GLY A 7 6.57 -26.75 -15.17
N PHE A 8 6.49 -25.70 -14.36
CA PHE A 8 7.48 -24.64 -14.37
C PHE A 8 7.65 -24.03 -12.98
N VAL A 9 8.86 -23.54 -12.69
CA VAL A 9 9.15 -22.94 -11.41
C VAL A 9 10.11 -21.77 -11.55
N LYS A 10 9.57 -20.55 -11.58
CA LYS A 10 10.38 -19.35 -11.71
C LYS A 10 10.08 -18.35 -10.60
N THR A 11 10.61 -17.15 -10.73
CA THR A 11 10.39 -16.10 -9.73
C THR A 11 9.48 -15.01 -10.28
N VAL A 12 8.61 -14.49 -9.42
CA VAL A 12 7.69 -13.43 -9.81
C VAL A 12 7.67 -12.31 -8.79
N GLU A 13 7.99 -11.10 -9.24
CA GLU A 13 8.01 -9.94 -8.37
C GLU A 13 6.60 -9.51 -7.99
N ASP A 14 6.46 -8.29 -7.47
CA ASP A 14 5.17 -7.77 -7.06
C ASP A 14 5.19 -6.24 -7.03
N LYS A 15 4.13 -5.64 -6.49
CA LYS A 15 4.02 -4.19 -6.41
C LYS A 15 2.85 -3.79 -5.53
N TYR A 16 2.79 -2.51 -5.17
CA TYR A 16 1.71 -2.00 -4.34
C TYR A 16 0.84 -1.02 -5.11
N LYS A 17 -0.29 -0.64 -4.52
CA LYS A 17 -1.22 0.29 -5.15
C LYS A 17 -2.00 1.08 -4.10
N CYS A 18 -2.21 2.36 -4.37
CA CYS A 18 -2.93 3.23 -3.45
C CYS A 18 -4.39 2.77 -3.31
N GLU A 19 -4.89 2.80 -2.07
CA GLU A 19 -6.27 2.39 -1.81
C GLU A 19 -7.25 3.54 -2.07
N LYS A 20 -6.85 4.46 -2.95
CA LYS A 20 -7.68 5.61 -3.29
C LYS A 20 -7.76 5.78 -4.80
N CYS A 21 -6.62 6.05 -5.42
CA CYS A 21 -6.56 6.24 -6.87
C CYS A 21 -6.05 4.99 -7.56
N HIS A 22 -5.81 3.95 -6.77
CA HIS A 22 -5.31 2.69 -7.32
C HIS A 22 -3.98 2.89 -8.03
N LEU A 23 -3.24 3.91 -7.62
CA LEU A 23 -1.94 4.21 -8.22
C LEU A 23 -0.92 3.14 -7.86
N VAL A 24 -0.43 2.43 -8.87
CA VAL A 24 0.57 1.39 -8.66
C VAL A 24 1.89 1.97 -8.18
N LEU A 25 2.25 1.69 -6.93
CA LEU A 25 3.49 2.18 -6.36
C LEU A 25 4.40 1.03 -5.96
N CYS A 26 5.68 1.35 -5.71
CA CYS A 26 6.64 0.34 -5.32
C CYS A 26 7.02 0.49 -3.84
N SER A 27 6.73 1.66 -3.28
CA SER A 27 7.03 1.93 -1.88
C SER A 27 5.97 2.84 -1.26
N PRO A 28 4.78 2.26 -1.00
CA PRO A 28 3.67 2.99 -0.40
C PRO A 28 3.92 3.36 1.06
N LYS A 29 2.86 3.73 1.77
CA LYS A 29 2.97 4.11 3.17
C LYS A 29 2.05 3.25 4.03
N GLN A 30 2.29 1.93 4.02
CA GLN A 30 1.48 1.01 4.80
C GLN A 30 1.05 1.64 6.13
N THR A 31 -0.26 1.71 6.34
CA THR A 31 -0.80 2.30 7.56
C THR A 31 -0.75 1.30 8.72
N GLU A 32 -1.48 1.61 9.78
CA GLU A 32 -1.52 0.74 10.96
C GLU A 32 -2.63 -0.29 10.84
N CYS A 33 -3.19 -0.42 9.64
CA CYS A 33 -4.26 -1.38 9.39
C CYS A 33 -3.85 -2.40 8.34
N GLY A 34 -2.97 -2.00 7.43
CA GLY A 34 -2.51 -2.89 6.39
C GLY A 34 -2.59 -2.27 5.02
N HIS A 35 -3.70 -1.61 4.72
CA HIS A 35 -3.90 -0.96 3.43
C HIS A 35 -2.71 -0.06 3.09
N ARG A 36 -2.73 0.50 1.89
CA ARG A 36 -1.65 1.38 1.45
C ARG A 36 -2.21 2.53 0.60
N PHE A 37 -1.46 3.63 0.56
CA PHE A 37 -1.88 4.80 -0.21
C PHE A 37 -0.68 5.47 -0.88
N CYS A 38 -0.96 6.46 -1.73
CA CYS A 38 0.09 7.17 -2.43
C CYS A 38 0.45 8.47 -1.70
N GLU A 39 1.57 9.07 -2.08
CA GLU A 39 2.03 10.31 -1.46
C GLU A 39 0.87 11.29 -1.30
N SER A 40 0.28 11.69 -2.43
CA SER A 40 -0.84 12.62 -2.42
C SER A 40 -1.91 12.18 -1.42
N CYS A 41 -2.79 11.30 -1.85
CA CYS A 41 -3.87 10.80 -1.00
C CYS A 41 -3.40 10.68 0.45
N MET A 42 -2.24 10.04 0.64
CA MET A 42 -1.69 9.86 1.98
C MET A 42 -1.61 11.19 2.72
N ALA A 43 -0.95 12.17 2.10
CA ALA A 43 -0.82 13.49 2.70
C ALA A 43 -2.18 14.12 2.97
N ALA A 44 -3.16 13.76 2.16
CA ALA A 44 -4.51 14.29 2.30
C ALA A 44 -5.16 13.77 3.58
N LEU A 45 -5.25 12.46 3.71
CA LEU A 45 -5.85 11.83 4.88
C LEU A 45 -5.21 12.35 6.16
N LEU A 46 -3.89 12.22 6.25
CA LEU A 46 -3.15 12.67 7.43
C LEU A 46 -3.50 14.12 7.76
N SER A 47 -3.85 14.90 6.74
CA SER A 47 -4.21 16.30 6.94
C SER A 47 -5.72 16.45 7.11
N SER A 48 -6.37 15.39 7.59
CA SER A 48 -7.81 15.40 7.80
C SER A 48 -8.14 15.44 9.29
N SER A 49 -7.14 15.75 10.11
CA SER A 49 -7.32 15.80 11.55
C SER A 49 -7.41 14.41 12.15
N SER A 50 -8.37 13.62 11.67
CA SER A 50 -8.56 12.27 12.16
C SER A 50 -8.40 11.25 11.03
N PRO A 51 -7.15 11.08 10.56
CA PRO A 51 -6.83 10.15 9.48
C PRO A 51 -6.98 8.69 9.92
N LYS A 52 -7.81 7.94 9.19
CA LYS A 52 -8.04 6.54 9.51
C LYS A 52 -7.53 5.65 8.37
N CYS A 53 -8.23 5.68 7.25
CA CYS A 53 -7.85 4.87 6.09
C CYS A 53 -9.03 4.68 5.15
N THR A 54 -9.13 5.53 4.13
CA THR A 54 -10.21 5.44 3.16
C THR A 54 -10.65 4.00 2.95
N ALA A 55 -9.69 3.09 2.96
CA ALA A 55 -9.97 1.67 2.76
C ALA A 55 -11.02 1.19 3.76
N CYS A 56 -10.59 1.00 5.01
CA CYS A 56 -11.48 0.54 6.07
C CYS A 56 -11.66 1.61 7.14
N GLN A 57 -10.69 2.51 7.24
CA GLN A 57 -10.74 3.57 8.23
C GLN A 57 -10.23 3.10 9.59
N GLU A 58 -8.95 3.29 9.83
CA GLU A 58 -8.33 2.87 11.08
C GLU A 58 -7.49 4.00 11.68
N SER A 59 -6.29 4.19 11.13
CA SER A 59 -5.38 5.23 11.60
C SER A 59 -4.21 5.40 10.64
N ILE A 60 -3.88 6.65 10.34
CA ILE A 60 -2.78 6.95 9.44
C ILE A 60 -1.89 8.06 10.00
N VAL A 61 -0.63 7.74 10.24
CA VAL A 61 0.32 8.71 10.78
C VAL A 61 1.68 8.58 10.09
N LYS A 62 2.18 9.69 9.57
CA LYS A 62 3.48 9.70 8.90
C LYS A 62 4.53 8.99 9.75
N ASP A 63 4.53 9.27 11.04
CA ASP A 63 5.50 8.66 11.95
C ASP A 63 5.24 7.16 12.07
N LYS A 64 3.97 6.77 12.01
CA LYS A 64 3.59 5.37 12.11
C LYS A 64 3.54 4.71 10.74
N VAL A 65 3.81 5.50 9.70
CA VAL A 65 3.80 4.99 8.33
C VAL A 65 5.18 4.50 7.92
N PHE A 66 5.21 3.54 7.01
CA PHE A 66 6.47 2.98 6.52
C PHE A 66 6.96 3.73 5.29
ZN ZN B . -3.82 7.79 -4.24
ZN ZN C . -7.56 0.05 6.16
N GLY A 1 9.93 -37.07 7.75
CA GLY A 1 11.28 -37.24 8.24
C GLY A 1 11.96 -35.92 8.57
N SER A 2 12.40 -35.20 7.55
CA SER A 2 13.07 -33.92 7.74
C SER A 2 13.05 -33.11 6.45
N SER A 3 12.77 -31.81 6.58
CA SER A 3 12.73 -30.92 5.42
C SER A 3 14.10 -30.33 5.14
N GLY A 4 14.18 -29.49 4.10
CA GLY A 4 15.44 -28.88 3.74
C GLY A 4 15.40 -28.25 2.37
N SER A 5 16.11 -28.84 1.42
CA SER A 5 16.15 -28.33 0.06
C SER A 5 14.81 -27.73 -0.35
N SER A 6 14.73 -26.40 -0.31
CA SER A 6 13.50 -25.70 -0.66
C SER A 6 13.77 -24.21 -0.86
N GLY A 7 13.90 -23.81 -2.12
CA GLY A 7 14.16 -22.41 -2.44
C GLY A 7 13.60 -22.01 -3.79
N PHE A 8 13.53 -20.71 -4.03
CA PHE A 8 13.01 -20.19 -5.29
C PHE A 8 14.13 -19.98 -6.31
N VAL A 9 13.80 -20.11 -7.59
CA VAL A 9 14.77 -19.94 -8.66
C VAL A 9 14.20 -19.10 -9.78
N LYS A 10 13.20 -18.30 -9.48
CA LYS A 10 12.56 -17.43 -10.47
C LYS A 10 12.27 -16.05 -9.89
N THR A 11 12.31 -15.04 -10.75
CA THR A 11 12.05 -13.67 -10.33
C THR A 11 10.71 -13.55 -9.62
N VAL A 12 10.43 -12.38 -9.07
CA VAL A 12 9.17 -12.14 -8.37
C VAL A 12 8.55 -10.82 -8.80
N GLU A 13 7.62 -10.88 -9.74
CA GLU A 13 6.96 -9.69 -10.24
C GLU A 13 5.77 -9.32 -9.36
N ASP A 14 5.85 -8.15 -8.73
CA ASP A 14 4.78 -7.67 -7.85
C ASP A 14 5.00 -6.21 -7.47
N LYS A 15 3.94 -5.57 -7.00
CA LYS A 15 4.01 -4.16 -6.60
C LYS A 15 2.82 -3.79 -5.72
N TYR A 16 2.79 -2.54 -5.27
CA TYR A 16 1.71 -2.05 -4.42
C TYR A 16 0.83 -1.06 -5.17
N LYS A 17 -0.29 -0.70 -4.56
CA LYS A 17 -1.23 0.23 -5.17
C LYS A 17 -1.99 1.02 -4.10
N CYS A 18 -2.20 2.30 -4.35
CA CYS A 18 -2.92 3.16 -3.42
C CYS A 18 -4.35 2.70 -3.24
N GLU A 19 -4.84 2.74 -2.01
CA GLU A 19 -6.20 2.33 -1.70
C GLU A 19 -7.19 3.46 -1.95
N LYS A 20 -6.82 4.37 -2.84
CA LYS A 20 -7.67 5.51 -3.16
C LYS A 20 -7.78 5.69 -4.68
N CYS A 21 -6.66 5.99 -5.32
CA CYS A 21 -6.64 6.18 -6.77
C CYS A 21 -6.14 4.93 -7.47
N HIS A 22 -5.86 3.89 -6.70
CA HIS A 22 -5.37 2.63 -7.24
C HIS A 22 -4.05 2.84 -7.99
N LEU A 23 -3.31 3.85 -7.58
CA LEU A 23 -2.03 4.16 -8.20
C LEU A 23 -0.98 3.11 -7.84
N VAL A 24 -0.48 2.41 -8.86
CA VAL A 24 0.54 1.38 -8.65
C VAL A 24 1.87 1.99 -8.23
N LEU A 25 2.29 1.70 -7.01
CA LEU A 25 3.55 2.23 -6.49
C LEU A 25 4.47 1.09 -6.05
N CYS A 26 5.72 1.42 -5.76
CA CYS A 26 6.70 0.43 -5.33
C CYS A 26 6.92 0.51 -3.82
N SER A 27 6.89 1.74 -3.30
CA SER A 27 7.09 1.96 -1.86
C SER A 27 5.98 2.83 -1.29
N PRO A 28 4.82 2.21 -1.04
CA PRO A 28 3.65 2.91 -0.48
C PRO A 28 3.86 3.31 0.97
N LYS A 29 2.77 3.64 1.64
CA LYS A 29 2.83 4.05 3.05
C LYS A 29 1.93 3.17 3.91
N GLN A 30 2.12 1.86 3.80
CA GLN A 30 1.33 0.91 4.57
C GLN A 30 1.02 1.46 5.96
N THR A 31 -0.23 1.87 6.16
CA THR A 31 -0.64 2.41 7.44
C THR A 31 -0.43 1.41 8.57
N GLU A 32 -1.24 1.52 9.62
CA GLU A 32 -1.14 0.62 10.76
C GLU A 32 -2.25 -0.43 10.72
N CYS A 33 -2.93 -0.54 9.58
CA CYS A 33 -4.01 -1.49 9.41
C CYS A 33 -3.65 -2.54 8.37
N GLY A 34 -2.85 -2.14 7.38
CA GLY A 34 -2.44 -3.07 6.34
C GLY A 34 -2.53 -2.45 4.96
N HIS A 35 -3.64 -1.78 4.68
CA HIS A 35 -3.84 -1.13 3.38
C HIS A 35 -2.65 -0.24 3.02
N ARG A 36 -2.73 0.40 1.87
CA ARG A 36 -1.66 1.28 1.41
C ARG A 36 -2.22 2.47 0.62
N PHE A 37 -1.44 3.53 0.51
CA PHE A 37 -1.86 4.72 -0.21
C PHE A 37 -0.67 5.41 -0.88
N CYS A 38 -0.96 6.40 -1.71
CA CYS A 38 0.09 7.13 -2.42
C CYS A 38 0.44 8.42 -1.69
N GLU A 39 1.57 9.01 -2.05
CA GLU A 39 2.02 10.25 -1.43
C GLU A 39 0.85 11.23 -1.27
N SER A 40 0.27 11.64 -2.39
CA SER A 40 -0.85 12.58 -2.36
C SER A 40 -1.91 12.13 -1.37
N CYS A 41 -2.79 11.23 -1.80
CA CYS A 41 -3.85 10.73 -0.94
C CYS A 41 -3.38 10.63 0.51
N MET A 42 -2.21 10.04 0.70
CA MET A 42 -1.65 9.89 2.04
C MET A 42 -1.61 11.22 2.77
N ALA A 43 -0.90 12.18 2.19
CA ALA A 43 -0.78 13.50 2.79
C ALA A 43 -2.15 14.15 2.96
N ALA A 44 -3.12 13.69 2.18
CA ALA A 44 -4.47 14.23 2.25
C ALA A 44 -5.20 13.74 3.50
N LEU A 45 -5.16 12.42 3.71
CA LEU A 45 -5.82 11.83 4.88
C LEU A 45 -5.23 12.37 6.17
N LEU A 46 -3.91 12.46 6.22
CA LEU A 46 -3.22 12.97 7.41
C LEU A 46 -3.76 14.35 7.81
N SER A 47 -4.22 15.10 6.81
CA SER A 47 -4.76 16.43 7.06
C SER A 47 -6.27 16.38 7.25
N SER A 48 -6.75 15.27 7.80
CA SER A 48 -8.18 15.09 8.04
C SER A 48 -8.49 15.13 9.53
N SER A 49 -7.69 15.90 10.28
CA SER A 49 -7.87 16.01 11.71
C SER A 49 -8.27 14.68 12.33
N SER A 50 -7.88 13.59 11.68
CA SER A 50 -8.20 12.26 12.15
C SER A 50 -8.06 11.23 11.03
N PRO A 51 -6.82 11.05 10.55
CA PRO A 51 -6.52 10.10 9.47
C PRO A 51 -6.66 8.65 9.93
N LYS A 52 -7.51 7.90 9.22
CA LYS A 52 -7.74 6.49 9.55
C LYS A 52 -7.26 5.59 8.41
N CYS A 53 -7.97 5.61 7.30
CA CYS A 53 -7.62 4.79 6.14
C CYS A 53 -8.83 4.60 5.23
N THR A 54 -8.92 5.41 4.18
CA THR A 54 -10.02 5.33 3.24
C THR A 54 -10.50 3.89 3.08
N ALA A 55 -9.56 2.95 3.07
CA ALA A 55 -9.89 1.53 2.94
C ALA A 55 -10.89 1.10 3.99
N CYS A 56 -10.42 0.93 5.23
CA CYS A 56 -11.28 0.51 6.32
C CYS A 56 -11.41 1.62 7.37
N GLN A 57 -10.39 2.48 7.44
CA GLN A 57 -10.39 3.59 8.39
C GLN A 57 -9.88 3.12 9.75
N GLU A 58 -8.58 3.24 9.97
CA GLU A 58 -7.98 2.84 11.23
C GLU A 58 -7.10 3.94 11.80
N SER A 59 -5.95 4.16 11.16
CA SER A 59 -5.01 5.19 11.60
C SER A 59 -3.88 5.36 10.59
N ILE A 60 -3.54 6.61 10.30
CA ILE A 60 -2.48 6.91 9.35
C ILE A 60 -1.58 8.03 9.87
N VAL A 61 -0.40 7.65 10.37
CA VAL A 61 0.56 8.62 10.89
C VAL A 61 1.90 8.49 10.20
N LYS A 62 2.33 9.57 9.56
CA LYS A 62 3.61 9.59 8.85
C LYS A 62 4.69 8.84 9.65
N ASP A 63 4.77 9.13 10.95
CA ASP A 63 5.73 8.49 11.82
C ASP A 63 5.53 6.98 11.84
N LYS A 64 4.26 6.56 11.90
CA LYS A 64 3.93 5.15 11.93
C LYS A 64 3.79 4.58 10.52
N VAL A 65 3.84 5.48 9.53
CA VAL A 65 3.73 5.08 8.13
C VAL A 65 5.10 4.87 7.51
N PHE A 66 5.24 3.79 6.75
CA PHE A 66 6.50 3.47 6.10
C PHE A 66 6.38 2.21 5.25
ZN ZN B . -3.84 7.72 -4.20
ZN ZN C . -7.37 -0.03 6.27
N GLY A 1 11.31 -46.22 -11.01
CA GLY A 1 10.77 -45.09 -10.28
C GLY A 1 11.31 -43.77 -10.78
N SER A 2 10.50 -42.72 -10.63
CA SER A 2 10.90 -41.39 -11.08
C SER A 2 10.53 -40.33 -10.04
N SER A 3 11.32 -40.27 -8.97
CA SER A 3 11.06 -39.30 -7.90
C SER A 3 12.11 -38.20 -7.92
N GLY A 4 11.88 -37.19 -8.76
CA GLY A 4 12.81 -36.08 -8.87
C GLY A 4 12.81 -35.45 -10.25
N SER A 5 12.24 -34.25 -10.36
CA SER A 5 12.18 -33.55 -11.63
C SER A 5 12.45 -32.06 -11.44
N SER A 6 12.59 -31.35 -12.55
CA SER A 6 12.85 -29.91 -12.51
C SER A 6 11.77 -29.19 -11.71
N GLY A 7 12.04 -28.98 -10.43
CA GLY A 7 11.08 -28.30 -9.57
C GLY A 7 10.99 -26.81 -9.87
N PHE A 8 9.78 -26.33 -10.13
CA PHE A 8 9.56 -24.92 -10.43
C PHE A 8 8.78 -24.24 -9.33
N VAL A 9 9.30 -23.12 -8.83
CA VAL A 9 8.64 -22.37 -7.78
C VAL A 9 7.65 -21.36 -8.34
N LYS A 10 6.46 -21.32 -7.74
CA LYS A 10 5.41 -20.40 -8.18
C LYS A 10 5.54 -19.05 -7.50
N THR A 11 5.41 -17.98 -8.29
CA THR A 11 5.51 -16.63 -7.75
C THR A 11 5.10 -15.60 -8.79
N VAL A 12 4.80 -14.39 -8.33
CA VAL A 12 4.39 -13.30 -9.21
C VAL A 12 5.11 -12.00 -8.88
N GLU A 13 5.74 -11.41 -9.88
CA GLU A 13 6.47 -10.16 -9.69
C GLU A 13 5.58 -8.96 -9.99
N ASP A 14 5.47 -8.05 -9.03
CA ASP A 14 4.64 -6.85 -9.20
C ASP A 14 4.94 -5.83 -8.10
N LYS A 15 4.10 -4.81 -8.01
CA LYS A 15 4.26 -3.76 -7.02
C LYS A 15 2.98 -3.58 -6.20
N TYR A 16 2.92 -2.50 -5.43
CA TYR A 16 1.75 -2.21 -4.62
C TYR A 16 0.84 -1.21 -5.31
N LYS A 17 -0.23 -0.81 -4.62
CA LYS A 17 -1.18 0.14 -5.17
C LYS A 17 -1.88 0.92 -4.06
N CYS A 18 -2.09 2.21 -4.28
CA CYS A 18 -2.75 3.06 -3.30
C CYS A 18 -4.18 2.58 -3.03
N GLU A 19 -4.59 2.64 -1.77
CA GLU A 19 -5.93 2.20 -1.38
C GLU A 19 -6.94 3.34 -1.57
N LYS A 20 -6.65 4.22 -2.54
CA LYS A 20 -7.53 5.34 -2.82
C LYS A 20 -7.71 5.53 -4.32
N CYS A 21 -6.63 5.90 -5.00
CA CYS A 21 -6.67 6.10 -6.44
C CYS A 21 -6.21 4.85 -7.19
N HIS A 22 -5.88 3.81 -6.43
CA HIS A 22 -5.43 2.55 -7.02
C HIS A 22 -4.15 2.76 -7.82
N LEU A 23 -3.36 3.76 -7.44
CA LEU A 23 -2.12 4.06 -8.13
C LEU A 23 -1.06 3.02 -7.81
N VAL A 24 -0.59 2.31 -8.82
CA VAL A 24 0.43 1.28 -8.65
C VAL A 24 1.78 1.91 -8.30
N LEU A 25 2.23 1.66 -7.08
CA LEU A 25 3.50 2.19 -6.60
C LEU A 25 4.49 1.07 -6.31
N CYS A 26 5.66 1.43 -5.79
CA CYS A 26 6.69 0.46 -5.46
C CYS A 26 7.03 0.51 -3.97
N SER A 27 6.45 1.48 -3.27
CA SER A 27 6.70 1.64 -1.85
C SER A 27 5.78 2.71 -1.26
N PRO A 28 4.54 2.32 -0.95
CA PRO A 28 3.53 3.23 -0.38
C PRO A 28 3.86 3.62 1.06
N LYS A 29 2.87 4.16 1.76
CA LYS A 29 3.06 4.58 3.15
C LYS A 29 2.24 3.71 4.09
N GLN A 30 2.47 2.39 4.03
CA GLN A 30 1.75 1.45 4.88
C GLN A 30 1.46 2.07 6.24
N THR A 31 0.17 2.17 6.57
CA THR A 31 -0.24 2.74 7.85
C THR A 31 -0.07 1.73 8.98
N GLU A 32 -0.87 1.88 10.03
CA GLU A 32 -0.81 0.98 11.17
C GLU A 32 -1.92 -0.06 11.12
N CYS A 33 -2.56 -0.17 9.96
CA CYS A 33 -3.65 -1.13 9.77
C CYS A 33 -3.25 -2.21 8.77
N GLY A 34 -2.37 -1.85 7.83
CA GLY A 34 -1.93 -2.80 6.83
C GLY A 34 -2.05 -2.25 5.42
N HIS A 35 -3.19 -1.64 5.13
CA HIS A 35 -3.43 -1.07 3.80
C HIS A 35 -2.26 -0.18 3.36
N ARG A 36 -2.38 0.42 2.19
CA ARG A 36 -1.34 1.28 1.66
C ARG A 36 -1.94 2.45 0.89
N PHE A 37 -1.19 3.54 0.78
CA PHE A 37 -1.65 4.73 0.06
C PHE A 37 -0.48 5.45 -0.61
N CYS A 38 -0.80 6.31 -1.56
CA CYS A 38 0.22 7.06 -2.28
C CYS A 38 0.56 8.36 -1.54
N GLU A 39 1.67 8.98 -1.94
CA GLU A 39 2.11 10.23 -1.31
C GLU A 39 0.95 11.20 -1.18
N SER A 40 0.37 11.60 -2.32
CA SER A 40 -0.75 12.53 -2.32
C SER A 40 -1.81 12.12 -1.32
N CYS A 41 -2.67 11.18 -1.72
CA CYS A 41 -3.74 10.70 -0.86
C CYS A 41 -3.30 10.68 0.60
N MET A 42 -2.15 10.07 0.85
CA MET A 42 -1.61 9.98 2.20
C MET A 42 -1.59 11.36 2.87
N ALA A 43 -0.97 12.32 2.20
CA ALA A 43 -0.88 13.68 2.73
C ALA A 43 -2.27 14.29 2.91
N ALA A 44 -3.23 13.79 2.14
CA ALA A 44 -4.61 14.29 2.22
C ALA A 44 -5.29 13.79 3.49
N LEU A 45 -5.26 12.47 3.70
CA LEU A 45 -5.87 11.88 4.88
C LEU A 45 -5.30 12.47 6.16
N LEU A 46 -3.98 12.44 6.28
CA LEU A 46 -3.30 12.98 7.45
C LEU A 46 -3.77 14.41 7.75
N SER A 47 -4.10 15.15 6.69
CA SER A 47 -4.55 16.52 6.84
C SER A 47 -6.07 16.56 7.08
N SER A 48 -6.61 15.46 7.58
CA SER A 48 -8.04 15.37 7.85
C SER A 48 -8.30 15.40 9.36
N SER A 49 -7.28 15.76 10.12
CA SER A 49 -7.40 15.83 11.58
C SER A 49 -7.43 14.43 12.18
N SER A 50 -8.47 13.67 11.85
CA SER A 50 -8.63 12.32 12.36
C SER A 50 -8.46 11.28 11.24
N PRO A 51 -7.23 11.18 10.72
CA PRO A 51 -6.89 10.24 9.65
C PRO A 51 -6.93 8.79 10.11
N LYS A 52 -7.75 7.98 9.44
CA LYS A 52 -7.87 6.57 9.79
C LYS A 52 -7.32 5.68 8.67
N CYS A 53 -8.04 5.63 7.56
CA CYS A 53 -7.63 4.83 6.41
C CYS A 53 -8.81 4.54 5.50
N THR A 54 -8.92 5.31 4.43
CA THR A 54 -10.01 5.13 3.48
C THR A 54 -10.40 3.67 3.35
N ALA A 55 -9.40 2.79 3.38
CA ALA A 55 -9.65 1.36 3.26
C ALA A 55 -10.62 0.88 4.33
N CYS A 56 -10.14 0.77 5.56
CA CYS A 56 -10.97 0.31 6.67
C CYS A 56 -11.17 1.44 7.68
N GLN A 57 -10.21 2.34 7.75
CA GLN A 57 -10.28 3.46 8.69
C GLN A 57 -9.80 3.06 10.07
N GLU A 58 -8.50 3.24 10.32
CA GLU A 58 -7.92 2.89 11.61
C GLU A 58 -7.11 4.05 12.17
N SER A 59 -6.01 4.38 11.49
CA SER A 59 -5.15 5.47 11.93
C SER A 59 -3.99 5.67 10.96
N ILE A 60 -3.81 6.91 10.49
CA ILE A 60 -2.73 7.23 9.56
C ILE A 60 -1.85 8.34 10.11
N VAL A 61 -0.58 8.03 10.34
CA VAL A 61 0.37 9.00 10.85
C VAL A 61 1.74 8.85 10.18
N LYS A 62 2.24 9.94 9.62
CA LYS A 62 3.53 9.93 8.95
C LYS A 62 4.59 9.24 9.81
N ASP A 63 4.68 9.65 11.06
CA ASP A 63 5.65 9.06 11.99
C ASP A 63 5.48 7.54 12.06
N LYS A 64 4.23 7.10 12.09
CA LYS A 64 3.93 5.68 12.15
C LYS A 64 3.88 5.06 10.76
N VAL A 65 4.09 5.89 9.74
CA VAL A 65 4.06 5.44 8.36
C VAL A 65 5.48 5.29 7.81
N PHE A 66 5.66 4.31 6.93
CA PHE A 66 6.97 4.06 6.33
C PHE A 66 7.09 4.77 4.98
ZN ZN B . -3.70 7.61 -4.03
ZN ZN C . -7.03 0.05 6.63
N GLY A 1 35.02 -21.25 -13.05
CA GLY A 1 33.82 -21.61 -12.33
C GLY A 1 32.56 -21.39 -13.13
N SER A 2 31.68 -20.53 -12.64
CA SER A 2 30.42 -20.25 -13.32
C SER A 2 30.28 -18.75 -13.60
N SER A 3 29.34 -18.40 -14.47
CA SER A 3 29.11 -17.00 -14.82
C SER A 3 27.62 -16.67 -14.74
N GLY A 4 27.18 -16.25 -13.56
CA GLY A 4 25.79 -15.89 -13.38
C GLY A 4 25.09 -16.81 -12.39
N SER A 5 23.77 -16.91 -12.51
CA SER A 5 22.98 -17.75 -11.61
C SER A 5 22.41 -18.95 -12.36
N SER A 6 21.50 -19.67 -11.71
CA SER A 6 20.88 -20.84 -12.31
C SER A 6 19.40 -20.59 -12.59
N GLY A 7 18.76 -21.55 -13.24
CA GLY A 7 17.35 -21.42 -13.56
C GLY A 7 17.06 -20.19 -14.41
N PHE A 8 15.78 -19.95 -14.68
CA PHE A 8 15.38 -18.80 -15.48
C PHE A 8 14.38 -17.93 -14.72
N VAL A 9 14.89 -17.14 -13.78
CA VAL A 9 14.06 -16.26 -12.98
C VAL A 9 14.74 -14.92 -12.75
N LYS A 10 14.02 -13.84 -13.02
CA LYS A 10 14.55 -12.49 -12.83
C LYS A 10 13.60 -11.64 -12.00
N THR A 11 12.30 -11.84 -12.19
CA THR A 11 11.29 -11.10 -11.46
C THR A 11 10.18 -12.01 -10.97
N VAL A 12 9.21 -11.43 -10.25
CA VAL A 12 8.09 -12.20 -9.72
C VAL A 12 6.82 -11.36 -9.70
N GLU A 13 6.71 -10.44 -10.65
CA GLU A 13 5.54 -9.57 -10.74
C GLU A 13 4.98 -9.26 -9.36
N ASP A 14 5.48 -8.19 -8.75
CA ASP A 14 5.03 -7.80 -7.42
C ASP A 14 5.13 -6.28 -7.24
N LYS A 15 4.02 -5.67 -6.84
CA LYS A 15 3.98 -4.22 -6.64
C LYS A 15 2.82 -3.83 -5.72
N TYR A 16 2.79 -2.57 -5.34
CA TYR A 16 1.73 -2.07 -4.46
C TYR A 16 0.83 -1.07 -5.20
N LYS A 17 -0.28 -0.72 -4.58
CA LYS A 17 -1.22 0.23 -5.17
C LYS A 17 -1.97 1.00 -4.09
N CYS A 18 -2.19 2.29 -4.35
CA CYS A 18 -2.90 3.14 -3.39
C CYS A 18 -4.34 2.67 -3.20
N GLU A 19 -4.81 2.71 -1.96
CA GLU A 19 -6.16 2.29 -1.65
C GLU A 19 -7.16 3.42 -1.87
N LYS A 20 -6.79 4.35 -2.75
CA LYS A 20 -7.64 5.49 -3.05
C LYS A 20 -7.77 5.67 -4.57
N CYS A 21 -6.66 5.98 -5.22
CA CYS A 21 -6.65 6.19 -6.66
C CYS A 21 -6.15 4.93 -7.38
N HIS A 22 -5.88 3.88 -6.62
CA HIS A 22 -5.39 2.62 -7.18
C HIS A 22 -4.09 2.84 -7.94
N LEU A 23 -3.33 3.85 -7.53
CA LEU A 23 -2.06 4.16 -8.17
C LEU A 23 -1.00 3.10 -7.83
N VAL A 24 -0.51 2.42 -8.85
CA VAL A 24 0.50 1.39 -8.65
C VAL A 24 1.84 2.00 -8.24
N LEU A 25 2.28 1.72 -7.02
CA LEU A 25 3.54 2.24 -6.51
C LEU A 25 4.46 1.11 -6.09
N CYS A 26 5.72 1.45 -5.80
CA CYS A 26 6.70 0.46 -5.38
C CYS A 26 6.94 0.55 -3.87
N SER A 27 6.84 1.76 -3.33
CA SER A 27 7.06 1.97 -1.90
C SER A 27 5.95 2.83 -1.31
N PRO A 28 4.79 2.20 -1.06
CA PRO A 28 3.62 2.88 -0.50
C PRO A 28 3.83 3.28 0.97
N LYS A 29 2.74 3.59 1.65
CA LYS A 29 2.80 3.99 3.05
C LYS A 29 1.89 3.11 3.91
N GLN A 30 2.12 1.80 3.87
CA GLN A 30 1.32 0.86 4.64
C GLN A 30 1.00 1.42 6.02
N THR A 31 -0.26 1.79 6.22
CA THR A 31 -0.70 2.35 7.50
C THR A 31 -0.54 1.32 8.62
N GLU A 32 -1.18 1.59 9.75
CA GLU A 32 -1.12 0.69 10.90
C GLU A 32 -2.24 -0.35 10.85
N CYS A 33 -2.89 -0.45 9.69
CA CYS A 33 -3.98 -1.40 9.50
C CYS A 33 -3.63 -2.44 8.46
N GLY A 34 -2.81 -2.04 7.48
CA GLY A 34 -2.41 -2.96 6.42
C GLY A 34 -2.50 -2.32 5.05
N HIS A 35 -3.64 -1.70 4.76
CA HIS A 35 -3.85 -1.05 3.46
C HIS A 35 -2.68 -0.14 3.12
N ARG A 36 -2.64 0.33 1.88
CA ARG A 36 -1.58 1.20 1.42
C ARG A 36 -2.14 2.39 0.63
N PHE A 37 -1.38 3.47 0.57
CA PHE A 37 -1.80 4.66 -0.16
C PHE A 37 -0.61 5.34 -0.83
N CYS A 38 -0.90 6.35 -1.65
CA CYS A 38 0.14 7.08 -2.36
C CYS A 38 0.50 8.36 -1.62
N GLU A 39 1.59 9.00 -2.04
CA GLU A 39 2.05 10.24 -1.42
C GLU A 39 0.89 11.21 -1.24
N SER A 40 0.29 11.63 -2.35
CA SER A 40 -0.82 12.57 -2.31
C SER A 40 -1.87 12.12 -1.31
N CYS A 41 -2.75 11.21 -1.74
CA CYS A 41 -3.80 10.70 -0.88
C CYS A 41 -3.33 10.61 0.57
N MET A 42 -2.17 10.00 0.77
CA MET A 42 -1.61 9.86 2.11
C MET A 42 -1.55 11.19 2.83
N ALA A 43 -0.96 12.19 2.18
CA ALA A 43 -0.85 13.52 2.76
C ALA A 43 -2.22 14.17 2.92
N ALA A 44 -3.18 13.69 2.14
CA ALA A 44 -4.54 14.22 2.20
C ALA A 44 -5.27 13.74 3.44
N LEU A 45 -5.17 12.44 3.71
CA LEU A 45 -5.83 11.84 4.87
C LEU A 45 -5.24 12.40 6.16
N LEU A 46 -3.92 12.50 6.20
CA LEU A 46 -3.22 13.02 7.39
C LEU A 46 -3.72 14.41 7.75
N SER A 47 -4.26 15.12 6.75
CA SER A 47 -4.77 16.48 6.96
C SER A 47 -6.28 16.45 7.18
N SER A 48 -6.77 15.35 7.75
CA SER A 48 -8.20 15.20 8.00
C SER A 48 -8.49 15.29 9.50
N SER A 49 -7.60 15.95 10.24
CA SER A 49 -7.75 16.09 11.68
C SER A 49 -8.14 14.76 12.32
N SER A 50 -7.86 13.67 11.63
CA SER A 50 -8.17 12.34 12.13
C SER A 50 -8.04 11.30 11.02
N PRO A 51 -6.80 11.10 10.54
CA PRO A 51 -6.51 10.14 9.47
C PRO A 51 -6.66 8.69 9.95
N LYS A 52 -7.51 7.94 9.26
CA LYS A 52 -7.74 6.54 9.61
C LYS A 52 -7.28 5.62 8.49
N CYS A 53 -8.02 5.63 7.38
CA CYS A 53 -7.68 4.79 6.23
C CYS A 53 -8.89 4.60 5.34
N THR A 54 -8.97 5.39 4.27
CA THR A 54 -10.09 5.30 3.33
C THR A 54 -10.59 3.87 3.21
N ALA A 55 -9.65 2.92 3.09
CA ALA A 55 -10.01 1.52 2.97
C ALA A 55 -11.00 1.10 4.06
N CYS A 56 -10.49 0.87 5.26
CA CYS A 56 -11.32 0.47 6.38
C CYS A 56 -11.39 1.57 7.44
N GLN A 57 -10.32 2.36 7.53
CA GLN A 57 -10.27 3.46 8.48
C GLN A 57 -9.80 2.96 9.85
N GLU A 58 -8.51 3.14 10.14
CA GLU A 58 -7.95 2.69 11.41
C GLU A 58 -7.06 3.78 12.01
N SER A 59 -6.03 4.17 11.26
CA SER A 59 -5.10 5.20 11.72
C SER A 59 -3.93 5.34 10.75
N ILE A 60 -3.67 6.58 10.33
CA ILE A 60 -2.59 6.85 9.40
C ILE A 60 -1.66 7.94 9.95
N VAL A 61 -0.39 7.58 10.14
CA VAL A 61 0.59 8.52 10.66
C VAL A 61 1.94 8.36 9.96
N LYS A 62 2.41 9.43 9.35
CA LYS A 62 3.69 9.40 8.64
C LYS A 62 4.75 8.70 9.47
N ASP A 63 4.85 9.05 10.74
CA ASP A 63 5.82 8.44 11.64
C ASP A 63 5.59 6.95 11.76
N LYS A 64 4.32 6.55 11.87
CA LYS A 64 3.97 5.15 11.99
C LYS A 64 3.83 4.49 10.62
N VAL A 65 3.94 5.31 9.57
CA VAL A 65 3.84 4.81 8.20
C VAL A 65 5.17 4.25 7.71
N PHE A 66 5.11 3.18 6.94
CA PHE A 66 6.31 2.55 6.40
C PHE A 66 6.17 2.30 4.90
ZN ZN B . -3.80 7.70 -4.13
ZN ZN C . -7.42 -0.04 6.41
N GLY A 1 22.27 -34.50 -18.50
CA GLY A 1 21.21 -33.54 -18.76
C GLY A 1 19.94 -33.86 -18.00
N SER A 2 20.09 -34.54 -16.86
CA SER A 2 18.94 -34.90 -16.04
C SER A 2 18.59 -33.79 -15.05
N SER A 3 18.79 -32.55 -15.49
CA SER A 3 18.51 -31.39 -14.65
C SER A 3 17.01 -31.27 -14.38
N GLY A 4 16.64 -30.38 -13.47
CA GLY A 4 15.24 -30.18 -13.13
C GLY A 4 14.35 -30.16 -14.37
N SER A 5 13.13 -30.66 -14.21
CA SER A 5 12.18 -30.71 -15.32
C SER A 5 11.24 -29.51 -15.28
N SER A 6 11.82 -28.31 -15.17
CA SER A 6 11.03 -27.09 -15.12
C SER A 6 11.28 -26.23 -16.35
N GLY A 7 10.30 -25.40 -16.70
CA GLY A 7 10.43 -24.55 -17.87
C GLY A 7 11.51 -23.50 -17.70
N PHE A 8 11.49 -22.49 -18.56
CA PHE A 8 12.48 -21.42 -18.50
C PHE A 8 12.45 -20.72 -17.15
N VAL A 9 13.59 -20.71 -16.46
CA VAL A 9 13.69 -20.07 -15.16
C VAL A 9 13.03 -18.70 -15.17
N LYS A 10 11.85 -18.61 -14.58
CA LYS A 10 11.10 -17.36 -14.52
C LYS A 10 10.71 -17.03 -13.08
N THR A 11 10.33 -15.77 -12.85
CA THR A 11 9.93 -15.34 -11.51
C THR A 11 8.61 -14.59 -11.56
N VAL A 12 8.19 -14.06 -10.41
CA VAL A 12 6.94 -13.31 -10.33
C VAL A 12 7.18 -11.92 -9.74
N GLU A 13 6.85 -10.89 -10.52
CA GLU A 13 7.02 -9.52 -10.08
C GLU A 13 5.68 -8.90 -9.71
N ASP A 14 5.64 -8.26 -8.54
CA ASP A 14 4.41 -7.62 -8.07
C ASP A 14 4.66 -6.15 -7.73
N LYS A 15 3.73 -5.55 -6.99
CA LYS A 15 3.86 -4.16 -6.60
C LYS A 15 2.66 -3.72 -5.75
N TYR A 16 2.75 -2.54 -5.16
CA TYR A 16 1.68 -2.01 -4.33
C TYR A 16 0.83 -1.02 -5.10
N LYS A 17 -0.32 -0.66 -4.52
CA LYS A 17 -1.24 0.29 -5.16
C LYS A 17 -2.02 1.08 -4.12
N CYS A 18 -2.22 2.36 -4.38
CA CYS A 18 -2.95 3.23 -3.46
C CYS A 18 -4.40 2.77 -3.33
N GLU A 19 -4.93 2.81 -2.10
CA GLU A 19 -6.29 2.40 -1.84
C GLU A 19 -7.27 3.55 -2.11
N LYS A 20 -6.86 4.47 -2.99
CA LYS A 20 -7.69 5.62 -3.33
C LYS A 20 -7.76 5.79 -4.84
N CYS A 21 -6.62 6.08 -5.46
CA CYS A 21 -6.55 6.27 -6.90
C CYS A 21 -6.03 5.02 -7.60
N HIS A 22 -5.80 3.97 -6.81
CA HIS A 22 -5.30 2.71 -7.35
C HIS A 22 -3.97 2.90 -8.05
N LEU A 23 -3.24 3.93 -7.65
CA LEU A 23 -1.93 4.22 -8.24
C LEU A 23 -0.91 3.15 -7.87
N VAL A 24 -0.40 2.45 -8.88
CA VAL A 24 0.58 1.40 -8.67
C VAL A 24 1.92 1.99 -8.21
N LEU A 25 2.29 1.70 -6.96
CA LEU A 25 3.54 2.19 -6.41
C LEU A 25 4.44 1.04 -5.97
N CYS A 26 5.71 1.34 -5.72
CA CYS A 26 6.67 0.32 -5.29
C CYS A 26 7.08 0.55 -3.83
N SER A 27 6.67 1.69 -3.27
CA SER A 27 7.00 2.03 -1.90
C SER A 27 5.92 2.91 -1.28
N PRO A 28 4.75 2.32 -1.01
CA PRO A 28 3.62 3.03 -0.42
C PRO A 28 3.87 3.40 1.03
N LYS A 29 2.80 3.74 1.75
CA LYS A 29 2.91 4.12 3.15
C LYS A 29 2.00 3.25 4.01
N GLN A 30 2.19 1.95 3.94
CA GLN A 30 1.39 1.00 4.71
C GLN A 30 1.04 1.58 6.07
N THR A 31 -0.25 1.82 6.30
CA THR A 31 -0.72 2.37 7.56
C THR A 31 -0.58 1.37 8.70
N GLU A 32 -1.44 1.49 9.71
CA GLU A 32 -1.41 0.59 10.85
C GLU A 32 -2.52 -0.45 10.75
N CYS A 33 -3.12 -0.55 9.57
CA CYS A 33 -4.20 -1.50 9.34
C CYS A 33 -3.81 -2.54 8.28
N GLY A 34 -2.96 -2.11 7.35
CA GLY A 34 -2.51 -3.00 6.29
C GLY A 34 -2.58 -2.35 4.92
N HIS A 35 -3.71 -1.73 4.61
CA HIS A 35 -3.90 -1.07 3.32
C HIS A 35 -2.70 -0.16 3.00
N ARG A 36 -2.75 0.47 1.84
CA ARG A 36 -1.68 1.36 1.41
C ARG A 36 -2.23 2.53 0.59
N PHE A 37 -1.46 3.60 0.52
CA PHE A 37 -1.88 4.79 -0.22
C PHE A 37 -0.68 5.46 -0.88
N CYS A 38 -0.96 6.44 -1.74
CA CYS A 38 0.09 7.17 -2.44
C CYS A 38 0.44 8.45 -1.70
N GLU A 39 1.56 9.07 -2.09
CA GLU A 39 2.01 10.30 -1.46
C GLU A 39 0.85 11.28 -1.29
N SER A 40 0.27 11.69 -2.40
CA SER A 40 -0.86 12.63 -2.38
C SER A 40 -1.92 12.17 -1.39
N CYS A 41 -2.80 11.28 -1.84
CA CYS A 41 -3.87 10.77 -0.98
C CYS A 41 -3.39 10.64 0.46
N MET A 42 -2.24 10.02 0.65
CA MET A 42 -1.68 9.83 1.99
C MET A 42 -1.64 11.16 2.75
N ALA A 43 -0.96 12.15 2.16
CA ALA A 43 -0.85 13.45 2.78
C ALA A 43 -2.22 14.07 3.03
N ALA A 44 -3.17 13.77 2.15
CA ALA A 44 -4.53 14.28 2.28
C ALA A 44 -5.20 13.77 3.54
N LEU A 45 -5.21 12.45 3.71
CA LEU A 45 -5.81 11.83 4.88
C LEU A 45 -5.15 12.32 6.16
N LEU A 46 -3.83 12.35 6.17
CA LEU A 46 -3.08 12.81 7.34
C LEU A 46 -3.55 14.19 7.79
N SER A 47 -3.99 14.99 6.83
CA SER A 47 -4.47 16.34 7.12
C SER A 47 -5.98 16.34 7.34
N SER A 48 -6.50 15.23 7.84
CA SER A 48 -7.93 15.09 8.10
C SER A 48 -8.21 15.13 9.60
N SER A 49 -7.37 15.84 10.34
CA SER A 49 -7.54 15.95 11.78
C SER A 49 -7.96 14.62 12.39
N SER A 50 -7.62 13.52 11.70
CA SER A 50 -7.98 12.20 12.17
C SER A 50 -7.90 11.18 11.03
N PRO A 51 -6.67 10.97 10.52
CA PRO A 51 -6.43 10.03 9.43
C PRO A 51 -6.61 8.58 9.85
N LYS A 52 -7.50 7.87 9.17
CA LYS A 52 -7.77 6.47 9.48
C LYS A 52 -7.31 5.56 8.34
N CYS A 53 -8.02 5.62 7.22
CA CYS A 53 -7.68 4.81 6.05
C CYS A 53 -8.89 4.64 5.14
N THR A 54 -8.98 5.49 4.12
CA THR A 54 -10.09 5.43 3.17
C THR A 54 -10.57 4.00 2.97
N ALA A 55 -9.63 3.06 2.97
CA ALA A 55 -9.96 1.65 2.78
C ALA A 55 -10.99 1.20 3.81
N CYS A 56 -10.55 1.00 5.05
CA CYS A 56 -11.43 0.57 6.11
C CYS A 56 -11.58 1.65 7.18
N GLN A 57 -10.57 2.52 7.27
CA GLN A 57 -10.58 3.60 8.25
C GLN A 57 -10.07 3.11 9.61
N GLU A 58 -8.77 3.25 9.82
CA GLU A 58 -8.16 2.82 11.08
C GLU A 58 -7.28 3.92 11.65
N SER A 59 -6.08 4.07 11.09
CA SER A 59 -5.14 5.08 11.54
C SER A 59 -3.96 5.22 10.57
N ILE A 60 -3.60 6.45 10.26
CA ILE A 60 -2.49 6.71 9.35
C ILE A 60 -1.58 7.81 9.89
N VAL A 61 -0.44 7.40 10.43
CA VAL A 61 0.53 8.34 10.99
C VAL A 61 1.89 8.19 10.30
N LYS A 62 2.38 9.29 9.73
CA LYS A 62 3.66 9.28 9.06
C LYS A 62 4.70 8.52 9.87
N ASP A 63 4.69 8.73 11.18
CA ASP A 63 5.63 8.06 12.07
C ASP A 63 5.39 6.55 12.09
N LYS A 64 4.12 6.16 12.10
CA LYS A 64 3.74 4.76 12.11
C LYS A 64 3.68 4.19 10.70
N VAL A 65 3.76 5.08 9.70
CA VAL A 65 3.71 4.66 8.31
C VAL A 65 5.10 4.23 7.82
N PHE A 66 5.11 3.23 6.94
CA PHE A 66 6.37 2.73 6.40
C PHE A 66 6.14 2.09 5.03
ZN ZN B . -3.81 7.78 -4.26
ZN ZN C . -7.52 -0.02 6.16
N GLY A 1 7.82 -9.84 -25.74
CA GLY A 1 7.90 -9.42 -27.12
C GLY A 1 9.01 -10.12 -27.88
N SER A 2 10.02 -9.36 -28.29
CA SER A 2 11.14 -9.90 -29.04
C SER A 2 11.83 -11.01 -28.24
N SER A 3 12.25 -10.68 -27.03
CA SER A 3 12.93 -11.65 -26.17
C SER A 3 11.94 -12.31 -25.20
N GLY A 4 11.08 -11.49 -24.61
CA GLY A 4 10.08 -12.01 -23.68
C GLY A 4 10.65 -12.18 -22.28
N SER A 5 10.24 -11.29 -21.38
CA SER A 5 10.71 -11.34 -20.00
C SER A 5 10.71 -12.77 -19.48
N SER A 6 11.89 -13.24 -19.07
CA SER A 6 12.03 -14.60 -18.55
C SER A 6 12.01 -14.61 -17.02
N GLY A 7 11.04 -15.32 -16.46
CA GLY A 7 10.94 -15.40 -15.01
C GLY A 7 9.96 -16.47 -14.56
N PHE A 8 10.44 -17.40 -13.73
CA PHE A 8 9.61 -18.48 -13.23
C PHE A 8 8.35 -17.94 -12.58
N VAL A 9 7.54 -18.85 -12.03
CA VAL A 9 6.30 -18.46 -11.37
C VAL A 9 6.43 -18.52 -9.85
N LYS A 10 7.67 -18.43 -9.37
CA LYS A 10 7.94 -18.48 -7.94
C LYS A 10 8.24 -17.09 -7.40
N THR A 11 8.86 -16.25 -8.22
CA THR A 11 9.20 -14.89 -7.83
C THR A 11 7.96 -14.05 -7.62
N VAL A 12 8.15 -12.83 -7.13
CA VAL A 12 7.03 -11.91 -6.89
C VAL A 12 7.11 -10.69 -7.79
N GLU A 13 6.70 -10.85 -9.03
CA GLU A 13 6.73 -9.76 -10.01
C GLU A 13 5.45 -8.92 -9.91
N ASP A 14 5.45 -7.96 -9.00
CA ASP A 14 4.30 -7.09 -8.80
C ASP A 14 4.56 -6.09 -7.68
N LYS A 15 4.06 -4.87 -7.85
CA LYS A 15 4.23 -3.83 -6.84
C LYS A 15 2.94 -3.61 -6.05
N TYR A 16 2.88 -2.51 -5.31
CA TYR A 16 1.71 -2.19 -4.52
C TYR A 16 0.81 -1.20 -5.24
N LYS A 17 -0.24 -0.75 -4.56
CA LYS A 17 -1.18 0.21 -5.14
C LYS A 17 -1.92 0.97 -4.04
N CYS A 18 -2.12 2.26 -4.28
CA CYS A 18 -2.80 3.12 -3.31
C CYS A 18 -4.24 2.64 -3.09
N GLU A 19 -4.68 2.68 -1.84
CA GLU A 19 -6.03 2.25 -1.50
C GLU A 19 -7.04 3.38 -1.71
N LYS A 20 -6.72 4.27 -2.64
CA LYS A 20 -7.60 5.39 -2.95
C LYS A 20 -7.75 5.57 -4.46
N CYS A 21 -6.67 5.94 -5.13
CA CYS A 21 -6.68 6.14 -6.57
C CYS A 21 -6.19 4.88 -7.30
N HIS A 22 -5.87 3.85 -6.53
CA HIS A 22 -5.39 2.60 -7.09
C HIS A 22 -4.09 2.82 -7.87
N LEU A 23 -3.35 3.84 -7.49
CA LEU A 23 -2.09 4.15 -8.15
C LEU A 23 -1.03 3.12 -7.81
N VAL A 24 -0.53 2.43 -8.84
CA VAL A 24 0.49 1.40 -8.66
C VAL A 24 1.82 2.02 -8.22
N LEU A 25 2.26 1.69 -7.01
CA LEU A 25 3.51 2.21 -6.48
C LEU A 25 4.50 1.09 -6.22
N CYS A 26 5.60 1.42 -5.55
CA CYS A 26 6.62 0.44 -5.23
C CYS A 26 6.97 0.46 -3.75
N SER A 27 6.38 1.41 -3.03
CA SER A 27 6.63 1.55 -1.60
C SER A 27 5.75 2.65 -1.00
N PRO A 28 4.49 2.31 -0.71
CA PRO A 28 3.52 3.25 -0.14
C PRO A 28 3.86 3.62 1.31
N LYS A 29 2.88 4.18 2.01
CA LYS A 29 3.07 4.58 3.40
C LYS A 29 2.18 3.75 4.33
N GLN A 30 2.40 2.44 4.32
CA GLN A 30 1.61 1.54 5.16
C GLN A 30 1.25 2.20 6.49
N THR A 31 -0.02 2.06 6.89
CA THR A 31 -0.50 2.65 8.13
C THR A 31 -0.42 1.65 9.28
N GLU A 32 -1.30 1.83 10.26
CA GLU A 32 -1.34 0.94 11.42
C GLU A 32 -2.43 -0.11 11.26
N CYS A 33 -2.95 -0.24 10.04
CA CYS A 33 -4.00 -1.21 9.75
C CYS A 33 -3.53 -2.22 8.71
N GLY A 34 -2.63 -1.78 7.83
CA GLY A 34 -2.12 -2.67 6.80
C GLY A 34 -2.24 -2.06 5.41
N HIS A 35 -3.42 -1.54 5.09
CA HIS A 35 -3.66 -0.93 3.79
C HIS A 35 -2.51 0.00 3.40
N ARG A 36 -2.53 0.47 2.16
CA ARG A 36 -1.48 1.36 1.67
C ARG A 36 -2.09 2.53 0.90
N PHE A 37 -1.27 3.55 0.64
CA PHE A 37 -1.73 4.73 -0.08
C PHE A 37 -0.56 5.43 -0.77
N CYS A 38 -0.87 6.38 -1.64
CA CYS A 38 0.14 7.13 -2.36
C CYS A 38 0.49 8.42 -1.64
N GLU A 39 1.62 9.03 -1.99
CA GLU A 39 2.05 10.27 -1.37
C GLU A 39 0.88 11.24 -1.22
N SER A 40 0.29 11.63 -2.35
CA SER A 40 -0.83 12.56 -2.34
C SER A 40 -1.88 12.12 -1.34
N CYS A 41 -2.76 11.21 -1.75
CA CYS A 41 -3.82 10.71 -0.88
C CYS A 41 -3.35 10.65 0.57
N MET A 42 -2.20 10.02 0.78
CA MET A 42 -1.64 9.88 2.13
C MET A 42 -1.58 11.24 2.82
N ALA A 43 -0.95 12.21 2.18
CA ALA A 43 -0.83 13.55 2.75
C ALA A 43 -2.20 14.18 2.97
N ALA A 44 -3.16 13.79 2.13
CA ALA A 44 -4.52 14.30 2.23
C ALA A 44 -5.20 13.81 3.50
N LEU A 45 -5.25 12.50 3.67
CA LEU A 45 -5.88 11.89 4.84
C LEU A 45 -5.27 12.44 6.13
N LEU A 46 -3.95 12.39 6.23
CA LEU A 46 -3.24 12.88 7.40
C LEU A 46 -3.62 14.32 7.69
N SER A 47 -3.83 15.10 6.64
CA SER A 47 -4.20 16.51 6.79
C SER A 47 -5.56 16.64 7.45
N SER A 48 -6.26 15.52 7.60
CA SER A 48 -7.58 15.51 8.20
C SER A 48 -7.48 15.64 9.72
N SER A 49 -8.59 16.01 10.36
CA SER A 49 -8.63 16.16 11.81
C SER A 49 -8.63 14.80 12.51
N SER A 50 -8.62 13.74 11.71
CA SER A 50 -8.63 12.38 12.25
C SER A 50 -8.45 11.35 11.13
N PRO A 51 -7.21 11.21 10.65
CA PRO A 51 -6.88 10.26 9.58
C PRO A 51 -6.99 8.80 10.04
N LYS A 52 -7.81 8.03 9.35
CA LYS A 52 -8.00 6.62 9.68
C LYS A 52 -7.46 5.73 8.58
N CYS A 53 -8.15 5.71 7.44
CA CYS A 53 -7.74 4.89 6.31
C CYS A 53 -8.92 4.62 5.38
N THR A 54 -9.02 5.42 4.32
CA THR A 54 -10.10 5.26 3.35
C THR A 54 -10.51 3.80 3.20
N ALA A 55 -9.52 2.92 3.24
CA ALA A 55 -9.78 1.48 3.11
C ALA A 55 -10.80 1.02 4.15
N CYS A 56 -10.35 0.89 5.39
CA CYS A 56 -11.21 0.45 6.48
C CYS A 56 -11.43 1.56 7.50
N GLN A 57 -10.47 2.48 7.58
CA GLN A 57 -10.54 3.59 8.51
C GLN A 57 -10.06 3.18 9.90
N GLU A 58 -8.76 3.34 10.14
CA GLU A 58 -8.18 2.98 11.42
C GLU A 58 -7.35 4.14 11.99
N SER A 59 -6.19 4.38 11.38
CA SER A 59 -5.30 5.45 11.82
C SER A 59 -4.15 5.65 10.86
N ILE A 60 -3.85 6.90 10.54
CA ILE A 60 -2.75 7.21 9.62
C ILE A 60 -1.90 8.36 10.15
N VAL A 61 -0.62 8.08 10.39
CA VAL A 61 0.30 9.08 10.90
C VAL A 61 1.65 8.98 10.21
N LYS A 62 2.19 10.12 9.79
CA LYS A 62 3.49 10.16 9.12
C LYS A 62 4.56 9.51 9.98
N ASP A 63 4.48 9.71 11.29
CA ASP A 63 5.44 9.14 12.22
C ASP A 63 5.31 7.62 12.27
N LYS A 64 4.07 7.13 12.30
CA LYS A 64 3.82 5.71 12.35
C LYS A 64 3.81 5.11 10.95
N VAL A 65 4.02 5.95 9.95
CA VAL A 65 4.03 5.50 8.56
C VAL A 65 5.45 5.14 8.12
N PHE A 66 5.56 4.14 7.26
CA PHE A 66 6.87 3.70 6.76
C PHE A 66 6.71 2.94 5.45
ZN ZN B . -3.81 7.65 -4.09
ZN ZN C . -7.27 0.10 6.54
N GLY A 1 10.97 -13.56 -21.99
CA GLY A 1 10.89 -14.75 -22.80
C GLY A 1 11.77 -14.68 -24.04
N SER A 2 11.25 -15.13 -25.17
CA SER A 2 12.00 -15.12 -26.42
C SER A 2 13.28 -15.94 -26.29
N SER A 3 13.89 -16.25 -27.43
CA SER A 3 15.12 -17.03 -27.45
C SER A 3 16.24 -16.31 -26.69
N GLY A 4 16.54 -16.78 -25.48
CA GLY A 4 17.58 -16.17 -24.69
C GLY A 4 18.59 -17.17 -24.20
N SER A 5 19.49 -16.73 -23.31
CA SER A 5 20.52 -17.60 -22.76
C SER A 5 19.95 -18.50 -21.67
N SER A 6 19.65 -17.91 -20.52
CA SER A 6 19.10 -18.65 -19.40
C SER A 6 18.37 -17.72 -18.42
N GLY A 7 17.39 -18.26 -17.72
CA GLY A 7 16.63 -17.46 -16.77
C GLY A 7 15.16 -17.35 -17.15
N PHE A 8 14.66 -16.12 -17.23
CA PHE A 8 13.27 -15.87 -17.58
C PHE A 8 12.36 -16.91 -16.92
N VAL A 9 12.75 -17.36 -15.73
CA VAL A 9 11.96 -18.35 -15.00
C VAL A 9 12.07 -18.13 -13.50
N LYS A 10 11.12 -18.70 -12.75
CA LYS A 10 11.11 -18.56 -11.30
C LYS A 10 10.99 -17.09 -10.89
N THR A 11 11.09 -16.84 -9.60
CA THR A 11 10.99 -15.48 -9.07
C THR A 11 9.59 -14.91 -9.27
N VAL A 12 9.18 -14.04 -8.35
CA VAL A 12 7.85 -13.42 -8.44
C VAL A 12 7.96 -11.90 -8.35
N GLU A 13 7.35 -11.23 -9.32
CA GLU A 13 7.37 -9.77 -9.37
C GLU A 13 5.99 -9.19 -9.06
N ASP A 14 5.91 -8.38 -8.01
CA ASP A 14 4.66 -7.77 -7.61
C ASP A 14 4.82 -6.26 -7.42
N LYS A 15 3.83 -5.64 -6.79
CA LYS A 15 3.87 -4.20 -6.54
C LYS A 15 2.68 -3.76 -5.68
N TYR A 16 2.72 -2.53 -5.20
CA TYR A 16 1.66 -1.99 -4.37
C TYR A 16 0.80 -1.00 -5.15
N LYS A 17 -0.34 -0.64 -4.58
CA LYS A 17 -1.25 0.31 -5.22
C LYS A 17 -2.05 1.09 -4.18
N CYS A 18 -2.24 2.38 -4.43
CA CYS A 18 -2.98 3.24 -3.52
C CYS A 18 -4.44 2.78 -3.41
N GLU A 19 -4.97 2.82 -2.18
CA GLU A 19 -6.34 2.40 -1.94
C GLU A 19 -7.32 3.55 -2.21
N LYS A 20 -6.90 4.48 -3.07
CA LYS A 20 -7.72 5.63 -3.42
C LYS A 20 -7.76 5.82 -4.93
N CYS A 21 -6.61 6.10 -5.53
CA CYS A 21 -6.52 6.30 -6.96
C CYS A 21 -6.00 5.05 -7.67
N HIS A 22 -5.78 4.00 -6.89
CA HIS A 22 -5.28 2.74 -7.43
C HIS A 22 -3.93 2.93 -8.09
N LEU A 23 -3.20 3.95 -7.66
CA LEU A 23 -1.89 4.24 -8.20
C LEU A 23 -0.87 3.18 -7.79
N VAL A 24 -0.38 2.43 -8.78
CA VAL A 24 0.60 1.37 -8.52
C VAL A 24 1.94 1.96 -8.10
N LEU A 25 2.34 1.70 -6.86
CA LEU A 25 3.61 2.20 -6.35
C LEU A 25 4.50 1.05 -5.89
N CYS A 26 5.78 1.35 -5.66
CA CYS A 26 6.73 0.35 -5.22
C CYS A 26 6.94 0.43 -3.70
N SER A 27 7.00 1.65 -3.18
CA SER A 27 7.21 1.87 -1.76
C SER A 27 6.13 2.78 -1.18
N PRO A 28 4.94 2.20 -0.96
CA PRO A 28 3.79 2.95 -0.41
C PRO A 28 4.00 3.32 1.05
N LYS A 29 2.90 3.69 1.72
CA LYS A 29 2.96 4.08 3.12
C LYS A 29 2.04 3.21 3.96
N GLN A 30 2.29 1.91 3.97
CA GLN A 30 1.47 0.97 4.74
C GLN A 30 1.07 1.58 6.08
N THR A 31 -0.20 1.92 6.21
CA THR A 31 -0.72 2.51 7.44
C THR A 31 -0.58 1.54 8.61
N GLU A 32 -1.45 1.69 9.61
CA GLU A 32 -1.42 0.83 10.78
C GLU A 32 -2.51 -0.23 10.69
N CYS A 33 -3.09 -0.39 9.51
CA CYS A 33 -4.15 -1.37 9.29
C CYS A 33 -3.73 -2.41 8.26
N GLY A 34 -2.88 -1.98 7.32
CA GLY A 34 -2.41 -2.89 6.28
C GLY A 34 -2.47 -2.27 4.91
N HIS A 35 -3.61 -1.66 4.58
CA HIS A 35 -3.80 -1.02 3.28
C HIS A 35 -2.62 -0.11 2.96
N ARG A 36 -2.64 0.48 1.77
CA ARG A 36 -1.58 1.37 1.33
C ARG A 36 -2.14 2.51 0.47
N PHE A 37 -1.46 3.65 0.51
CA PHE A 37 -1.89 4.81 -0.26
C PHE A 37 -0.70 5.49 -0.92
N CYS A 38 -0.99 6.46 -1.80
CA CYS A 38 0.06 7.19 -2.49
C CYS A 38 0.41 8.47 -1.75
N GLU A 39 1.54 9.08 -2.14
CA GLU A 39 1.99 10.31 -1.50
C GLU A 39 0.83 11.29 -1.32
N SER A 40 0.21 11.68 -2.44
CA SER A 40 -0.91 12.61 -2.41
C SER A 40 -1.97 12.16 -1.41
N CYS A 41 -2.85 11.27 -1.86
CA CYS A 41 -3.93 10.76 -1.01
C CYS A 41 -3.44 10.63 0.44
N MET A 42 -2.25 10.06 0.61
CA MET A 42 -1.68 9.88 1.94
C MET A 42 -1.62 11.20 2.70
N ALA A 43 -0.93 12.17 2.11
CA ALA A 43 -0.80 13.48 2.73
C ALA A 43 -2.16 14.10 3.02
N ALA A 44 -3.13 13.79 2.16
CA ALA A 44 -4.48 14.31 2.32
C ALA A 44 -5.12 13.80 3.61
N LEU A 45 -5.26 12.48 3.71
CA LEU A 45 -5.86 11.87 4.89
C LEU A 45 -5.18 12.36 6.16
N LEU A 46 -3.86 12.21 6.22
CA LEU A 46 -3.08 12.63 7.38
C LEU A 46 -3.45 14.06 7.78
N SER A 47 -3.70 14.90 6.78
CA SER A 47 -4.06 16.29 7.04
C SER A 47 -5.56 16.43 7.25
N SER A 48 -6.20 15.37 7.74
CA SER A 48 -7.63 15.38 7.99
C SER A 48 -7.92 15.40 9.48
N SER A 49 -6.90 15.68 10.28
CA SER A 49 -7.05 15.73 11.72
C SER A 49 -7.14 14.32 12.31
N SER A 50 -8.12 13.56 11.84
CA SER A 50 -8.31 12.20 12.32
C SER A 50 -8.31 11.20 11.16
N PRO A 51 -7.11 10.97 10.60
CA PRO A 51 -6.94 10.03 9.48
C PRO A 51 -7.16 8.58 9.88
N LYS A 52 -7.92 7.86 9.08
CA LYS A 52 -8.20 6.45 9.35
C LYS A 52 -7.66 5.55 8.25
N CYS A 53 -8.33 5.58 7.09
CA CYS A 53 -7.91 4.77 5.95
C CYS A 53 -9.07 4.54 5.00
N THR A 54 -9.20 5.41 4.00
CA THR A 54 -10.27 5.29 3.01
C THR A 54 -10.63 3.83 2.76
N ALA A 55 -9.63 2.96 2.80
CA ALA A 55 -9.84 1.54 2.58
C ALA A 55 -10.90 0.99 3.52
N CYS A 56 -10.53 0.83 4.79
CA CYS A 56 -11.45 0.30 5.80
C CYS A 56 -11.75 1.36 6.87
N GLN A 57 -10.85 2.32 6.99
CA GLN A 57 -11.01 3.39 7.98
C GLN A 57 -10.55 2.93 9.36
N GLU A 58 -9.27 3.09 9.64
CA GLU A 58 -8.72 2.69 10.92
C GLU A 58 -7.94 3.84 11.56
N SER A 59 -6.66 3.94 11.22
CA SER A 59 -5.80 5.00 11.76
C SER A 59 -4.51 5.12 10.96
N ILE A 60 -4.31 6.29 10.36
CA ILE A 60 -3.12 6.54 9.56
C ILE A 60 -2.16 7.50 10.27
N VAL A 61 -0.89 7.14 10.32
CA VAL A 61 0.12 7.97 10.96
C VAL A 61 1.49 7.75 10.34
N LYS A 62 2.10 8.84 9.87
CA LYS A 62 3.42 8.77 9.25
C LYS A 62 4.40 8.02 10.14
N ASP A 63 4.51 8.45 11.40
CA ASP A 63 5.40 7.81 12.35
C ASP A 63 5.23 6.31 12.34
N LYS A 64 4.00 5.86 12.13
CA LYS A 64 3.69 4.43 12.10
C LYS A 64 3.64 3.92 10.66
N VAL A 65 3.59 4.85 9.71
CA VAL A 65 3.53 4.49 8.30
C VAL A 65 4.93 4.24 7.74
N PHE A 66 5.06 3.17 6.97
CA PHE A 66 6.34 2.82 6.37
C PHE A 66 6.60 3.63 5.10
ZN ZN B . -3.79 7.81 -4.29
ZN ZN C . -7.51 -0.04 6.09
N GLY A 1 2.52 -14.29 -25.97
CA GLY A 1 1.31 -14.40 -25.17
C GLY A 1 0.45 -15.58 -25.58
N SER A 2 -0.64 -15.79 -24.86
CA SER A 2 -1.55 -16.89 -25.15
C SER A 2 -1.00 -18.21 -24.62
N SER A 3 0.13 -18.64 -25.17
CA SER A 3 0.76 -19.89 -24.77
C SER A 3 1.61 -19.68 -23.52
N GLY A 4 1.95 -18.42 -23.24
CA GLY A 4 2.76 -18.11 -22.08
C GLY A 4 1.92 -17.73 -20.87
N SER A 5 2.44 -18.01 -19.69
CA SER A 5 1.73 -17.69 -18.45
C SER A 5 2.44 -16.59 -17.69
N SER A 6 3.77 -16.57 -17.78
CA SER A 6 4.58 -15.58 -17.09
C SER A 6 4.59 -14.26 -17.87
N GLY A 7 4.71 -13.16 -17.14
CA GLY A 7 4.73 -11.85 -17.77
C GLY A 7 6.14 -11.31 -17.94
N PHE A 8 6.63 -10.60 -16.94
CA PHE A 8 7.97 -10.03 -17.01
C PHE A 8 8.99 -10.96 -16.35
N VAL A 9 9.40 -11.99 -17.10
CA VAL A 9 10.37 -12.96 -16.59
C VAL A 9 9.69 -14.00 -15.72
N LYS A 10 10.48 -14.99 -15.27
CA LYS A 10 9.95 -16.05 -14.43
C LYS A 10 9.34 -15.47 -13.15
N THR A 11 8.37 -16.19 -12.60
CA THR A 11 7.70 -15.74 -11.37
C THR A 11 6.99 -14.41 -11.58
N VAL A 12 5.88 -14.22 -10.87
CA VAL A 12 5.12 -12.98 -10.98
C VAL A 12 5.76 -11.86 -10.15
N GLU A 13 6.24 -10.83 -10.84
CA GLU A 13 6.88 -9.70 -10.16
C GLU A 13 6.07 -8.43 -10.39
N ASP A 14 5.36 -8.00 -9.35
CA ASP A 14 4.55 -6.79 -9.43
C ASP A 14 4.88 -5.84 -8.28
N LYS A 15 4.05 -4.81 -8.11
CA LYS A 15 4.25 -3.83 -7.05
C LYS A 15 2.98 -3.65 -6.23
N TYR A 16 2.93 -2.55 -5.47
CA TYR A 16 1.77 -2.26 -4.64
C TYR A 16 0.83 -1.28 -5.33
N LYS A 17 -0.17 -0.81 -4.60
CA LYS A 17 -1.14 0.14 -5.15
C LYS A 17 -1.83 0.91 -4.03
N CYS A 18 -2.05 2.21 -4.25
CA CYS A 18 -2.70 3.05 -3.27
C CYS A 18 -4.12 2.58 -2.99
N GLU A 19 -4.53 2.62 -1.72
CA GLU A 19 -5.86 2.19 -1.33
C GLU A 19 -6.88 3.32 -1.51
N LYS A 20 -6.60 4.20 -2.47
CA LYS A 20 -7.48 5.32 -2.75
C LYS A 20 -7.67 5.50 -4.26
N CYS A 21 -6.60 5.89 -4.94
CA CYS A 21 -6.64 6.09 -6.38
C CYS A 21 -6.18 4.85 -7.12
N HIS A 22 -5.86 3.80 -6.37
CA HIS A 22 -5.40 2.55 -6.96
C HIS A 22 -4.14 2.76 -7.77
N LEU A 23 -3.35 3.77 -7.41
CA LEU A 23 -2.11 4.08 -8.11
C LEU A 23 -1.05 3.03 -7.81
N VAL A 24 -0.61 2.32 -8.84
CA VAL A 24 0.41 1.29 -8.69
C VAL A 24 1.76 1.90 -8.33
N LEU A 25 2.19 1.64 -7.10
CA LEU A 25 3.47 2.18 -6.62
C LEU A 25 4.45 1.04 -6.33
N CYS A 26 5.62 1.40 -5.82
CA CYS A 26 6.64 0.40 -5.48
C CYS A 26 6.95 0.41 -3.99
N SER A 27 6.46 1.44 -3.30
CA SER A 27 6.69 1.56 -1.87
C SER A 27 5.79 2.66 -1.27
N PRO A 28 4.55 2.29 -0.94
CA PRO A 28 3.57 3.22 -0.37
C PRO A 28 3.94 3.63 1.06
N LYS A 29 2.97 4.18 1.77
CA LYS A 29 3.18 4.62 3.16
C LYS A 29 2.34 3.79 4.12
N GLN A 30 2.51 2.47 4.07
CA GLN A 30 1.76 1.58 4.95
C GLN A 30 1.50 2.23 6.30
N THR A 31 0.24 2.25 6.71
CA THR A 31 -0.15 2.83 7.99
C THR A 31 0.00 1.83 9.13
N GLU A 32 -0.80 2.01 10.18
CA GLU A 32 -0.75 1.12 11.33
C GLU A 32 -1.87 0.08 11.26
N CYS A 33 -2.48 -0.04 10.09
CA CYS A 33 -3.56 -1.00 9.89
C CYS A 33 -3.14 -2.09 8.92
N GLY A 34 -2.28 -1.74 7.97
CA GLY A 34 -1.82 -2.71 6.99
C GLY A 34 -1.95 -2.20 5.56
N HIS A 35 -3.08 -1.58 5.26
CA HIS A 35 -3.33 -1.05 3.93
C HIS A 35 -2.16 -0.18 3.47
N ARG A 36 -2.31 0.43 2.30
CA ARG A 36 -1.28 1.28 1.73
C ARG A 36 -1.88 2.45 0.96
N PHE A 37 -1.12 3.52 0.81
CA PHE A 37 -1.59 4.70 0.09
C PHE A 37 -0.43 5.42 -0.59
N CYS A 38 -0.75 6.31 -1.52
CA CYS A 38 0.27 7.07 -2.25
C CYS A 38 0.62 8.35 -1.51
N GLU A 39 1.69 9.01 -1.94
CA GLU A 39 2.13 10.25 -1.32
C GLU A 39 0.96 11.22 -1.18
N SER A 40 0.37 11.61 -2.30
CA SER A 40 -0.74 12.55 -2.29
C SER A 40 -1.80 12.12 -1.28
N CYS A 41 -2.65 11.19 -1.68
CA CYS A 41 -3.72 10.69 -0.81
C CYS A 41 -3.26 10.68 0.64
N MET A 42 -2.10 10.06 0.88
CA MET A 42 -1.55 9.98 2.23
C MET A 42 -1.54 11.35 2.91
N ALA A 43 -0.99 12.33 2.20
CA ALA A 43 -0.92 13.69 2.73
C ALA A 43 -2.30 14.29 2.89
N ALA A 44 -3.26 13.79 2.13
CA ALA A 44 -4.64 14.28 2.19
C ALA A 44 -5.32 13.80 3.46
N LEU A 45 -5.29 12.49 3.70
CA LEU A 45 -5.92 11.91 4.88
C LEU A 45 -5.33 12.51 6.16
N LEU A 46 -4.00 12.46 6.27
CA LEU A 46 -3.32 13.00 7.44
C LEU A 46 -3.78 14.42 7.74
N SER A 47 -4.18 15.14 6.69
CA SER A 47 -4.65 16.51 6.85
C SER A 47 -6.16 16.56 7.01
N SER A 48 -6.72 15.50 7.59
CA SER A 48 -8.16 15.42 7.81
C SER A 48 -8.49 15.48 9.29
N SER A 49 -7.53 15.90 10.10
CA SER A 49 -7.72 16.01 11.53
C SER A 49 -7.67 14.63 12.19
N SER A 50 -8.58 13.75 11.76
CA SER A 50 -8.64 12.40 12.30
C SER A 50 -8.44 11.36 11.20
N PRO A 51 -7.21 11.26 10.70
CA PRO A 51 -6.86 10.32 9.64
C PRO A 51 -6.89 8.87 10.13
N LYS A 52 -7.67 8.03 9.45
CA LYS A 52 -7.78 6.63 9.81
C LYS A 52 -7.23 5.73 8.71
N CYS A 53 -7.96 5.67 7.59
CA CYS A 53 -7.55 4.85 6.46
C CYS A 53 -8.74 4.54 5.55
N THR A 54 -8.87 5.31 4.47
CA THR A 54 -9.96 5.13 3.53
C THR A 54 -10.34 3.66 3.41
N ALA A 55 -9.34 2.79 3.45
CA ALA A 55 -9.57 1.35 3.35
C ALA A 55 -10.53 0.87 4.42
N CYS A 56 -10.04 0.76 5.65
CA CYS A 56 -10.85 0.32 6.77
C CYS A 56 -11.06 1.44 7.77
N GLN A 57 -10.11 2.37 7.83
CA GLN A 57 -10.18 3.50 8.75
C GLN A 57 -9.70 3.11 10.13
N GLU A 58 -8.40 3.30 10.38
CA GLU A 58 -7.81 2.96 11.66
C GLU A 58 -7.00 4.14 12.21
N SER A 59 -5.90 4.47 11.53
CA SER A 59 -5.05 5.57 11.95
C SER A 59 -3.89 5.77 10.97
N ILE A 60 -3.79 6.96 10.42
CA ILE A 60 -2.73 7.28 9.47
C ILE A 60 -1.81 8.38 10.00
N VAL A 61 -0.55 8.04 10.22
CA VAL A 61 0.42 9.00 10.72
C VAL A 61 1.78 8.81 10.07
N LYS A 62 2.37 9.91 9.61
CA LYS A 62 3.68 9.86 8.96
C LYS A 62 4.71 9.18 9.86
N ASP A 63 4.61 9.44 11.15
CA ASP A 63 5.54 8.85 12.13
C ASP A 63 5.41 7.33 12.14
N LYS A 64 4.18 6.85 12.19
CA LYS A 64 3.93 5.41 12.21
C LYS A 64 3.94 4.84 10.79
N VAL A 65 4.03 5.71 9.81
CA VAL A 65 4.05 5.29 8.42
C VAL A 65 5.48 4.96 7.96
N PHE A 66 5.60 4.01 7.05
CA PHE A 66 6.90 3.60 6.53
C PHE A 66 6.79 3.17 5.08
ZN ZN B . -3.67 7.60 -3.98
ZN ZN C . -6.90 0.10 6.76
N GLY A 1 12.51 -37.46 -25.88
CA GLY A 1 11.65 -38.32 -26.66
C GLY A 1 10.23 -38.37 -26.12
N SER A 2 10.07 -38.93 -24.92
CA SER A 2 8.76 -39.04 -24.29
C SER A 2 8.88 -39.05 -22.77
N SER A 3 9.75 -38.20 -22.24
CA SER A 3 9.96 -38.13 -20.80
C SER A 3 10.50 -36.76 -20.40
N GLY A 4 9.94 -36.19 -19.34
CA GLY A 4 10.37 -34.89 -18.87
C GLY A 4 11.06 -34.96 -17.52
N SER A 5 12.24 -34.34 -17.42
CA SER A 5 13.00 -34.34 -16.18
C SER A 5 14.21 -33.42 -16.28
N SER A 6 14.16 -32.31 -15.55
CA SER A 6 15.25 -31.34 -15.57
C SER A 6 15.10 -30.33 -14.43
N GLY A 7 15.84 -29.24 -14.52
CA GLY A 7 15.77 -28.20 -13.50
C GLY A 7 15.35 -26.86 -14.06
N PHE A 8 14.58 -26.11 -13.28
CA PHE A 8 14.10 -24.80 -13.70
C PHE A 8 13.13 -24.21 -12.68
N VAL A 9 13.35 -22.94 -12.33
CA VAL A 9 12.49 -22.27 -11.37
C VAL A 9 12.01 -20.92 -11.91
N LYS A 10 10.84 -20.51 -11.46
CA LYS A 10 10.26 -19.23 -11.90
C LYS A 10 9.82 -18.40 -10.71
N THR A 11 9.82 -17.07 -10.88
CA THR A 11 9.42 -16.16 -9.82
C THR A 11 8.37 -15.17 -10.31
N VAL A 12 7.59 -14.64 -9.38
CA VAL A 12 6.54 -13.67 -9.72
C VAL A 12 6.51 -12.53 -8.71
N GLU A 13 6.82 -11.33 -9.20
CA GLU A 13 6.83 -10.14 -8.35
C GLU A 13 5.75 -9.16 -8.77
N ASP A 14 4.97 -8.68 -7.79
CA ASP A 14 3.89 -7.74 -8.07
C ASP A 14 3.99 -6.53 -7.13
N LYS A 15 4.09 -5.34 -7.72
CA LYS A 15 4.19 -4.11 -6.95
C LYS A 15 2.91 -3.88 -6.14
N TYR A 16 2.82 -2.72 -5.49
CA TYR A 16 1.67 -2.38 -4.69
C TYR A 16 0.77 -1.37 -5.41
N LYS A 17 -0.19 -0.82 -4.68
CA LYS A 17 -1.11 0.16 -5.25
C LYS A 17 -1.83 0.93 -4.14
N CYS A 18 -1.98 2.24 -4.33
CA CYS A 18 -2.64 3.09 -3.35
C CYS A 18 -4.06 2.59 -3.08
N GLU A 19 -4.46 2.62 -1.81
CA GLU A 19 -5.78 2.17 -1.42
C GLU A 19 -6.81 3.29 -1.60
N LYS A 20 -6.55 4.18 -2.54
CA LYS A 20 -7.45 5.29 -2.80
C LYS A 20 -7.65 5.48 -4.31
N CYS A 21 -6.59 5.90 -4.99
CA CYS A 21 -6.64 6.11 -6.43
C CYS A 21 -6.20 4.87 -7.19
N HIS A 22 -5.81 3.84 -6.45
CA HIS A 22 -5.37 2.59 -7.05
C HIS A 22 -4.10 2.79 -7.87
N LEU A 23 -3.31 3.80 -7.48
CA LEU A 23 -2.06 4.10 -8.17
C LEU A 23 -0.99 3.08 -7.83
N VAL A 24 -0.52 2.37 -8.85
CA VAL A 24 0.52 1.36 -8.66
C VAL A 24 1.81 2.00 -8.16
N LEU A 25 2.24 1.58 -6.97
CA LEU A 25 3.47 2.10 -6.38
C LEU A 25 4.43 0.98 -6.02
N CYS A 26 5.65 1.34 -5.65
CA CYS A 26 6.66 0.36 -5.28
C CYS A 26 6.93 0.39 -3.77
N SER A 27 6.75 1.56 -3.17
CA SER A 27 6.97 1.73 -1.74
C SER A 27 6.05 2.79 -1.16
N PRO A 28 4.80 2.41 -0.88
CA PRO A 28 3.79 3.31 -0.32
C PRO A 28 4.10 3.71 1.12
N LYS A 29 3.10 4.24 1.81
CA LYS A 29 3.26 4.67 3.19
C LYS A 29 2.47 3.76 4.13
N GLN A 30 2.75 2.46 4.08
CA GLN A 30 2.07 1.50 4.93
C GLN A 30 1.73 2.11 6.29
N THR A 31 0.43 2.24 6.56
CA THR A 31 -0.03 2.81 7.82
C THR A 31 0.17 1.83 8.97
N GLU A 32 -0.66 1.96 10.00
CA GLU A 32 -0.57 1.08 11.16
C GLU A 32 -1.65 0.00 11.12
N CYS A 33 -2.29 -0.14 9.96
CA CYS A 33 -3.33 -1.14 9.79
C CYS A 33 -2.92 -2.20 8.77
N GLY A 34 -2.11 -1.80 7.80
CA GLY A 34 -1.65 -2.73 6.78
C GLY A 34 -1.78 -2.17 5.38
N HIS A 35 -2.94 -1.61 5.08
CA HIS A 35 -3.20 -1.03 3.76
C HIS A 35 -2.06 -0.10 3.34
N ARG A 36 -2.15 0.43 2.14
CA ARG A 36 -1.13 1.34 1.62
C ARG A 36 -1.75 2.47 0.82
N PHE A 37 -1.04 3.58 0.74
CA PHE A 37 -1.53 4.76 0.01
C PHE A 37 -0.38 5.50 -0.65
N CYS A 38 -0.71 6.36 -1.62
CA CYS A 38 0.30 7.13 -2.34
C CYS A 38 0.63 8.42 -1.59
N GLU A 39 1.66 9.11 -2.06
CA GLU A 39 2.09 10.36 -1.43
C GLU A 39 0.92 11.31 -1.26
N SER A 40 0.32 11.72 -2.38
CA SER A 40 -0.81 12.63 -2.37
C SER A 40 -1.86 12.18 -1.36
N CYS A 41 -2.69 11.22 -1.75
CA CYS A 41 -3.74 10.70 -0.88
C CYS A 41 -3.28 10.69 0.57
N MET A 42 -2.11 10.12 0.82
CA MET A 42 -1.55 10.04 2.16
C MET A 42 -1.56 11.41 2.82
N ALA A 43 -0.95 12.39 2.16
CA ALA A 43 -0.88 13.75 2.69
C ALA A 43 -2.29 14.33 2.89
N ALA A 44 -3.26 13.77 2.19
CA ALA A 44 -4.63 14.23 2.29
C ALA A 44 -5.29 13.72 3.57
N LEU A 45 -5.26 12.40 3.76
CA LEU A 45 -5.85 11.79 4.95
C LEU A 45 -5.27 12.40 6.22
N LEU A 46 -3.95 12.40 6.32
CA LEU A 46 -3.27 12.96 7.48
C LEU A 46 -3.78 14.36 7.80
N SER A 47 -4.10 15.11 6.75
CA SER A 47 -4.61 16.47 6.91
C SER A 47 -6.11 16.48 7.17
N SER A 48 -6.63 15.34 7.64
CA SER A 48 -8.05 15.20 7.91
C SER A 48 -8.31 15.23 9.42
N SER A 49 -7.30 15.62 10.18
CA SER A 49 -7.42 15.68 11.64
C SER A 49 -7.41 14.28 12.24
N SER A 50 -8.41 13.49 11.90
CA SER A 50 -8.53 12.13 12.42
C SER A 50 -8.35 11.11 11.30
N PRO A 51 -7.12 11.03 10.76
CA PRO A 51 -6.79 10.09 9.68
C PRO A 51 -6.79 8.65 10.14
N LYS A 52 -7.60 7.82 9.49
CA LYS A 52 -7.70 6.40 9.82
C LYS A 52 -7.15 5.53 8.70
N CYS A 53 -7.88 5.48 7.59
CA CYS A 53 -7.47 4.68 6.44
C CYS A 53 -8.65 4.38 5.54
N THR A 54 -8.79 5.17 4.47
CA THR A 54 -9.89 4.99 3.52
C THR A 54 -10.26 3.51 3.38
N ALA A 55 -9.25 2.66 3.39
CA ALA A 55 -9.48 1.21 3.27
C ALA A 55 -10.44 0.72 4.34
N CYS A 56 -9.94 0.59 5.57
CA CYS A 56 -10.75 0.12 6.68
C CYS A 56 -10.97 1.24 7.70
N GLN A 57 -10.01 2.16 7.78
CA GLN A 57 -10.10 3.28 8.71
C GLN A 57 -9.59 2.87 10.09
N GLU A 58 -8.29 3.06 10.31
CA GLU A 58 -7.69 2.71 11.60
C GLU A 58 -6.89 3.88 12.16
N SER A 59 -5.79 4.22 11.49
CA SER A 59 -4.94 5.32 11.93
C SER A 59 -3.80 5.53 10.94
N ILE A 60 -3.65 6.77 10.48
CA ILE A 60 -2.59 7.11 9.53
C ILE A 60 -1.71 8.23 10.07
N VAL A 61 -0.49 7.87 10.48
CA VAL A 61 0.44 8.85 11.01
C VAL A 61 1.82 8.71 10.36
N LYS A 62 2.34 9.81 9.84
CA LYS A 62 3.64 9.81 9.19
C LYS A 62 4.69 9.11 10.06
N ASP A 63 4.60 9.33 11.37
CA ASP A 63 5.54 8.72 12.31
C ASP A 63 5.43 7.20 12.27
N LYS A 64 4.21 6.69 12.34
CA LYS A 64 3.97 5.25 12.30
C LYS A 64 4.11 4.72 10.88
N VAL A 65 3.98 5.60 9.89
CA VAL A 65 4.10 5.21 8.50
C VAL A 65 5.51 4.74 8.17
N PHE A 66 5.61 3.57 7.56
CA PHE A 66 6.90 3.00 7.19
C PHE A 66 7.88 4.10 6.79
ZN ZN B . -3.62 7.64 -4.07
ZN ZN C . -6.80 -0.07 6.68
N GLY A 1 5.41 -34.69 0.67
CA GLY A 1 6.65 -34.54 -0.07
C GLY A 1 6.49 -34.89 -1.54
N SER A 2 6.25 -33.88 -2.36
CA SER A 2 6.08 -34.08 -3.79
C SER A 2 7.29 -34.79 -4.39
N SER A 3 7.13 -36.06 -4.71
CA SER A 3 8.20 -36.85 -5.29
C SER A 3 8.21 -36.73 -6.82
N GLY A 4 7.07 -36.33 -7.38
CA GLY A 4 6.98 -36.17 -8.82
C GLY A 4 7.60 -34.88 -9.30
N SER A 5 6.85 -34.13 -10.10
CA SER A 5 7.33 -32.86 -10.64
C SER A 5 6.16 -31.96 -11.05
N SER A 6 5.04 -32.10 -10.35
CA SER A 6 3.85 -31.31 -10.65
C SER A 6 3.83 -30.05 -9.79
N GLY A 7 5.00 -29.57 -9.40
CA GLY A 7 5.08 -28.37 -8.59
C GLY A 7 6.13 -27.40 -9.09
N PHE A 8 5.94 -26.92 -10.31
CA PHE A 8 6.88 -25.97 -10.91
C PHE A 8 6.38 -24.54 -10.74
N VAL A 9 7.15 -23.74 -10.01
CA VAL A 9 6.78 -22.34 -9.76
C VAL A 9 7.38 -21.43 -10.84
N LYS A 10 6.77 -20.27 -11.03
CA LYS A 10 7.24 -19.31 -12.01
C LYS A 10 7.48 -17.95 -11.37
N THR A 11 7.00 -17.78 -10.14
CA THR A 11 7.17 -16.52 -9.42
C THR A 11 6.28 -15.43 -10.01
N VAL A 12 6.08 -14.35 -9.24
CA VAL A 12 5.26 -13.24 -9.70
C VAL A 12 5.84 -11.92 -9.20
N GLU A 13 6.46 -11.17 -10.10
CA GLU A 13 7.05 -9.88 -9.76
C GLU A 13 6.08 -8.75 -10.06
N ASP A 14 5.74 -7.98 -9.02
CA ASP A 14 4.82 -6.85 -9.17
C ASP A 14 5.07 -5.80 -8.09
N LYS A 15 4.17 -4.83 -8.00
CA LYS A 15 4.30 -3.76 -7.02
C LYS A 15 3.01 -3.59 -6.23
N TYR A 16 2.93 -2.52 -5.45
CA TYR A 16 1.75 -2.24 -4.64
C TYR A 16 0.83 -1.26 -5.33
N LYS A 17 -0.19 -0.81 -4.61
CA LYS A 17 -1.15 0.14 -5.17
C LYS A 17 -1.85 0.91 -4.05
N CYS A 18 -2.07 2.21 -4.28
CA CYS A 18 -2.73 3.06 -3.28
C CYS A 18 -4.15 2.57 -3.02
N GLU A 19 -4.56 2.64 -1.75
CA GLU A 19 -5.90 2.21 -1.36
C GLU A 19 -6.90 3.34 -1.55
N LYS A 20 -6.63 4.22 -2.52
CA LYS A 20 -7.51 5.35 -2.80
C LYS A 20 -7.68 5.52 -4.30
N CYS A 21 -6.60 5.90 -4.98
CA CYS A 21 -6.64 6.10 -6.42
C CYS A 21 -6.18 4.85 -7.17
N HIS A 22 -5.86 3.81 -6.41
CA HIS A 22 -5.41 2.55 -6.99
C HIS A 22 -4.13 2.76 -7.80
N LEU A 23 -3.35 3.76 -7.43
CA LEU A 23 -2.10 4.07 -8.12
C LEU A 23 -1.04 3.02 -7.81
N VAL A 24 -0.60 2.31 -8.84
CA VAL A 24 0.43 1.27 -8.68
C VAL A 24 1.77 1.89 -8.31
N LEU A 25 2.21 1.63 -7.08
CA LEU A 25 3.49 2.17 -6.60
C LEU A 25 4.46 1.04 -6.30
N CYS A 26 5.63 1.39 -5.80
CA CYS A 26 6.66 0.40 -5.46
C CYS A 26 6.94 0.40 -3.96
N SER A 27 6.47 1.44 -3.28
CA SER A 27 6.67 1.55 -1.83
C SER A 27 5.77 2.65 -1.24
N PRO A 28 4.53 2.28 -0.93
CA PRO A 28 3.55 3.21 -0.35
C PRO A 28 3.90 3.61 1.08
N LYS A 29 2.93 4.18 1.78
CA LYS A 29 3.13 4.61 3.17
C LYS A 29 2.29 3.77 4.12
N GLN A 30 2.46 2.45 4.06
CA GLN A 30 1.73 1.54 4.93
C GLN A 30 1.46 2.18 6.29
N THR A 31 0.20 2.21 6.70
CA THR A 31 -0.19 2.79 7.98
C THR A 31 -0.04 1.78 9.11
N GLU A 32 -0.84 1.95 10.15
CA GLU A 32 -0.80 1.05 11.30
C GLU A 32 -1.92 0.02 11.22
N CYS A 33 -2.54 -0.08 10.05
CA CYS A 33 -3.64 -1.02 9.84
C CYS A 33 -3.23 -2.12 8.87
N GLY A 34 -2.36 -1.77 7.92
CA GLY A 34 -1.91 -2.73 6.94
C GLY A 34 -2.04 -2.22 5.52
N HIS A 35 -3.17 -1.59 5.22
CA HIS A 35 -3.40 -1.04 3.89
C HIS A 35 -2.23 -0.18 3.44
N ARG A 36 -2.37 0.44 2.26
CA ARG A 36 -1.33 1.29 1.71
C ARG A 36 -1.92 2.45 0.92
N PHE A 37 -1.16 3.53 0.80
CA PHE A 37 -1.62 4.71 0.07
C PHE A 37 -0.45 5.42 -0.60
N CYS A 38 -0.77 6.32 -1.53
CA CYS A 38 0.25 7.06 -2.26
C CYS A 38 0.60 8.35 -1.52
N GLU A 39 1.68 9.00 -1.95
CA GLU A 39 2.13 10.25 -1.33
C GLU A 39 0.96 11.22 -1.20
N SER A 40 0.37 11.61 -2.32
CA SER A 40 -0.74 12.55 -2.32
C SER A 40 -1.80 12.13 -1.32
N CYS A 41 -2.65 11.19 -1.72
CA CYS A 41 -3.72 10.71 -0.85
C CYS A 41 -3.27 10.69 0.61
N MET A 42 -2.12 10.07 0.86
CA MET A 42 -1.57 9.98 2.20
C MET A 42 -1.55 11.36 2.88
N ALA A 43 -0.97 12.34 2.19
CA ALA A 43 -0.89 13.70 2.71
C ALA A 43 -2.28 14.28 2.93
N ALA A 44 -3.24 13.81 2.16
CA ALA A 44 -4.62 14.28 2.27
C ALA A 44 -5.27 13.79 3.55
N LEU A 45 -5.33 12.48 3.71
CA LEU A 45 -5.93 11.87 4.90
C LEU A 45 -5.34 12.47 6.18
N LEU A 46 -4.01 12.45 6.27
CA LEU A 46 -3.32 12.99 7.43
C LEU A 46 -3.76 14.42 7.71
N SER A 47 -3.95 15.20 6.65
CA SER A 47 -4.37 16.59 6.78
C SER A 47 -5.70 16.69 7.51
N SER A 48 -6.39 15.56 7.63
CA SER A 48 -7.68 15.51 8.30
C SER A 48 -7.51 15.65 9.81
N SER A 49 -8.59 16.00 10.50
CA SER A 49 -8.56 16.17 11.95
C SER A 49 -8.56 14.81 12.66
N SER A 50 -8.54 13.74 11.87
CA SER A 50 -8.54 12.39 12.41
C SER A 50 -8.40 11.36 11.30
N PRO A 51 -7.18 11.22 10.77
CA PRO A 51 -6.88 10.27 9.69
C PRO A 51 -6.93 8.83 10.17
N LYS A 52 -7.68 7.99 9.45
CA LYS A 52 -7.81 6.58 9.80
C LYS A 52 -7.27 5.70 8.68
N CYS A 53 -7.99 5.66 7.57
CA CYS A 53 -7.59 4.84 6.43
C CYS A 53 -8.78 4.55 5.51
N THR A 54 -8.90 5.33 4.44
CA THR A 54 -10.00 5.16 3.49
C THR A 54 -10.39 3.69 3.37
N ALA A 55 -9.40 2.81 3.39
CA ALA A 55 -9.65 1.39 3.27
C ALA A 55 -10.62 0.91 4.35
N CYS A 56 -10.11 0.78 5.58
CA CYS A 56 -10.93 0.33 6.69
C CYS A 56 -11.14 1.46 7.70
N GLN A 57 -10.16 2.37 7.77
CA GLN A 57 -10.24 3.50 8.70
C GLN A 57 -9.75 3.10 10.08
N GLU A 58 -8.46 3.27 10.32
CA GLU A 58 -7.87 2.93 11.61
C GLU A 58 -7.05 4.09 12.17
N SER A 59 -5.94 4.40 11.49
CA SER A 59 -5.08 5.50 11.92
C SER A 59 -3.93 5.69 10.93
N ILE A 60 -3.80 6.92 10.43
CA ILE A 60 -2.73 7.23 9.47
C ILE A 60 -1.84 8.35 10.01
N VAL A 61 -0.54 8.07 10.06
CA VAL A 61 0.43 9.05 10.54
C VAL A 61 1.76 8.90 9.83
N LYS A 62 2.35 10.03 9.44
CA LYS A 62 3.63 10.02 8.76
C LYS A 62 4.71 9.34 9.59
N ASP A 63 4.84 9.77 10.84
CA ASP A 63 5.82 9.19 11.75
C ASP A 63 5.67 7.68 11.81
N LYS A 64 4.45 7.21 12.02
CA LYS A 64 4.18 5.79 12.11
C LYS A 64 4.11 5.16 10.71
N VAL A 65 4.36 5.97 9.69
CA VAL A 65 4.33 5.50 8.32
C VAL A 65 5.73 5.15 7.82
N PHE A 66 5.82 4.13 6.98
CA PHE A 66 7.10 3.70 6.43
C PHE A 66 6.90 2.86 5.17
ZN ZN B . -3.67 7.61 -4.01
ZN ZN C . -6.97 0.11 6.73
N GLY A 1 20.09 -21.72 5.75
CA GLY A 1 19.51 -20.58 5.09
C GLY A 1 18.13 -20.87 4.53
N SER A 2 17.91 -22.13 4.14
CA SER A 2 16.63 -22.54 3.58
C SER A 2 15.48 -21.85 4.29
N SER A 3 14.55 -21.28 3.52
CA SER A 3 13.41 -20.58 4.08
C SER A 3 12.11 -21.29 3.72
N GLY A 4 12.22 -22.30 2.87
CA GLY A 4 11.05 -23.06 2.44
C GLY A 4 11.41 -24.30 1.67
N SER A 5 12.15 -24.13 0.58
CA SER A 5 12.56 -25.26 -0.25
C SER A 5 13.40 -24.77 -1.45
N SER A 6 12.96 -23.67 -2.06
CA SER A 6 13.67 -23.11 -3.21
C SER A 6 13.64 -21.59 -3.16
N GLY A 7 13.46 -21.04 -1.97
CA GLY A 7 13.42 -19.60 -1.81
C GLY A 7 14.80 -18.98 -1.79
N PHE A 8 15.29 -18.59 -2.97
CA PHE A 8 16.61 -17.98 -3.10
C PHE A 8 16.72 -17.18 -4.39
N VAL A 9 16.33 -15.90 -4.32
CA VAL A 9 16.39 -15.03 -5.48
C VAL A 9 16.35 -13.56 -5.08
N LYS A 10 16.92 -12.70 -5.90
CA LYS A 10 16.95 -11.27 -5.62
C LYS A 10 15.84 -10.55 -6.37
N THR A 11 15.60 -10.97 -7.61
CA THR A 11 14.55 -10.38 -8.43
C THR A 11 13.28 -10.12 -7.62
N VAL A 12 12.49 -9.15 -8.06
CA VAL A 12 11.25 -8.81 -7.38
C VAL A 12 10.05 -8.96 -8.31
N GLU A 13 9.07 -9.75 -7.90
CA GLU A 13 7.87 -9.97 -8.69
C GLU A 13 6.62 -9.58 -7.92
N ASP A 14 6.33 -8.28 -7.89
CA ASP A 14 5.16 -7.78 -7.19
C ASP A 14 5.25 -6.27 -6.99
N LYS A 15 4.12 -5.66 -6.65
CA LYS A 15 4.07 -4.21 -6.44
C LYS A 15 2.90 -3.83 -5.54
N TYR A 16 2.78 -2.54 -5.23
CA TYR A 16 1.70 -2.06 -4.38
C TYR A 16 0.82 -1.07 -5.13
N LYS A 17 -0.30 -0.70 -4.54
CA LYS A 17 -1.23 0.23 -5.14
C LYS A 17 -1.98 1.02 -4.08
N CYS A 18 -2.19 2.31 -4.34
CA CYS A 18 -2.91 3.18 -3.41
C CYS A 18 -4.35 2.72 -3.22
N GLU A 19 -4.82 2.76 -1.99
CA GLU A 19 -6.19 2.35 -1.67
C GLU A 19 -7.17 3.49 -1.91
N LYS A 20 -6.80 4.41 -2.80
CA LYS A 20 -7.64 5.55 -3.11
C LYS A 20 -7.77 5.73 -4.62
N CYS A 21 -6.64 6.00 -5.28
CA CYS A 21 -6.63 6.19 -6.72
C CYS A 21 -6.13 4.94 -7.43
N HIS A 22 -5.86 3.89 -6.66
CA HIS A 22 -5.38 2.64 -7.22
C HIS A 22 -4.06 2.83 -7.96
N LEU A 23 -3.31 3.86 -7.56
CA LEU A 23 -2.03 4.16 -8.18
C LEU A 23 -0.98 3.11 -7.83
N VAL A 24 -0.49 2.41 -8.85
CA VAL A 24 0.52 1.37 -8.64
C VAL A 24 1.85 1.97 -8.23
N LEU A 25 2.27 1.69 -7.00
CA LEU A 25 3.53 2.20 -6.48
C LEU A 25 4.44 1.06 -6.04
N CYS A 26 5.69 1.39 -5.75
CA CYS A 26 6.67 0.40 -5.30
C CYS A 26 6.88 0.48 -3.80
N SER A 27 6.97 1.70 -3.28
CA SER A 27 7.18 1.91 -1.85
C SER A 27 6.08 2.80 -1.27
N PRO A 28 4.90 2.21 -1.03
CA PRO A 28 3.75 2.93 -0.46
C PRO A 28 3.97 3.32 0.99
N LYS A 29 2.87 3.67 1.67
CA LYS A 29 2.94 4.07 3.07
C LYS A 29 2.06 3.18 3.93
N GLN A 30 2.28 1.87 3.85
CA GLN A 30 1.50 0.92 4.63
C GLN A 30 1.12 1.50 5.98
N THR A 31 -0.17 1.81 6.14
CA THR A 31 -0.67 2.38 7.39
C THR A 31 -0.54 1.39 8.53
N GLU A 32 -1.22 1.67 9.64
CA GLU A 32 -1.19 0.79 10.81
C GLU A 32 -2.31 -0.23 10.76
N CYS A 33 -2.95 -0.35 9.59
CA CYS A 33 -4.04 -1.29 9.42
C CYS A 33 -3.67 -2.37 8.39
N GLY A 34 -2.81 -2.00 7.45
CA GLY A 34 -2.39 -2.94 6.43
C GLY A 34 -2.45 -2.35 5.03
N HIS A 35 -3.56 -1.69 4.73
CA HIS A 35 -3.75 -1.07 3.42
C HIS A 35 -2.56 -0.17 3.07
N ARG A 36 -2.61 0.42 1.88
CA ARG A 36 -1.55 1.30 1.43
C ARG A 36 -2.11 2.46 0.60
N PHE A 37 -1.39 3.58 0.57
CA PHE A 37 -1.81 4.74 -0.18
C PHE A 37 -0.63 5.42 -0.86
N CYS A 38 -0.92 6.40 -1.70
CA CYS A 38 0.13 7.13 -2.42
C CYS A 38 0.49 8.42 -1.69
N GLU A 39 1.61 9.02 -2.07
CA GLU A 39 2.06 10.26 -1.45
C GLU A 39 0.90 11.24 -1.28
N SER A 40 0.32 11.66 -2.40
CA SER A 40 -0.80 12.59 -2.37
C SER A 40 -1.85 12.16 -1.36
N CYS A 41 -2.74 11.27 -1.79
CA CYS A 41 -3.80 10.77 -0.92
C CYS A 41 -3.32 10.67 0.52
N MET A 42 -2.14 10.09 0.71
CA MET A 42 -1.56 9.92 2.04
C MET A 42 -1.51 11.26 2.77
N ALA A 43 -0.98 12.28 2.10
CA ALA A 43 -0.87 13.61 2.68
C ALA A 43 -2.24 14.21 2.95
N ALA A 44 -3.22 13.79 2.16
CA ALA A 44 -4.59 14.28 2.31
C ALA A 44 -5.22 13.77 3.59
N LEU A 45 -5.34 12.46 3.71
CA LEU A 45 -5.93 11.83 4.89
C LEU A 45 -5.27 12.35 6.16
N LEU A 46 -3.94 12.24 6.23
CA LEU A 46 -3.19 12.70 7.39
C LEU A 46 -3.54 14.15 7.73
N SER A 47 -3.88 14.93 6.69
CA SER A 47 -4.23 16.33 6.89
C SER A 47 -5.73 16.48 7.14
N SER A 48 -6.37 15.39 7.55
CA SER A 48 -7.80 15.40 7.83
C SER A 48 -8.07 15.46 9.33
N SER A 49 -7.02 15.72 10.10
CA SER A 49 -7.14 15.79 11.55
C SER A 49 -7.26 14.40 12.16
N SER A 50 -8.28 13.67 11.74
CA SER A 50 -8.52 12.32 12.24
C SER A 50 -8.48 11.30 11.10
N PRO A 51 -7.26 11.06 10.57
CA PRO A 51 -7.06 10.10 9.48
C PRO A 51 -7.27 8.66 9.92
N LYS A 52 -7.91 7.87 9.07
CA LYS A 52 -8.16 6.47 9.36
C LYS A 52 -7.61 5.57 8.27
N CYS A 53 -8.29 5.56 7.12
CA CYS A 53 -7.88 4.75 5.99
C CYS A 53 -9.05 4.49 5.04
N THR A 54 -9.19 5.34 4.03
CA THR A 54 -10.27 5.21 3.06
C THR A 54 -10.61 3.74 2.82
N ALA A 55 -9.59 2.88 2.88
CA ALA A 55 -9.79 1.46 2.66
C ALA A 55 -10.83 0.90 3.63
N CYS A 56 -10.45 0.75 4.89
CA CYS A 56 -11.35 0.23 5.91
C CYS A 56 -11.66 1.28 6.96
N GLN A 57 -10.77 2.26 7.08
CA GLN A 57 -10.94 3.34 8.05
C GLN A 57 -10.47 2.91 9.43
N GLU A 58 -9.19 3.10 9.69
CA GLU A 58 -8.61 2.73 10.99
C GLU A 58 -7.82 3.89 11.59
N SER A 59 -6.56 4.00 11.21
CA SER A 59 -5.70 5.07 11.72
C SER A 59 -4.45 5.22 10.85
N ILE A 60 -4.22 6.44 10.38
CA ILE A 60 -3.07 6.73 9.54
C ILE A 60 -2.13 7.73 10.20
N VAL A 61 -0.90 7.31 10.45
CA VAL A 61 0.08 8.18 11.08
C VAL A 61 1.48 7.95 10.48
N LYS A 62 1.99 8.97 9.79
CA LYS A 62 3.31 8.89 9.18
C LYS A 62 4.26 8.06 10.04
N ASP A 63 4.28 8.33 11.33
CA ASP A 63 5.14 7.60 12.25
C ASP A 63 4.89 6.10 12.16
N LYS A 64 3.62 5.72 12.14
CA LYS A 64 3.24 4.32 12.06
C LYS A 64 3.08 3.89 10.60
N VAL A 65 3.71 4.62 9.69
CA VAL A 65 3.63 4.31 8.26
C VAL A 65 4.93 3.69 7.77
N PHE A 66 4.80 2.66 6.95
CA PHE A 66 5.97 1.96 6.40
C PHE A 66 5.55 0.82 5.48
ZN ZN B . -3.82 7.76 -4.17
ZN ZN C . -7.40 -0.05 6.20
N GLY A 1 -8.38 -39.52 -15.11
CA GLY A 1 -7.15 -38.99 -14.55
C GLY A 1 -7.34 -37.64 -13.89
N SER A 2 -6.59 -36.64 -14.36
CA SER A 2 -6.67 -35.29 -13.81
C SER A 2 -7.32 -34.34 -14.81
N SER A 3 -7.89 -33.25 -14.29
CA SER A 3 -8.55 -32.27 -15.14
C SER A 3 -7.60 -31.78 -16.23
N GLY A 4 -8.17 -31.31 -17.34
CA GLY A 4 -7.38 -30.81 -18.44
C GLY A 4 -6.61 -29.56 -18.08
N SER A 5 -7.32 -28.52 -17.68
CA SER A 5 -6.71 -27.25 -17.31
C SER A 5 -5.35 -27.49 -16.63
N SER A 6 -4.33 -26.77 -17.09
CA SER A 6 -2.99 -26.90 -16.53
C SER A 6 -2.09 -25.78 -17.01
N GLY A 7 -2.37 -24.56 -16.54
CA GLY A 7 -1.57 -23.42 -16.93
C GLY A 7 -0.12 -23.57 -16.55
N PHE A 8 0.77 -23.07 -17.42
CA PHE A 8 2.20 -23.16 -17.17
C PHE A 8 2.57 -22.50 -15.84
N VAL A 9 3.56 -23.07 -15.16
CA VAL A 9 4.00 -22.54 -13.87
C VAL A 9 4.74 -21.21 -14.04
N LYS A 10 4.00 -20.12 -13.91
CA LYS A 10 4.57 -18.78 -14.05
C LYS A 10 3.98 -17.83 -13.01
N THR A 11 4.85 -17.05 -12.37
CA THR A 11 4.42 -16.09 -11.36
C THR A 11 4.38 -14.68 -11.93
N VAL A 12 3.66 -13.79 -11.24
CA VAL A 12 3.54 -12.40 -11.67
C VAL A 12 4.05 -11.45 -10.60
N GLU A 13 5.29 -10.99 -10.77
CA GLU A 13 5.89 -10.07 -9.81
C GLU A 13 5.60 -8.62 -10.18
N ASP A 14 4.68 -8.00 -9.44
CA ASP A 14 4.29 -6.62 -9.69
C ASP A 14 4.60 -5.75 -8.48
N LYS A 15 3.99 -4.57 -8.44
CA LYS A 15 4.19 -3.63 -7.34
C LYS A 15 2.90 -3.42 -6.56
N TYR A 16 2.97 -2.55 -5.55
CA TYR A 16 1.80 -2.25 -4.73
C TYR A 16 0.92 -1.20 -5.40
N LYS A 17 -0.20 -0.88 -4.76
CA LYS A 17 -1.14 0.11 -5.29
C LYS A 17 -1.82 0.87 -4.17
N CYS A 18 -2.00 2.17 -4.36
CA CYS A 18 -2.64 3.02 -3.37
C CYS A 18 -4.07 2.53 -3.08
N GLU A 19 -4.46 2.60 -1.81
CA GLU A 19 -5.79 2.17 -1.40
C GLU A 19 -6.80 3.29 -1.60
N LYS A 20 -6.52 4.18 -2.54
CA LYS A 20 -7.41 5.31 -2.83
C LYS A 20 -7.55 5.51 -4.33
N CYS A 21 -6.46 5.96 -4.97
CA CYS A 21 -6.46 6.20 -6.41
C CYS A 21 -5.99 4.96 -7.16
N HIS A 22 -5.75 3.89 -6.43
CA HIS A 22 -5.30 2.63 -7.03
C HIS A 22 -3.97 2.83 -7.76
N LEU A 23 -3.24 3.88 -7.38
CA LEU A 23 -1.96 4.19 -8.00
C LEU A 23 -0.94 3.08 -7.71
N VAL A 24 -0.55 2.36 -8.76
CA VAL A 24 0.41 1.28 -8.61
C VAL A 24 1.78 1.81 -8.20
N LEU A 25 2.15 1.56 -6.95
CA LEU A 25 3.43 2.02 -6.43
C LEU A 25 4.30 0.84 -6.03
N CYS A 26 5.57 1.13 -5.73
CA CYS A 26 6.52 0.08 -5.33
C CYS A 26 6.78 0.14 -3.83
N SER A 27 6.67 1.32 -3.26
CA SER A 27 6.90 1.51 -1.83
C SER A 27 5.99 2.60 -1.27
N PRO A 28 4.75 2.22 -0.95
CA PRO A 28 3.75 3.14 -0.40
C PRO A 28 4.10 3.57 1.02
N LYS A 29 3.10 4.14 1.72
CA LYS A 29 3.30 4.60 3.09
C LYS A 29 2.50 3.74 4.06
N GLN A 30 2.84 2.46 4.16
CA GLN A 30 2.15 1.54 5.05
C GLN A 30 1.70 2.26 6.32
N THR A 31 0.39 2.30 6.55
CA THR A 31 -0.15 2.95 7.73
C THR A 31 -0.01 2.07 8.97
N GLU A 32 -0.91 2.26 9.93
CA GLU A 32 -0.87 1.47 11.17
C GLU A 32 -1.95 0.40 11.16
N CYS A 33 -2.53 0.15 9.99
CA CYS A 33 -3.57 -0.85 9.84
C CYS A 33 -3.20 -1.88 8.78
N GLY A 34 -2.23 -1.53 7.95
CA GLY A 34 -1.80 -2.44 6.90
C GLY A 34 -1.93 -1.84 5.51
N HIS A 35 -3.15 -1.42 5.18
CA HIS A 35 -3.42 -0.83 3.87
C HIS A 35 -2.28 0.10 3.45
N ARG A 36 -2.21 0.40 2.16
CA ARG A 36 -1.17 1.27 1.63
C ARG A 36 -1.78 2.44 0.86
N PHE A 37 -1.04 3.54 0.79
CA PHE A 37 -1.51 4.73 0.08
C PHE A 37 -0.36 5.44 -0.61
N CYS A 38 -0.69 6.33 -1.54
CA CYS A 38 0.32 7.08 -2.27
C CYS A 38 0.69 8.37 -1.53
N GLU A 39 1.63 9.12 -2.09
CA GLU A 39 2.07 10.37 -1.48
C GLU A 39 0.90 11.32 -1.28
N SER A 40 0.26 11.71 -2.38
CA SER A 40 -0.87 12.63 -2.33
C SER A 40 -1.89 12.17 -1.30
N CYS A 41 -2.72 11.20 -1.68
CA CYS A 41 -3.75 10.68 -0.79
C CYS A 41 -3.26 10.68 0.65
N MET A 42 -2.05 10.15 0.87
CA MET A 42 -1.48 10.08 2.21
C MET A 42 -1.49 11.47 2.86
N ALA A 43 -0.84 12.43 2.23
CA ALA A 43 -0.78 13.79 2.75
C ALA A 43 -2.17 14.38 2.91
N ALA A 44 -3.14 13.79 2.21
CA ALA A 44 -4.52 14.26 2.28
C ALA A 44 -5.22 13.75 3.53
N LEU A 45 -5.25 12.43 3.68
CA LEU A 45 -5.90 11.80 4.83
C LEU A 45 -5.37 12.41 6.13
N LEU A 46 -4.06 12.37 6.31
CA LEU A 46 -3.43 12.92 7.51
C LEU A 46 -3.93 14.33 7.79
N SER A 47 -4.17 15.09 6.73
CA SER A 47 -4.65 16.46 6.86
C SER A 47 -6.17 16.49 7.01
N SER A 48 -6.72 15.44 7.59
CA SER A 48 -8.16 15.34 7.79
C SER A 48 -8.51 15.39 9.27
N SER A 49 -7.52 15.71 10.10
CA SER A 49 -7.73 15.79 11.54
C SER A 49 -7.82 14.40 12.16
N SER A 50 -8.76 13.60 11.66
CA SER A 50 -8.96 12.24 12.17
C SER A 50 -8.75 11.21 11.06
N PRO A 51 -7.50 11.11 10.59
CA PRO A 51 -7.13 10.17 9.53
C PRO A 51 -7.18 8.72 10.00
N LYS A 52 -7.98 7.91 9.31
CA LYS A 52 -8.13 6.50 9.66
C LYS A 52 -7.55 5.61 8.55
N CYS A 53 -8.25 5.57 7.41
CA CYS A 53 -7.80 4.76 6.29
C CYS A 53 -8.97 4.46 5.35
N THR A 54 -9.06 5.22 4.27
CA THR A 54 -10.12 5.04 3.28
C THR A 54 -10.52 3.58 3.16
N ALA A 55 -9.52 2.71 3.09
CA ALA A 55 -9.76 1.27 2.98
C ALA A 55 -10.74 0.80 4.06
N CYS A 56 -10.23 0.59 5.26
CA CYS A 56 -11.06 0.14 6.37
C CYS A 56 -11.29 1.26 7.37
N GLN A 57 -10.31 2.15 7.50
CA GLN A 57 -10.41 3.26 8.43
C GLN A 57 -9.99 2.85 9.84
N GLU A 58 -8.73 3.09 10.17
CA GLU A 58 -8.20 2.74 11.49
C GLU A 58 -7.42 3.89 12.09
N SER A 59 -6.33 4.28 11.42
CA SER A 59 -5.49 5.37 11.88
C SER A 59 -4.29 5.57 10.95
N ILE A 60 -4.08 6.81 10.53
CA ILE A 60 -2.98 7.13 9.64
C ILE A 60 -2.11 8.25 10.22
N VAL A 61 -0.92 7.90 10.68
CA VAL A 61 0.00 8.87 11.25
C VAL A 61 1.39 8.75 10.64
N LYS A 62 1.92 9.87 10.17
CA LYS A 62 3.25 9.88 9.56
C LYS A 62 4.24 9.05 10.38
N ASP A 63 4.19 9.22 11.69
CA ASP A 63 5.08 8.48 12.58
C ASP A 63 4.93 6.98 12.37
N LYS A 64 3.69 6.50 12.44
CA LYS A 64 3.42 5.08 12.26
C LYS A 64 3.58 4.67 10.79
N VAL A 65 3.94 5.64 9.96
CA VAL A 65 4.13 5.38 8.54
C VAL A 65 5.60 5.48 8.15
N PHE A 66 5.96 4.83 7.06
CA PHE A 66 7.34 4.83 6.58
C PHE A 66 8.26 4.09 7.55
ZN ZN B . -3.46 7.62 -3.94
ZN ZN C . -7.09 0.09 6.75
N GLY A 1 10.82 -25.85 -35.97
CA GLY A 1 10.69 -27.29 -35.88
C GLY A 1 10.41 -27.77 -34.47
N SER A 2 11.35 -28.52 -33.90
CA SER A 2 11.18 -29.04 -32.54
C SER A 2 12.33 -28.60 -31.66
N SER A 3 12.04 -28.39 -30.37
CA SER A 3 13.04 -27.96 -29.42
C SER A 3 12.65 -28.35 -28.00
N GLY A 4 11.94 -27.45 -27.31
CA GLY A 4 11.51 -27.72 -25.95
C GLY A 4 11.27 -26.44 -25.17
N SER A 5 10.33 -26.51 -24.22
CA SER A 5 10.00 -25.35 -23.39
C SER A 5 8.78 -25.64 -22.54
N SER A 6 8.92 -25.43 -21.23
CA SER A 6 7.82 -25.67 -20.30
C SER A 6 7.19 -24.34 -19.85
N GLY A 7 7.81 -23.23 -20.25
CA GLY A 7 7.31 -21.92 -19.88
C GLY A 7 8.39 -20.88 -19.84
N PHE A 8 8.24 -19.89 -18.97
CA PHE A 8 9.21 -18.82 -18.83
C PHE A 8 9.30 -18.33 -17.39
N VAL A 9 10.51 -17.99 -16.95
CA VAL A 9 10.72 -17.52 -15.59
C VAL A 9 11.95 -16.62 -15.52
N LYS A 10 11.74 -15.35 -15.20
CA LYS A 10 12.82 -14.39 -15.09
C LYS A 10 12.30 -13.02 -14.64
N THR A 11 11.11 -12.66 -15.12
CA THR A 11 10.50 -11.38 -14.77
C THR A 11 10.05 -11.38 -13.31
N VAL A 12 9.66 -10.21 -12.81
CA VAL A 12 9.19 -10.07 -11.45
C VAL A 12 7.94 -9.21 -11.37
N GLU A 13 6.79 -9.87 -11.27
CA GLU A 13 5.52 -9.17 -11.18
C GLU A 13 5.07 -9.01 -9.73
N ASP A 14 5.35 -7.86 -9.14
CA ASP A 14 4.98 -7.60 -7.77
C ASP A 14 5.14 -6.11 -7.44
N LYS A 15 4.07 -5.52 -6.91
CA LYS A 15 4.09 -4.10 -6.55
C LYS A 15 2.88 -3.75 -5.68
N TYR A 16 2.83 -2.50 -5.23
CA TYR A 16 1.73 -2.03 -4.39
C TYR A 16 0.85 -1.04 -5.15
N LYS A 17 -0.28 -0.68 -4.54
CA LYS A 17 -1.21 0.26 -5.15
C LYS A 17 -1.97 1.03 -4.09
N CYS A 18 -2.20 2.32 -4.34
CA CYS A 18 -2.92 3.18 -3.41
C CYS A 18 -4.36 2.70 -3.24
N GLU A 19 -4.85 2.73 -2.01
CA GLU A 19 -6.22 2.30 -1.72
C GLU A 19 -7.20 3.44 -1.95
N LYS A 20 -6.84 4.36 -2.84
CA LYS A 20 -7.69 5.50 -3.16
C LYS A 20 -7.80 5.69 -4.68
N CYS A 21 -6.67 5.97 -5.32
CA CYS A 21 -6.64 6.17 -6.76
C CYS A 21 -6.13 4.92 -7.47
N HIS A 22 -5.85 3.88 -6.70
CA HIS A 22 -5.35 2.62 -7.25
C HIS A 22 -4.03 2.84 -7.98
N LEU A 23 -3.30 3.87 -7.58
CA LEU A 23 -2.01 4.18 -8.19
C LEU A 23 -0.97 3.13 -7.84
N VAL A 24 -0.48 2.42 -8.86
CA VAL A 24 0.52 1.39 -8.66
C VAL A 24 1.86 1.99 -8.24
N LEU A 25 2.28 1.72 -7.00
CA LEU A 25 3.53 2.22 -6.48
C LEU A 25 4.45 1.08 -6.06
N CYS A 26 5.69 1.42 -5.73
CA CYS A 26 6.68 0.43 -5.30
C CYS A 26 6.97 0.56 -3.81
N SER A 27 6.83 1.77 -3.30
CA SER A 27 7.09 2.04 -1.88
C SER A 27 5.99 2.90 -1.29
N PRO A 28 4.82 2.29 -1.03
CA PRO A 28 3.67 3.00 -0.46
C PRO A 28 3.89 3.38 1.00
N LYS A 29 2.81 3.71 1.70
CA LYS A 29 2.88 4.09 3.10
C LYS A 29 1.95 3.23 3.95
N GLN A 30 2.31 1.96 4.10
CA GLN A 30 1.50 1.03 4.88
C GLN A 30 1.11 1.65 6.22
N THR A 31 -0.16 2.06 6.34
CA THR A 31 -0.66 2.67 7.56
C THR A 31 -0.49 1.73 8.75
N GLU A 32 -1.35 1.88 9.75
CA GLU A 32 -1.29 1.05 10.94
C GLU A 32 -2.36 -0.04 10.89
N CYS A 33 -2.96 -0.24 9.72
CA CYS A 33 -4.00 -1.23 9.54
C CYS A 33 -3.56 -2.29 8.54
N GLY A 34 -2.72 -1.90 7.59
CA GLY A 34 -2.24 -2.83 6.58
C GLY A 34 -2.34 -2.26 5.18
N HIS A 35 -3.46 -1.62 4.88
CA HIS A 35 -3.68 -1.04 3.55
C HIS A 35 -2.51 -0.15 3.16
N ARG A 36 -2.59 0.45 1.97
CA ARG A 36 -1.54 1.32 1.47
C ARG A 36 -2.11 2.47 0.65
N PHE A 37 -1.39 3.58 0.59
CA PHE A 37 -1.83 4.74 -0.16
C PHE A 37 -0.65 5.43 -0.83
N CYS A 38 -0.96 6.40 -1.70
CA CYS A 38 0.08 7.14 -2.41
C CYS A 38 0.43 8.43 -1.67
N GLU A 39 1.56 9.03 -2.03
CA GLU A 39 1.99 10.27 -1.40
C GLU A 39 0.83 11.24 -1.23
N SER A 40 0.23 11.64 -2.36
CA SER A 40 -0.89 12.56 -2.33
C SER A 40 -1.94 12.13 -1.33
N CYS A 41 -2.83 11.24 -1.77
CA CYS A 41 -3.89 10.73 -0.91
C CYS A 41 -3.42 10.61 0.54
N MET A 42 -2.25 10.01 0.72
CA MET A 42 -1.68 9.83 2.06
C MET A 42 -1.63 11.17 2.80
N ALA A 43 -0.93 12.14 2.22
CA ALA A 43 -0.80 13.46 2.82
C ALA A 43 -2.16 14.10 3.03
N ALA A 44 -3.10 13.79 2.13
CA ALA A 44 -4.44 14.35 2.21
C ALA A 44 -5.18 13.83 3.45
N LEU A 45 -5.16 12.52 3.64
CA LEU A 45 -5.82 11.90 4.78
C LEU A 45 -5.20 12.37 6.09
N LEU A 46 -3.87 12.38 6.14
CA LEU A 46 -3.15 12.82 7.34
C LEU A 46 -3.59 14.21 7.75
N SER A 47 -4.03 15.01 6.78
CA SER A 47 -4.48 16.37 7.04
C SER A 47 -5.99 16.41 7.25
N SER A 48 -6.54 15.33 7.76
CA SER A 48 -7.99 15.24 8.01
C SER A 48 -8.29 15.33 9.49
N SER A 49 -7.43 16.02 10.23
CA SER A 49 -7.61 16.17 11.67
C SER A 49 -8.08 14.87 12.30
N SER A 50 -7.76 13.75 11.64
CA SER A 50 -8.16 12.44 12.14
C SER A 50 -8.11 11.40 11.03
N PRO A 51 -6.91 11.14 10.53
CA PRO A 51 -6.68 10.16 9.44
C PRO A 51 -6.92 8.73 9.91
N LYS A 52 -7.64 7.96 9.10
CA LYS A 52 -7.93 6.57 9.43
C LYS A 52 -7.43 5.64 8.33
N CYS A 53 -8.13 5.64 7.20
CA CYS A 53 -7.74 4.79 6.07
C CYS A 53 -8.94 4.56 5.15
N THR A 54 -9.08 5.40 4.14
CA THR A 54 -10.17 5.28 3.18
C THR A 54 -10.55 3.82 2.96
N ALA A 55 -9.55 2.94 3.01
CA ALA A 55 -9.79 1.52 2.82
C ALA A 55 -10.83 0.99 3.80
N CYS A 56 -10.44 0.84 5.05
CA CYS A 56 -11.34 0.35 6.08
C CYS A 56 -11.60 1.42 7.14
N GLN A 57 -10.70 2.39 7.21
CA GLN A 57 -10.83 3.48 8.18
C GLN A 57 -10.35 3.04 9.56
N GLU A 58 -9.05 3.23 9.81
CA GLU A 58 -8.46 2.86 11.09
C GLU A 58 -7.66 4.01 11.68
N SER A 59 -6.37 4.08 11.31
CA SER A 59 -5.49 5.13 11.80
C SER A 59 -4.24 5.24 10.93
N ILE A 60 -3.98 6.44 10.42
CA ILE A 60 -2.82 6.68 9.57
C ILE A 60 -1.87 7.68 10.22
N VAL A 61 -0.58 7.33 10.25
CA VAL A 61 0.43 8.20 10.83
C VAL A 61 1.79 7.97 10.19
N LYS A 62 2.31 8.99 9.52
CA LYS A 62 3.61 8.90 8.87
C LYS A 62 4.60 8.11 9.71
N ASP A 63 4.61 8.40 11.02
CA ASP A 63 5.51 7.70 11.93
C ASP A 63 5.22 6.21 11.95
N LYS A 64 3.95 5.85 11.98
CA LYS A 64 3.54 4.45 12.00
C LYS A 64 3.41 3.91 10.58
N VAL A 65 3.51 4.80 9.60
CA VAL A 65 3.40 4.40 8.20
C VAL A 65 4.72 3.82 7.69
N PHE A 66 4.62 2.74 6.91
CA PHE A 66 5.80 2.09 6.35
C PHE A 66 6.48 2.98 5.32
ZN ZN B . -3.86 7.73 -4.17
ZN ZN C . -7.39 -0.02 6.31
#